data_6XSW
#
_entry.id   6XSW
#
_cell.length_a   133.652
_cell.length_b   158.951
_cell.length_c   159.687
_cell.angle_alpha   90.000
_cell.angle_beta   90.000
_cell.angle_gamma   90.000
#
_symmetry.space_group_name_H-M   'P 21 21 21'
#
loop_
_entity.id
_entity.type
_entity.pdbx_description
1 polymer 'Anti-N3 Fab Heavy Chain'
2 polymer 'Anti-N3 Fab Light Chain'
3 polymer 'Neurogenic locus notch homolog protein 3'
4 branched 2-acetamido-2-deoxy-beta-D-glucopyranose-(1-4)-2-acetamido-2-deoxy-beta-D-glucopyranose
5 non-polymer 'CALCIUM ION'
6 non-polymer 2-acetamido-2-deoxy-beta-D-glucopyranose
7 water water
#
loop_
_entity_poly.entity_id
_entity_poly.type
_entity_poly.pdbx_seq_one_letter_code
_entity_poly.pdbx_strand_id
1 'polypeptide(L)'
;EVQLVESGGGLVQPGGSLRLSCAASGYAFTDYWMTWVRQAPGKGLEWVAEISPNSGGTNFNEKFKGRFTISVDNAKNSLY
LQMNSLRAEDTAVYYCARGEIRYNWFAYWGQGTLVTVSSASTKGPSVFPLAPSSKSTSGGTAALGCLVKDYFPEPVTVSW
NSGALTSGVHTFPAVLQSSGLYSLSSVVTVPSSSLGTQTYICNVNHKPSNTKVDKKVEPKSCDKTHTCPPC
;
A,D,G,H
2 'polypeptide(L)'
;DIQMTQSPSSLSASVGDRVTITCKASQNVGNNIAWYQQKPGKAPKLLIYYASNRYTGVPSRFSGSGYGTDFTLTISSLQP
EDFATYYCQRLYNSPFTFGGGTKVEIKRTVAAPSVFIFPPSDEQLKSGTASVVCLLNNFYPREAKVQWKVDNALQSGNSQ
ESVTEQDSKDSTYSLSSTLTLSKADYEKHKVYACEVTHQGLSSPVTKSFNRGEC
;
B,E,I,L
3 'polypeptide(L)'
;METDTLLLWVLLLWVPGSTGGSGHHHHHHGENLYFQSAPEVSEEPRCPRAACQAKRGDQRCDRECNSPGCGWDGGDCSLS
VGDPWRQCEALQCWRLFNNSRCDPACSSPACLYDNFDCHAGGRERTCNPVYEKYCADHFADGRCDQGCNTEECGWDGLDC
ASEVPALLARGVLVLTVLLPPEELLRSSADFLQRLSAILRTSLRFRLDAHGQAMVFPYHRPEVIGSVVMLEIDNRLCLQS
PENDHCFPDAQSAADYLGALSAVERLDFPYPLRDVRGEPL
;
C,F,J,X
#
# COMPACT_ATOMS: atom_id res chain seq x y z
N GLU A 1 28.21 -13.31 -8.70
CA GLU A 1 27.35 -12.34 -9.36
C GLU A 1 25.94 -12.88 -9.61
N VAL A 2 24.93 -11.97 -9.58
CA VAL A 2 23.52 -12.28 -9.81
C VAL A 2 23.33 -12.80 -11.25
N GLN A 3 22.68 -13.96 -11.40
CA GLN A 3 22.44 -14.60 -12.68
C GLN A 3 21.08 -15.28 -12.76
N LEU A 4 20.37 -15.05 -13.86
CA LEU A 4 19.04 -15.64 -14.14
C LEU A 4 19.10 -16.30 -15.52
N VAL A 5 18.92 -17.63 -15.56
CA VAL A 5 18.98 -18.39 -16.81
C VAL A 5 17.62 -19.05 -17.06
N GLU A 6 16.92 -18.67 -18.15
CA GLU A 6 15.63 -19.27 -18.42
C GLU A 6 15.69 -20.38 -19.48
N SER A 7 15.10 -21.54 -19.13
CA SER A 7 15.02 -22.78 -19.89
C SER A 7 13.58 -23.01 -20.33
N GLY A 8 13.39 -23.87 -21.32
CA GLY A 8 12.09 -24.18 -21.88
C GLY A 8 11.84 -23.35 -23.13
N GLY A 9 10.65 -23.42 -23.66
CA GLY A 9 10.33 -22.63 -24.84
C GLY A 9 10.81 -23.22 -26.12
N GLY A 10 10.09 -22.90 -27.18
CA GLY A 10 10.33 -23.38 -28.53
C GLY A 10 9.00 -23.51 -29.20
N LEU A 11 8.75 -24.64 -29.79
CA LEU A 11 7.49 -24.88 -30.47
C LEU A 11 6.46 -25.58 -29.60
N VAL A 12 5.20 -25.11 -29.70
CA VAL A 12 4.05 -25.63 -28.98
C VAL A 12 2.78 -25.51 -29.86
N GLN A 13 1.94 -26.58 -29.87
CA GLN A 13 0.71 -26.64 -30.66
C GLN A 13 -0.37 -25.70 -30.07
N PRO A 14 -1.22 -25.06 -30.93
CA PRO A 14 -2.29 -24.20 -30.39
C PRO A 14 -3.28 -24.99 -29.55
N GLY A 15 -3.57 -24.48 -28.35
CA GLY A 15 -4.42 -25.12 -27.36
C GLY A 15 -3.64 -25.93 -26.35
N GLY A 16 -2.35 -26.13 -26.64
CA GLY A 16 -1.41 -26.89 -25.83
C GLY A 16 -0.90 -26.22 -24.58
N SER A 17 0.07 -26.87 -23.91
CA SER A 17 0.69 -26.40 -22.68
C SER A 17 2.22 -26.37 -22.76
N LEU A 18 2.85 -25.45 -22.00
CA LEU A 18 4.31 -25.28 -21.95
C LEU A 18 4.76 -24.71 -20.63
N ARG A 19 5.79 -25.30 -20.04
CA ARG A 19 6.35 -24.81 -18.80
C ARG A 19 7.73 -24.22 -19.05
N LEU A 20 8.01 -23.06 -18.42
CA LEU A 20 9.28 -22.35 -18.51
C LEU A 20 9.99 -22.36 -17.18
N SER A 21 11.33 -22.39 -17.21
CA SER A 21 12.17 -22.42 -16.01
C SER A 21 13.09 -21.20 -15.96
N CYS A 22 13.37 -20.69 -14.75
CA CYS A 22 14.30 -19.58 -14.52
C CYS A 22 15.15 -19.96 -13.33
N ALA A 23 16.43 -20.28 -13.57
CA ALA A 23 17.39 -20.70 -12.56
C ALA A 23 18.20 -19.53 -12.03
N ALA A 24 17.92 -19.14 -10.78
CA ALA A 24 18.58 -18.03 -10.10
C ALA A 24 19.83 -18.47 -9.33
N SER A 25 20.86 -17.59 -9.31
CA SER A 25 22.13 -17.80 -8.60
C SER A 25 22.80 -16.45 -8.29
N GLY A 26 23.79 -16.47 -7.39
CA GLY A 26 24.54 -15.27 -7.03
C GLY A 26 23.88 -14.33 -6.03
N TYR A 27 22.80 -14.78 -5.34
CA TYR A 27 22.06 -14.01 -4.33
C TYR A 27 21.13 -14.88 -3.48
N ALA A 28 20.64 -14.31 -2.36
CA ALA A 28 19.69 -14.96 -1.45
C ALA A 28 18.30 -14.93 -2.09
N PHE A 29 17.89 -16.06 -2.68
CA PHE A 29 16.62 -16.26 -3.40
C PHE A 29 15.38 -15.86 -2.61
N THR A 30 15.35 -16.20 -1.32
CA THR A 30 14.24 -15.90 -0.44
C THR A 30 14.04 -14.38 -0.15
N ASP A 31 15.05 -13.54 -0.43
CA ASP A 31 15.04 -12.10 -0.14
C ASP A 31 14.32 -11.20 -1.16
N TYR A 32 14.17 -11.64 -2.42
CA TYR A 32 13.52 -10.81 -3.43
C TYR A 32 12.40 -11.55 -4.15
N TRP A 33 11.36 -10.81 -4.61
CA TRP A 33 10.24 -11.33 -5.41
C TRP A 33 10.74 -11.59 -6.84
N MET A 34 10.16 -12.60 -7.52
CA MET A 34 10.54 -12.98 -8.89
C MET A 34 9.40 -12.71 -9.85
N THR A 35 9.73 -12.12 -11.00
CA THR A 35 8.77 -11.69 -12.01
C THR A 35 8.97 -12.35 -13.38
N TRP A 36 7.86 -12.49 -14.14
CA TRP A 36 7.83 -12.96 -15.53
C TRP A 36 7.29 -11.82 -16.39
N VAL A 37 8.05 -11.44 -17.44
CA VAL A 37 7.72 -10.38 -18.39
C VAL A 37 7.77 -11.00 -19.79
N ARG A 38 6.78 -10.70 -20.65
CA ARG A 38 6.77 -11.21 -22.02
C ARG A 38 6.82 -10.09 -23.03
N GLN A 39 7.33 -10.38 -24.25
CA GLN A 39 7.43 -9.40 -25.33
C GLN A 39 7.16 -10.03 -26.69
N ALA A 40 5.99 -9.72 -27.28
CA ALA A 40 5.56 -10.21 -28.60
C ALA A 40 6.48 -9.66 -29.70
N PRO A 41 6.81 -10.45 -30.74
CA PRO A 41 7.71 -9.96 -31.80
C PRO A 41 7.23 -8.69 -32.45
N GLY A 42 8.03 -7.63 -32.28
CA GLY A 42 7.73 -6.30 -32.79
C GLY A 42 7.04 -5.40 -31.79
N LYS A 43 6.33 -6.00 -30.79
CA LYS A 43 5.56 -5.28 -29.77
C LYS A 43 6.39 -4.96 -28.50
N GLY A 44 5.76 -4.27 -27.54
CA GLY A 44 6.40 -3.84 -26.29
C GLY A 44 6.35 -4.85 -25.16
N LEU A 45 6.99 -4.48 -24.03
CA LEU A 45 7.07 -5.32 -22.82
C LEU A 45 5.72 -5.42 -22.11
N GLU A 46 5.42 -6.60 -21.55
CA GLU A 46 4.18 -6.86 -20.82
C GLU A 46 4.46 -7.70 -19.58
N TRP A 47 4.10 -7.18 -18.39
CA TRP A 47 4.26 -7.87 -17.11
C TRP A 47 3.23 -9.00 -16.98
N VAL A 48 3.69 -10.24 -16.78
CA VAL A 48 2.84 -11.42 -16.67
C VAL A 48 2.38 -11.66 -15.23
N ALA A 49 3.31 -12.03 -14.33
CA ALA A 49 3.04 -12.33 -12.91
C ALA A 49 4.32 -12.31 -12.08
N GLU A 50 4.16 -12.40 -10.75
CA GLU A 50 5.27 -12.46 -9.79
C GLU A 50 4.99 -13.49 -8.69
N ILE A 51 6.06 -13.99 -8.07
CA ILE A 51 5.99 -14.96 -6.99
C ILE A 51 6.98 -14.64 -5.89
N SER A 52 6.57 -14.85 -4.63
CA SER A 52 7.39 -14.64 -3.45
C SER A 52 8.04 -15.95 -3.07
N PRO A 53 9.38 -16.10 -3.24
CA PRO A 53 10.04 -17.36 -2.85
C PRO A 53 10.02 -17.64 -1.35
N ASN A 54 9.79 -16.59 -0.52
CA ASN A 54 9.78 -16.68 0.94
C ASN A 54 8.41 -17.04 1.52
N SER A 55 7.31 -16.59 0.88
CA SER A 55 5.95 -16.82 1.38
C SER A 55 5.12 -17.74 0.52
N GLY A 56 5.44 -17.80 -0.78
CA GLY A 56 4.71 -18.58 -1.76
C GLY A 56 3.60 -17.78 -2.41
N GLY A 57 3.52 -16.51 -2.02
CA GLY A 57 2.53 -15.55 -2.50
C GLY A 57 2.68 -15.21 -3.96
N THR A 58 1.55 -14.96 -4.63
CA THR A 58 1.53 -14.63 -6.06
C THR A 58 0.68 -13.40 -6.34
N ASN A 59 1.05 -12.67 -7.40
CA ASN A 59 0.34 -11.51 -7.95
C ASN A 59 0.38 -11.69 -9.46
N PHE A 60 -0.77 -11.48 -10.11
CA PHE A 60 -0.93 -11.68 -11.55
C PHE A 60 -1.51 -10.50 -12.29
N ASN A 61 -1.33 -10.51 -13.62
CA ASN A 61 -1.96 -9.59 -14.55
C ASN A 61 -3.27 -10.30 -14.87
N GLU A 62 -4.42 -9.58 -14.71
CA GLU A 62 -5.77 -10.11 -14.96
C GLU A 62 -5.88 -10.92 -16.26
N LYS A 63 -5.24 -10.41 -17.32
CA LYS A 63 -5.16 -10.99 -18.66
C LYS A 63 -4.62 -12.44 -18.65
N PHE A 64 -3.86 -12.83 -17.61
CA PHE A 64 -3.27 -14.17 -17.51
C PHE A 64 -3.75 -15.02 -16.33
N LYS A 65 -4.69 -14.48 -15.51
CA LYS A 65 -5.25 -15.21 -14.37
C LYS A 65 -6.09 -16.38 -14.88
N GLY A 66 -5.84 -17.56 -14.31
CA GLY A 66 -6.53 -18.77 -14.68
C GLY A 66 -5.76 -19.67 -15.62
N ARG A 67 -5.36 -19.16 -16.80
CA ARG A 67 -4.67 -19.99 -17.79
C ARG A 67 -3.15 -20.07 -17.60
N PHE A 68 -2.55 -19.14 -16.84
CA PHE A 68 -1.12 -19.20 -16.52
C PHE A 68 -0.92 -19.51 -15.03
N THR A 69 0.11 -20.31 -14.71
CA THR A 69 0.45 -20.71 -13.34
C THR A 69 1.92 -20.37 -13.03
N ILE A 70 2.18 -19.86 -11.83
CA ILE A 70 3.54 -19.52 -11.37
C ILE A 70 3.91 -20.40 -10.16
N SER A 71 5.13 -20.95 -10.17
CA SER A 71 5.61 -21.85 -9.10
C SER A 71 7.09 -21.67 -8.75
N VAL A 72 7.51 -22.17 -7.57
CA VAL A 72 8.90 -22.10 -7.10
C VAL A 72 9.42 -23.40 -6.50
N ASP A 73 10.75 -23.55 -6.52
CA ASP A 73 11.50 -24.61 -5.88
C ASP A 73 12.71 -23.95 -5.24
N ASN A 74 12.59 -23.66 -3.94
CA ASN A 74 13.62 -22.98 -3.16
C ASN A 74 14.96 -23.71 -3.14
N ALA A 75 14.93 -25.06 -3.06
CA ALA A 75 16.11 -25.92 -3.06
C ALA A 75 16.92 -25.78 -4.35
N LYS A 76 16.20 -25.69 -5.49
CA LYS A 76 16.78 -25.52 -6.83
C LYS A 76 16.95 -24.03 -7.21
N ASN A 77 16.57 -23.09 -6.30
CA ASN A 77 16.60 -21.63 -6.50
C ASN A 77 16.01 -21.30 -7.88
N SER A 78 14.83 -21.87 -8.16
CA SER A 78 14.16 -21.73 -9.45
C SER A 78 12.72 -21.30 -9.34
N LEU A 79 12.27 -20.63 -10.42
CA LEU A 79 10.94 -20.06 -10.63
C LEU A 79 10.40 -20.63 -11.94
N TYR A 80 9.11 -20.97 -11.96
CA TYR A 80 8.49 -21.57 -13.14
C TYR A 80 7.22 -20.85 -13.57
N LEU A 81 6.99 -20.82 -14.90
CA LEU A 81 5.79 -20.28 -15.53
C LEU A 81 5.15 -21.39 -16.39
N GLN A 82 3.96 -21.83 -15.99
CA GLN A 82 3.17 -22.84 -16.69
C GLN A 82 2.13 -22.12 -17.52
N MET A 83 2.11 -22.38 -18.83
CA MET A 83 1.18 -21.73 -19.76
C MET A 83 0.27 -22.76 -20.42
N ASN A 84 -1.05 -22.62 -20.24
CA ASN A 84 -2.04 -23.51 -20.81
C ASN A 84 -2.96 -22.78 -21.77
N SER A 85 -3.70 -23.53 -22.62
CA SER A 85 -4.65 -23.03 -23.64
C SER A 85 -3.98 -21.96 -24.51
N LEU A 86 -2.73 -22.26 -24.96
CA LEU A 86 -1.87 -21.37 -25.73
C LEU A 86 -2.41 -21.01 -27.11
N ARG A 87 -2.53 -19.70 -27.34
CA ARG A 87 -3.01 -19.09 -28.58
C ARG A 87 -1.83 -18.49 -29.33
N ALA A 88 -2.00 -18.20 -30.64
CA ALA A 88 -0.97 -17.58 -31.49
C ALA A 88 -0.44 -16.28 -30.89
N GLU A 89 -1.31 -15.55 -30.15
CA GLU A 89 -1.03 -14.29 -29.48
C GLU A 89 -0.02 -14.43 -28.33
N ASP A 90 0.19 -15.66 -27.83
CA ASP A 90 1.11 -15.93 -26.74
C ASP A 90 2.57 -16.10 -27.21
N THR A 91 2.78 -16.03 -28.55
CA THR A 91 4.10 -16.12 -29.17
C THR A 91 4.84 -14.86 -28.76
N ALA A 92 5.86 -15.03 -27.91
CA ALA A 92 6.64 -13.94 -27.35
C ALA A 92 7.95 -14.43 -26.71
N VAL A 93 8.85 -13.50 -26.40
CA VAL A 93 10.10 -13.78 -25.71
C VAL A 93 9.79 -13.59 -24.22
N TYR A 94 9.91 -14.67 -23.44
CA TYR A 94 9.61 -14.62 -22.01
C TYR A 94 10.86 -14.41 -21.20
N TYR A 95 10.89 -13.28 -20.45
CA TYR A 95 11.97 -12.86 -19.58
C TYR A 95 11.62 -13.06 -18.11
N CYS A 96 12.59 -13.52 -17.32
CA CYS A 96 12.42 -13.62 -15.87
C CYS A 96 13.31 -12.52 -15.25
N ALA A 97 12.74 -11.75 -14.32
CA ALA A 97 13.47 -10.66 -13.70
C ALA A 97 13.37 -10.66 -12.19
N ARG A 98 14.44 -10.20 -11.52
CA ARG A 98 14.47 -10.09 -10.07
C ARG A 98 13.85 -8.75 -9.69
N GLY A 99 12.92 -8.80 -8.73
CA GLY A 99 12.24 -7.63 -8.23
C GLY A 99 12.96 -6.98 -7.09
N GLU A 100 13.30 -5.69 -7.23
CA GLU A 100 14.00 -4.96 -6.18
C GLU A 100 13.06 -4.57 -5.05
N ILE A 101 13.55 -4.73 -3.81
CA ILE A 101 12.83 -4.54 -2.54
C ILE A 101 11.85 -3.34 -2.52
N ARG A 102 10.61 -3.64 -2.08
CA ARG A 102 9.46 -2.74 -1.86
C ARG A 102 8.84 -2.10 -3.11
N TYR A 103 9.64 -1.76 -4.13
CA TYR A 103 9.12 -1.04 -5.29
C TYR A 103 9.05 -1.86 -6.58
N ASN A 104 9.77 -2.99 -6.68
CA ASN A 104 9.75 -3.94 -7.79
C ASN A 104 10.30 -3.38 -9.13
N TRP A 105 11.43 -2.65 -9.09
CA TRP A 105 12.09 -2.23 -10.33
C TRP A 105 13.03 -3.39 -10.69
N PHE A 106 13.34 -3.57 -11.97
CA PHE A 106 14.15 -4.71 -12.38
C PHE A 106 15.54 -4.35 -12.88
N ALA A 107 16.55 -4.55 -12.02
CA ALA A 107 17.96 -4.30 -12.36
C ALA A 107 18.57 -5.54 -13.03
N TYR A 108 18.12 -6.74 -12.62
CA TYR A 108 18.59 -8.03 -13.13
C TYR A 108 17.51 -8.75 -13.92
N TRP A 109 17.84 -9.17 -15.15
CA TRP A 109 16.95 -9.86 -16.08
C TRP A 109 17.63 -11.11 -16.62
N GLY A 110 16.81 -12.05 -17.10
CA GLY A 110 17.29 -13.25 -17.74
C GLY A 110 17.59 -12.94 -19.20
N GLN A 111 18.11 -13.93 -19.95
CA GLN A 111 18.45 -13.70 -21.36
C GLN A 111 17.21 -13.70 -22.29
N GLY A 112 16.12 -14.30 -21.82
CA GLY A 112 14.87 -14.43 -22.56
C GLY A 112 14.78 -15.70 -23.36
N THR A 113 13.57 -16.24 -23.52
CA THR A 113 13.36 -17.46 -24.28
C THR A 113 12.13 -17.31 -25.18
N LEU A 114 12.30 -17.64 -26.47
CA LEU A 114 11.22 -17.53 -27.45
C LEU A 114 10.29 -18.75 -27.39
N VAL A 115 8.99 -18.47 -27.34
CA VAL A 115 7.90 -19.45 -27.33
C VAL A 115 7.10 -19.18 -28.60
N THR A 116 6.99 -20.18 -29.48
CA THR A 116 6.27 -20.08 -30.74
C THR A 116 5.07 -21.02 -30.73
N VAL A 117 3.85 -20.45 -30.81
CA VAL A 117 2.57 -21.17 -30.78
C VAL A 117 2.06 -21.33 -32.22
N SER A 118 2.36 -22.49 -32.84
CA SER A 118 2.01 -22.80 -34.23
C SER A 118 1.72 -24.29 -34.41
N SER A 119 0.78 -24.61 -35.34
CA SER A 119 0.39 -25.98 -35.69
C SER A 119 1.49 -26.69 -36.50
N ALA A 120 2.29 -25.89 -37.24
CA ALA A 120 3.41 -26.31 -38.09
C ALA A 120 4.46 -27.16 -37.34
N SER A 121 5.27 -27.90 -38.08
CA SER A 121 6.27 -28.80 -37.49
C SER A 121 7.70 -28.26 -37.56
N THR A 122 8.51 -28.69 -36.58
CA THR A 122 9.92 -28.34 -36.43
C THR A 122 10.74 -28.89 -37.61
N LYS A 123 11.65 -28.06 -38.15
CA LYS A 123 12.54 -28.42 -39.26
C LYS A 123 13.91 -27.78 -39.05
N GLY A 124 14.97 -28.58 -39.21
CA GLY A 124 16.34 -28.13 -39.10
C GLY A 124 16.76 -27.30 -40.31
N PRO A 125 17.73 -26.37 -40.16
CA PRO A 125 18.12 -25.56 -41.32
C PRO A 125 19.20 -26.20 -42.19
N SER A 126 19.43 -25.60 -43.37
CA SER A 126 20.45 -26.01 -44.30
C SER A 126 21.38 -24.82 -44.54
N VAL A 127 22.63 -24.93 -44.07
CA VAL A 127 23.63 -23.88 -44.20
C VAL A 127 24.38 -24.01 -45.53
N PHE A 128 24.40 -22.93 -46.32
CA PHE A 128 25.05 -22.86 -47.61
C PHE A 128 26.07 -21.71 -47.63
N PRO A 129 27.28 -21.88 -48.17
CA PRO A 129 28.23 -20.76 -48.13
C PRO A 129 28.03 -19.71 -49.23
N LEU A 130 28.21 -18.44 -48.86
CA LEU A 130 28.16 -17.29 -49.75
C LEU A 130 29.62 -16.90 -49.95
N ALA A 131 30.29 -17.59 -50.90
CA ALA A 131 31.72 -17.45 -51.21
C ALA A 131 32.14 -16.08 -51.78
N PRO A 132 33.32 -15.56 -51.34
CA PRO A 132 33.81 -14.28 -51.91
C PRO A 132 34.27 -14.45 -53.36
N SER A 133 34.10 -13.39 -54.17
CA SER A 133 34.43 -13.34 -55.59
C SER A 133 35.96 -13.29 -55.89
N SER A 134 36.31 -13.15 -57.20
CA SER A 134 37.64 -13.08 -57.85
C SER A 134 38.02 -14.44 -58.46
N GLY A 140 40.22 -2.78 -51.02
CA GLY A 140 40.65 -4.18 -51.05
C GLY A 140 40.01 -5.01 -49.95
N THR A 141 38.67 -4.94 -49.84
CA THR A 141 37.86 -5.66 -48.86
C THR A 141 36.95 -6.65 -49.58
N ALA A 142 36.88 -7.87 -49.05
CA ALA A 142 36.05 -8.94 -49.61
C ALA A 142 34.93 -9.31 -48.63
N ALA A 143 33.74 -9.60 -49.17
CA ALA A 143 32.60 -10.02 -48.35
C ALA A 143 32.30 -11.49 -48.57
N LEU A 144 32.00 -12.19 -47.48
CA LEU A 144 31.63 -13.61 -47.48
C LEU A 144 30.48 -13.83 -46.49
N GLY A 145 29.85 -15.00 -46.54
CA GLY A 145 28.72 -15.29 -45.68
C GLY A 145 28.19 -16.71 -45.69
N CYS A 146 27.04 -16.89 -45.01
CA CYS A 146 26.32 -18.14 -44.87
C CYS A 146 24.84 -17.92 -45.07
N LEU A 147 24.19 -18.82 -45.80
CA LEU A 147 22.75 -18.79 -46.04
C LEU A 147 22.08 -19.90 -45.22
N VAL A 148 21.41 -19.50 -44.15
CA VAL A 148 20.69 -20.41 -43.26
C VAL A 148 19.27 -20.50 -43.85
N LYS A 149 19.05 -21.53 -44.68
CA LYS A 149 17.79 -21.70 -45.39
C LYS A 149 16.87 -22.80 -44.85
N ASP A 150 15.55 -22.58 -45.04
CA ASP A 150 14.41 -23.45 -44.72
C ASP A 150 14.48 -24.10 -43.33
N TYR A 151 13.92 -23.40 -42.32
CA TYR A 151 13.87 -23.89 -40.94
C TYR A 151 12.61 -23.40 -40.23
N PHE A 152 12.24 -24.07 -39.13
CA PHE A 152 11.10 -23.72 -38.31
C PHE A 152 11.21 -24.38 -36.92
N PRO A 153 10.90 -23.66 -35.81
CA PRO A 153 10.48 -22.26 -35.72
C PRO A 153 11.69 -21.33 -35.63
N GLU A 154 11.50 -20.15 -35.07
CA GLU A 154 12.60 -19.23 -34.82
C GLU A 154 13.09 -19.45 -33.36
N PRO A 155 14.34 -19.14 -32.99
CA PRO A 155 15.39 -18.44 -33.74
C PRO A 155 16.63 -19.29 -34.07
N VAL A 156 17.59 -18.69 -34.79
CA VAL A 156 18.89 -19.30 -35.09
C VAL A 156 19.97 -18.35 -34.62
N THR A 157 21.02 -18.89 -33.99
CA THR A 157 22.14 -18.09 -33.51
C THR A 157 23.31 -18.28 -34.47
N VAL A 158 23.76 -17.19 -35.12
CA VAL A 158 24.90 -17.29 -36.04
C VAL A 158 26.10 -16.51 -35.50
N SER A 159 27.24 -17.21 -35.39
CA SER A 159 28.51 -16.64 -34.98
C SER A 159 29.59 -16.93 -36.03
N TRP A 160 30.72 -16.23 -35.96
CA TRP A 160 31.83 -16.43 -36.88
C TRP A 160 33.10 -16.77 -36.11
N ASN A 161 33.74 -17.89 -36.48
CA ASN A 161 34.95 -18.43 -35.85
C ASN A 161 34.80 -18.52 -34.33
N SER A 162 33.74 -19.20 -33.87
CA SER A 162 33.36 -19.40 -32.46
C SER A 162 33.28 -18.09 -31.64
N GLY A 163 32.78 -17.03 -32.29
CA GLY A 163 32.59 -15.72 -31.67
C GLY A 163 33.79 -14.81 -31.67
N ALA A 164 34.97 -15.30 -32.13
CA ALA A 164 36.20 -14.52 -32.20
C ALA A 164 36.16 -13.46 -33.30
N LEU A 165 35.33 -13.68 -34.34
CA LEU A 165 35.13 -12.73 -35.44
C LEU A 165 33.78 -12.04 -35.24
N THR A 166 33.82 -10.75 -34.87
CA THR A 166 32.63 -9.95 -34.61
C THR A 166 32.56 -8.69 -35.48
N SER A 167 33.73 -8.16 -35.86
CA SER A 167 33.87 -6.95 -36.67
C SER A 167 33.38 -7.16 -38.09
N GLY A 168 32.45 -6.32 -38.53
CA GLY A 168 31.87 -6.35 -39.87
C GLY A 168 30.81 -7.41 -40.08
N VAL A 169 30.44 -8.14 -39.01
CA VAL A 169 29.43 -9.19 -39.06
C VAL A 169 28.04 -8.55 -39.13
N HIS A 170 27.19 -9.08 -40.02
CA HIS A 170 25.82 -8.60 -40.21
C HIS A 170 24.85 -9.77 -40.37
N THR A 171 24.27 -10.23 -39.25
CA THR A 171 23.29 -11.33 -39.26
C THR A 171 21.91 -10.72 -39.45
N PHE A 172 21.37 -10.84 -40.67
CA PHE A 172 20.08 -10.28 -41.09
C PHE A 172 18.88 -10.94 -40.42
N PRO A 173 17.80 -10.18 -40.09
CA PRO A 173 16.62 -10.79 -39.48
C PRO A 173 15.95 -11.77 -40.42
N ALA A 174 15.52 -12.93 -39.89
CA ALA A 174 14.87 -13.98 -40.67
C ALA A 174 13.63 -13.48 -41.40
N VAL A 175 13.40 -14.00 -42.61
CA VAL A 175 12.23 -13.64 -43.41
C VAL A 175 11.45 -14.92 -43.69
N LEU A 176 10.15 -14.91 -43.35
CA LEU A 176 9.24 -16.04 -43.55
C LEU A 176 8.94 -16.18 -45.04
N GLN A 177 9.24 -17.36 -45.61
CA GLN A 177 9.05 -17.69 -47.02
C GLN A 177 7.62 -18.21 -47.31
N SER A 178 7.29 -18.38 -48.60
CA SER A 178 6.01 -18.91 -49.08
C SER A 178 5.75 -20.33 -48.56
N SER A 179 6.83 -21.12 -48.35
CA SER A 179 6.80 -22.49 -47.84
C SER A 179 6.45 -22.58 -46.34
N GLY A 180 6.42 -21.42 -45.67
CA GLY A 180 6.13 -21.32 -44.24
C GLY A 180 7.35 -21.57 -43.38
N LEU A 181 8.54 -21.55 -44.00
CA LEU A 181 9.84 -21.78 -43.37
C LEU A 181 10.67 -20.50 -43.39
N TYR A 182 11.42 -20.25 -42.30
CA TYR A 182 12.27 -19.08 -42.17
C TYR A 182 13.60 -19.26 -42.89
N SER A 183 14.21 -18.12 -43.29
CA SER A 183 15.47 -18.07 -44.00
C SER A 183 16.19 -16.74 -43.73
N LEU A 184 17.49 -16.82 -43.43
CA LEU A 184 18.32 -15.64 -43.19
C LEU A 184 19.75 -15.82 -43.71
N SER A 185 20.50 -14.72 -43.72
CA SER A 185 21.89 -14.68 -44.15
C SER A 185 22.74 -13.95 -43.12
N SER A 186 23.98 -14.40 -42.97
CA SER A 186 24.96 -13.80 -42.07
C SER A 186 26.20 -13.50 -42.90
N VAL A 187 26.53 -12.21 -43.07
CA VAL A 187 27.68 -11.79 -43.87
C VAL A 187 28.78 -11.15 -43.02
N VAL A 188 30.01 -11.12 -43.55
CA VAL A 188 31.17 -10.51 -42.89
C VAL A 188 32.14 -9.94 -43.94
N THR A 189 32.61 -8.70 -43.73
CA THR A 189 33.60 -8.07 -44.61
C THR A 189 34.98 -8.27 -44.01
N VAL A 190 35.87 -8.92 -44.76
CA VAL A 190 37.24 -9.25 -44.34
C VAL A 190 38.27 -8.76 -45.39
N PRO A 191 39.57 -8.53 -45.03
CA PRO A 191 40.54 -8.11 -46.05
C PRO A 191 40.78 -9.20 -47.10
N SER A 192 40.86 -8.81 -48.38
CA SER A 192 41.07 -9.71 -49.53
C SER A 192 42.33 -10.57 -49.40
N SER A 193 43.40 -10.01 -48.81
CA SER A 193 44.69 -10.65 -48.58
C SER A 193 44.65 -11.87 -47.65
N SER A 194 43.66 -11.91 -46.73
CA SER A 194 43.50 -12.99 -45.75
C SER A 194 42.77 -14.25 -46.30
N LEU A 195 42.06 -14.11 -47.44
CA LEU A 195 41.26 -15.18 -48.05
C LEU A 195 41.99 -16.50 -48.30
N GLY A 196 43.28 -16.45 -48.63
CA GLY A 196 44.07 -17.63 -48.96
C GLY A 196 44.85 -18.29 -47.84
N THR A 197 45.22 -17.54 -46.80
CA THR A 197 46.04 -18.05 -45.70
C THR A 197 45.28 -18.18 -44.36
N GLN A 198 43.98 -17.78 -44.33
CA GLN A 198 43.14 -17.82 -43.13
C GLN A 198 41.92 -18.73 -43.30
N THR A 199 41.08 -18.87 -42.22
CA THR A 199 39.90 -19.72 -42.24
C THR A 199 38.68 -19.00 -41.65
N TYR A 200 37.53 -19.13 -42.34
CA TYR A 200 36.27 -18.51 -41.95
C TYR A 200 35.18 -19.57 -41.82
N ILE A 201 34.67 -19.73 -40.58
CA ILE A 201 33.64 -20.71 -40.24
C ILE A 201 32.42 -20.01 -39.62
N CYS A 202 31.20 -20.31 -40.12
CA CYS A 202 29.98 -19.77 -39.51
C CYS A 202 29.36 -20.83 -38.62
N ASN A 203 29.17 -20.52 -37.33
CA ASN A 203 28.60 -21.47 -36.37
C ASN A 203 27.13 -21.17 -36.19
N VAL A 204 26.28 -22.00 -36.81
CA VAL A 204 24.81 -21.88 -36.79
C VAL A 204 24.21 -22.91 -35.83
N ASN A 205 23.32 -22.45 -34.93
CA ASN A 205 22.63 -23.32 -33.99
C ASN A 205 21.15 -23.01 -33.92
N HIS A 206 20.32 -24.03 -34.15
CA HIS A 206 18.86 -23.94 -34.09
C HIS A 206 18.39 -24.90 -33.00
N LYS A 207 18.40 -24.42 -31.73
CA LYS A 207 18.02 -25.16 -30.53
C LYS A 207 16.68 -25.91 -30.62
N PRO A 208 15.57 -25.36 -31.20
CA PRO A 208 14.31 -26.14 -31.27
C PRO A 208 14.41 -27.51 -31.95
N SER A 209 15.31 -27.66 -32.95
CA SER A 209 15.49 -28.92 -33.66
C SER A 209 16.81 -29.62 -33.26
N ASN A 210 17.49 -29.12 -32.20
CA ASN A 210 18.78 -29.59 -31.67
C ASN A 210 19.83 -29.74 -32.78
N THR A 211 19.90 -28.73 -33.67
CA THR A 211 20.80 -28.68 -34.82
C THR A 211 21.96 -27.71 -34.59
N LYS A 212 23.19 -28.18 -34.87
CA LYS A 212 24.43 -27.41 -34.78
C LYS A 212 25.24 -27.69 -36.04
N VAL A 213 25.33 -26.69 -36.94
CA VAL A 213 26.04 -26.82 -38.21
C VAL A 213 27.15 -25.78 -38.32
N ASP A 214 28.38 -26.22 -38.61
CA ASP A 214 29.54 -25.38 -38.84
C ASP A 214 29.91 -25.47 -40.32
N LYS A 215 30.11 -24.32 -40.98
CA LYS A 215 30.46 -24.30 -42.41
C LYS A 215 31.67 -23.43 -42.70
N LYS A 216 32.67 -24.02 -43.37
CA LYS A 216 33.90 -23.33 -43.76
C LYS A 216 33.66 -22.62 -45.10
N VAL A 217 33.59 -21.28 -45.08
CA VAL A 217 33.37 -20.49 -46.29
C VAL A 217 34.69 -20.32 -47.03
N GLU A 218 34.79 -20.97 -48.21
CA GLU A 218 35.99 -20.97 -49.04
C GLU A 218 35.75 -20.34 -50.42
N PRO A 219 36.74 -19.64 -51.02
CA PRO A 219 36.53 -19.10 -52.37
C PRO A 219 36.62 -20.24 -53.39
N LYS A 220 35.55 -20.46 -54.17
CA LYS A 220 35.45 -21.53 -55.19
C LYS A 220 36.56 -21.49 -56.27
N ASP B 1 -7.49 -0.33 -14.02
CA ASP B 1 -6.08 -0.56 -14.32
C ASP B 1 -5.39 0.72 -14.78
N ILE B 2 -4.38 1.19 -14.02
CA ILE B 2 -3.64 2.41 -14.31
C ILE B 2 -2.85 2.24 -15.61
N GLN B 3 -3.09 3.14 -16.57
CA GLN B 3 -2.49 3.14 -17.91
C GLN B 3 -1.22 3.97 -17.97
N MET B 4 -0.25 3.54 -18.81
CA MET B 4 1.05 4.19 -18.99
C MET B 4 1.21 4.59 -20.46
N THR B 5 0.96 5.87 -20.78
CA THR B 5 1.03 6.36 -22.17
C THR B 5 2.36 7.09 -22.45
N GLN B 6 3.13 6.55 -23.40
CA GLN B 6 4.40 7.14 -23.80
C GLN B 6 4.25 8.00 -25.06
N SER B 7 4.95 9.15 -25.08
CA SER B 7 4.91 10.10 -26.20
C SER B 7 6.30 10.71 -26.51
N PRO B 8 6.78 10.65 -27.78
CA PRO B 8 6.11 10.05 -28.95
C PRO B 8 6.32 8.54 -29.03
N SER B 9 5.72 7.87 -30.02
CA SER B 9 5.88 6.43 -30.20
C SER B 9 7.22 6.14 -30.90
N SER B 10 7.66 7.10 -31.74
CA SER B 10 8.90 7.05 -32.52
C SER B 10 9.53 8.45 -32.59
N LEU B 11 10.87 8.51 -32.58
CA LEU B 11 11.62 9.78 -32.63
C LEU B 11 12.90 9.62 -33.45
N SER B 12 13.28 10.68 -34.20
CA SER B 12 14.49 10.72 -35.03
C SER B 12 15.29 11.97 -34.72
N ALA B 13 16.49 11.81 -34.14
CA ALA B 13 17.36 12.89 -33.74
C ALA B 13 18.83 12.62 -34.08
N SER B 14 19.64 13.68 -34.23
CA SER B 14 21.07 13.58 -34.55
C SER B 14 21.91 13.43 -33.27
N VAL B 15 23.18 13.02 -33.43
CA VAL B 15 24.13 12.85 -32.32
C VAL B 15 24.43 14.26 -31.75
N GLY B 16 24.30 14.41 -30.44
CA GLY B 16 24.51 15.68 -29.75
C GLY B 16 23.23 16.39 -29.35
N ASP B 17 22.09 15.95 -29.93
CA ASP B 17 20.76 16.52 -29.65
C ASP B 17 20.25 16.19 -28.25
N ARG B 18 19.35 17.05 -27.74
CA ARG B 18 18.67 16.87 -26.47
C ARG B 18 17.37 16.13 -26.78
N VAL B 19 17.27 14.88 -26.29
CA VAL B 19 16.11 14.03 -26.52
C VAL B 19 15.22 14.02 -25.29
N THR B 20 13.92 14.24 -25.51
CA THR B 20 12.92 14.27 -24.45
C THR B 20 11.81 13.27 -24.75
N ILE B 21 11.62 12.30 -23.83
CA ILE B 21 10.60 11.25 -23.91
C ILE B 21 9.68 11.43 -22.71
N THR B 22 8.36 11.42 -22.91
CA THR B 22 7.42 11.52 -21.79
C THR B 22 6.63 10.24 -21.61
N CYS B 23 6.21 9.99 -20.37
CA CYS B 23 5.37 8.87 -19.94
C CYS B 23 4.32 9.43 -18.99
N LYS B 24 3.03 9.31 -19.36
CA LYS B 24 1.93 9.83 -18.56
C LYS B 24 1.08 8.70 -17.99
N ALA B 25 0.81 8.77 -16.68
CA ALA B 25 -0.02 7.77 -16.01
C ALA B 25 -1.47 8.26 -15.92
N SER B 26 -2.47 7.36 -16.06
CA SER B 26 -3.89 7.70 -15.99
C SER B 26 -4.28 8.25 -14.61
N GLN B 27 -3.68 7.68 -13.54
CA GLN B 27 -3.86 8.07 -12.14
C GLN B 27 -2.51 8.39 -11.50
N ASN B 28 -2.52 9.05 -10.33
CA ASN B 28 -1.31 9.44 -9.60
C ASN B 28 -0.54 8.22 -9.09
N VAL B 29 0.77 8.18 -9.41
CA VAL B 29 1.69 7.10 -9.00
C VAL B 29 2.86 7.63 -8.15
N GLY B 30 2.91 8.94 -7.97
CA GLY B 30 3.95 9.60 -7.19
C GLY B 30 5.34 9.45 -7.80
N ASN B 31 6.27 8.86 -7.04
CA ASN B 31 7.63 8.63 -7.53
C ASN B 31 7.83 7.20 -8.02
N ASN B 32 6.73 6.41 -8.04
CA ASN B 32 6.76 5.01 -8.45
C ASN B 32 6.81 4.85 -9.96
N ILE B 33 7.96 5.19 -10.55
CA ILE B 33 8.20 5.03 -11.98
C ILE B 33 9.68 4.68 -12.24
N ALA B 34 9.92 3.79 -13.19
CA ALA B 34 11.25 3.38 -13.60
C ALA B 34 11.35 3.50 -15.11
N TRP B 35 12.57 3.78 -15.65
CA TRP B 35 12.87 3.86 -17.08
C TRP B 35 13.85 2.75 -17.50
N TYR B 36 13.61 2.13 -18.66
CA TYR B 36 14.43 1.03 -19.22
C TYR B 36 14.86 1.33 -20.66
N GLN B 37 16.01 0.75 -21.05
CA GLN B 37 16.55 0.86 -22.39
C GLN B 37 16.69 -0.55 -22.96
N GLN B 38 16.03 -0.81 -24.09
CA GLN B 38 16.10 -2.11 -24.72
C GLN B 38 16.64 -2.03 -26.15
N LYS B 39 17.77 -2.71 -26.37
CA LYS B 39 18.44 -2.78 -27.67
C LYS B 39 17.91 -4.03 -28.43
N PRO B 40 17.91 -4.03 -29.80
CA PRO B 40 17.36 -5.19 -30.54
C PRO B 40 17.87 -6.56 -30.12
N GLY B 41 16.91 -7.47 -29.85
CA GLY B 41 17.15 -8.85 -29.47
C GLY B 41 17.85 -9.08 -28.15
N LYS B 42 17.84 -8.06 -27.26
CA LYS B 42 18.50 -8.14 -25.95
C LYS B 42 17.52 -7.79 -24.81
N ALA B 43 17.84 -8.21 -23.58
CA ALA B 43 17.04 -7.95 -22.38
C ALA B 43 17.06 -6.45 -22.03
N PRO B 44 15.97 -5.88 -21.46
CA PRO B 44 15.99 -4.44 -21.12
C PRO B 44 17.00 -4.13 -20.03
N LYS B 45 17.59 -2.94 -20.09
CA LYS B 45 18.57 -2.45 -19.13
C LYS B 45 17.95 -1.31 -18.32
N LEU B 46 18.05 -1.38 -16.98
CA LEU B 46 17.53 -0.34 -16.07
C LEU B 46 18.38 0.93 -16.16
N LEU B 47 17.70 2.08 -16.33
CA LEU B 47 18.37 3.39 -16.42
C LEU B 47 18.06 4.20 -15.16
N ILE B 48 16.78 4.57 -14.99
CA ILE B 48 16.27 5.37 -13.88
C ILE B 48 15.29 4.54 -13.08
N TYR B 49 15.38 4.61 -11.74
CA TYR B 49 14.48 3.93 -10.82
C TYR B 49 13.97 4.95 -9.82
N TYR B 50 12.69 4.83 -9.42
CA TYR B 50 12.02 5.73 -8.49
C TYR B 50 12.09 7.19 -8.97
N ALA B 51 11.55 7.42 -10.18
CA ALA B 51 11.38 8.67 -10.94
C ALA B 51 12.65 9.42 -11.34
N SER B 52 13.63 9.61 -10.44
CA SER B 52 14.81 10.44 -10.75
C SER B 52 16.18 9.81 -10.44
N ASN B 53 16.23 8.66 -9.77
CA ASN B 53 17.50 8.05 -9.40
C ASN B 53 18.13 7.24 -10.54
N ARG B 54 19.33 7.64 -10.97
CA ARG B 54 20.10 7.00 -12.03
C ARG B 54 20.86 5.77 -11.49
N TYR B 55 20.59 4.58 -12.08
CA TYR B 55 21.21 3.30 -11.72
C TYR B 55 22.70 3.30 -12.00
N THR B 56 23.49 2.56 -11.18
CA THR B 56 24.95 2.45 -11.28
C THR B 56 25.40 2.02 -12.67
N GLY B 57 26.31 2.80 -13.25
CA GLY B 57 26.87 2.54 -14.57
C GLY B 57 26.22 3.30 -15.69
N VAL B 58 25.01 3.81 -15.46
CA VAL B 58 24.27 4.57 -16.48
C VAL B 58 24.94 5.94 -16.68
N PRO B 59 25.34 6.32 -17.93
CA PRO B 59 25.99 7.62 -18.13
C PRO B 59 25.16 8.81 -17.70
N SER B 60 25.84 9.88 -17.24
CA SER B 60 25.28 11.14 -16.73
C SER B 60 24.23 11.80 -17.63
N ARG B 61 24.31 11.58 -18.96
CA ARG B 61 23.38 12.17 -19.95
C ARG B 61 21.91 11.75 -19.74
N PHE B 62 21.68 10.55 -19.17
CA PHE B 62 20.35 10.05 -18.88
C PHE B 62 19.83 10.66 -17.59
N SER B 63 18.63 11.25 -17.66
CA SER B 63 18.01 11.94 -16.53
C SER B 63 16.52 11.63 -16.47
N GLY B 64 15.98 11.53 -15.25
CA GLY B 64 14.57 11.27 -14.99
C GLY B 64 13.99 12.35 -14.13
N SER B 65 12.74 12.76 -14.41
CA SER B 65 12.03 13.80 -13.66
C SER B 65 10.53 13.54 -13.61
N GLY B 66 9.83 14.24 -12.70
CA GLY B 66 8.39 14.13 -12.54
C GLY B 66 7.90 13.54 -11.24
N TYR B 67 6.64 13.84 -10.90
CA TYR B 67 5.92 13.37 -9.72
C TYR B 67 4.42 13.43 -10.01
N GLY B 68 3.74 12.33 -9.71
CA GLY B 68 2.30 12.23 -9.91
C GLY B 68 1.92 11.44 -11.14
N THR B 69 1.75 12.11 -12.30
CA THR B 69 1.35 11.45 -13.54
C THR B 69 2.29 11.75 -14.70
N ASP B 70 2.78 13.00 -14.80
CA ASP B 70 3.64 13.42 -15.91
C ASP B 70 5.13 13.27 -15.58
N PHE B 71 5.77 12.29 -16.24
CA PHE B 71 7.20 11.96 -16.08
C PHE B 71 7.96 12.12 -17.38
N THR B 72 9.26 12.45 -17.29
CA THR B 72 10.11 12.69 -18.44
C THR B 72 11.48 12.03 -18.30
N LEU B 73 11.93 11.37 -19.39
CA LEU B 73 13.25 10.80 -19.55
C LEU B 73 13.98 11.71 -20.53
N THR B 74 15.14 12.21 -20.12
CA THR B 74 15.93 13.13 -20.91
C THR B 74 17.33 12.57 -21.18
N ILE B 75 17.77 12.68 -22.45
CA ILE B 75 19.12 12.33 -22.92
C ILE B 75 19.71 13.68 -23.39
N SER B 76 20.61 14.28 -22.57
CA SER B 76 21.22 15.60 -22.80
C SER B 76 21.89 15.72 -24.17
N SER B 77 22.76 14.75 -24.51
CA SER B 77 23.43 14.71 -25.80
C SER B 77 23.35 13.29 -26.33
N LEU B 78 22.53 13.09 -27.38
CA LEU B 78 22.31 11.77 -27.99
C LEU B 78 23.60 11.20 -28.57
N GLN B 79 23.79 9.88 -28.45
CA GLN B 79 24.98 9.18 -28.93
C GLN B 79 24.55 8.01 -29.87
N PRO B 80 25.40 7.51 -30.82
CA PRO B 80 24.94 6.43 -31.72
C PRO B 80 24.42 5.15 -31.03
N GLU B 81 24.97 4.78 -29.84
CA GLU B 81 24.55 3.58 -29.08
C GLU B 81 23.15 3.77 -28.49
N ASP B 82 22.77 5.04 -28.20
CA ASP B 82 21.48 5.42 -27.61
C ASP B 82 20.28 5.05 -28.50
N PHE B 83 20.55 4.49 -29.69
CA PHE B 83 19.53 3.95 -30.58
C PHE B 83 19.00 2.70 -29.87
N ALA B 84 17.72 2.74 -29.47
CA ALA B 84 17.01 1.67 -28.76
C ALA B 84 15.55 2.09 -28.54
N THR B 85 14.80 1.23 -27.86
CA THR B 85 13.41 1.46 -27.46
C THR B 85 13.43 1.71 -25.95
N TYR B 86 12.76 2.77 -25.51
CA TYR B 86 12.75 3.16 -24.10
C TYR B 86 11.36 2.99 -23.52
N TYR B 87 11.29 2.34 -22.34
CA TYR B 87 10.04 1.99 -21.66
C TYR B 87 9.99 2.54 -20.25
N CYS B 88 8.82 3.06 -19.84
CA CYS B 88 8.58 3.51 -18.48
C CYS B 88 7.81 2.37 -17.80
N GLN B 89 7.88 2.27 -16.48
CA GLN B 89 7.20 1.21 -15.73
C GLN B 89 6.62 1.77 -14.45
N ARG B 90 5.38 1.38 -14.14
CA ARG B 90 4.67 1.73 -12.91
C ARG B 90 5.26 0.81 -11.80
N LEU B 91 5.65 1.40 -10.67
CA LEU B 91 6.26 0.66 -9.55
C LEU B 91 5.33 0.55 -8.34
N TYR B 92 5.81 -0.13 -7.25
CA TYR B 92 5.17 -0.29 -5.94
C TYR B 92 3.92 -1.19 -5.91
N ASN B 93 2.93 -0.92 -6.79
CA ASN B 93 1.65 -1.63 -6.85
C ASN B 93 1.47 -2.49 -8.09
N SER B 94 0.88 -3.69 -7.91
CA SER B 94 0.57 -4.64 -8.97
C SER B 94 -0.71 -4.16 -9.71
N PRO B 95 -0.79 -4.20 -11.06
CA PRO B 95 0.20 -4.71 -12.02
C PRO B 95 1.29 -3.70 -12.33
N PHE B 96 2.50 -4.17 -12.57
CA PHE B 96 3.65 -3.31 -12.81
C PHE B 96 3.74 -2.94 -14.29
N THR B 97 2.65 -2.31 -14.81
CA THR B 97 2.40 -1.90 -16.19
C THR B 97 3.53 -1.09 -16.82
N PHE B 98 4.02 -1.59 -17.97
CA PHE B 98 5.05 -0.96 -18.79
C PHE B 98 4.35 -0.04 -19.79
N GLY B 99 5.06 0.98 -20.25
CA GLY B 99 4.57 1.91 -21.26
C GLY B 99 4.58 1.28 -22.64
N GLY B 100 4.03 2.01 -23.61
CA GLY B 100 3.94 1.55 -24.99
C GLY B 100 5.26 1.33 -25.68
N GLY B 101 6.25 2.15 -25.33
CA GLY B 101 7.60 2.13 -25.89
C GLY B 101 7.86 3.33 -26.77
N THR B 102 9.11 3.81 -26.77
CA THR B 102 9.54 4.95 -27.59
C THR B 102 10.83 4.61 -28.33
N LYS B 103 10.70 4.35 -29.64
CA LYS B 103 11.82 4.01 -30.52
C LYS B 103 12.61 5.29 -30.88
N VAL B 104 13.92 5.29 -30.56
CA VAL B 104 14.82 6.42 -30.84
C VAL B 104 15.73 6.00 -32.00
N GLU B 105 15.58 6.69 -33.15
CA GLU B 105 16.35 6.51 -34.38
C GLU B 105 17.32 7.69 -34.49
N ILE B 106 18.44 7.51 -35.21
CA ILE B 106 19.44 8.58 -35.30
C ILE B 106 19.66 9.07 -36.73
N LYS B 107 19.62 10.41 -36.89
CA LYS B 107 19.87 11.11 -38.14
C LYS B 107 21.39 11.19 -38.34
N ARG B 108 21.83 10.71 -39.51
CA ARG B 108 23.22 10.56 -39.93
C ARG B 108 23.39 11.21 -41.32
N THR B 109 24.66 11.41 -41.74
CA THR B 109 24.99 11.91 -43.08
C THR B 109 24.72 10.79 -44.09
N VAL B 110 24.47 11.16 -45.35
CA VAL B 110 24.18 10.19 -46.42
C VAL B 110 25.41 9.29 -46.71
N ALA B 111 25.20 7.98 -46.64
CA ALA B 111 26.21 6.95 -46.88
C ALA B 111 25.79 6.03 -48.03
N ALA B 112 26.68 5.83 -49.01
CA ALA B 112 26.44 5.01 -50.20
C ALA B 112 26.61 3.52 -49.87
N PRO B 113 25.75 2.63 -50.40
CA PRO B 113 25.91 1.20 -50.08
C PRO B 113 27.01 0.52 -50.89
N SER B 114 27.70 -0.43 -50.25
CA SER B 114 28.70 -1.26 -50.89
C SER B 114 27.94 -2.50 -51.36
N VAL B 115 27.80 -2.67 -52.67
CA VAL B 115 27.02 -3.77 -53.25
C VAL B 115 27.91 -5.01 -53.54
N PHE B 116 27.38 -6.20 -53.21
CA PHE B 116 28.03 -7.50 -53.40
C PHE B 116 26.99 -8.53 -53.86
N ILE B 117 27.34 -9.37 -54.84
CA ILE B 117 26.46 -10.43 -55.36
C ILE B 117 27.10 -11.81 -55.11
N PHE B 118 26.27 -12.77 -54.65
CA PHE B 118 26.72 -14.12 -54.35
C PHE B 118 25.98 -15.17 -55.20
N PRO B 119 26.74 -16.04 -55.90
CA PRO B 119 26.07 -17.09 -56.71
C PRO B 119 25.56 -18.25 -55.84
N PRO B 120 24.54 -19.02 -56.26
CA PRO B 120 24.09 -20.15 -55.42
C PRO B 120 25.20 -21.19 -55.27
N SER B 121 25.37 -21.73 -54.05
CA SER B 121 26.40 -22.72 -53.75
C SER B 121 26.12 -24.02 -54.52
N ASP B 122 27.20 -24.73 -54.92
CA ASP B 122 27.12 -25.99 -55.65
C ASP B 122 26.34 -27.05 -54.86
N GLU B 123 26.49 -27.06 -53.53
CA GLU B 123 25.80 -27.97 -52.61
C GLU B 123 24.29 -27.70 -52.58
N GLN B 124 23.87 -26.41 -52.73
CA GLN B 124 22.46 -26.01 -52.76
C GLN B 124 21.77 -26.47 -54.02
N LEU B 125 22.49 -26.45 -55.15
CA LEU B 125 21.96 -26.86 -56.45
C LEU B 125 21.52 -28.31 -56.43
N LYS B 126 22.25 -29.16 -55.65
CA LYS B 126 21.96 -30.59 -55.45
C LYS B 126 20.58 -30.80 -54.81
N SER B 127 20.17 -29.86 -53.93
CA SER B 127 18.88 -29.88 -53.23
C SER B 127 17.69 -29.61 -54.17
N GLY B 128 17.95 -28.93 -55.29
CA GLY B 128 16.94 -28.60 -56.29
C GLY B 128 16.64 -27.12 -56.43
N THR B 129 16.90 -26.34 -55.37
CA THR B 129 16.65 -24.90 -55.35
C THR B 129 17.94 -24.09 -55.53
N ALA B 130 17.80 -22.87 -56.10
CA ALA B 130 18.91 -21.95 -56.33
C ALA B 130 18.60 -20.54 -55.81
N SER B 131 19.36 -20.11 -54.79
CA SER B 131 19.21 -18.81 -54.16
C SER B 131 20.37 -17.89 -54.50
N VAL B 132 20.06 -16.76 -55.14
CA VAL B 132 21.03 -15.74 -55.51
C VAL B 132 20.85 -14.59 -54.52
N VAL B 133 21.92 -14.22 -53.80
CA VAL B 133 21.88 -13.19 -52.77
C VAL B 133 22.64 -11.93 -53.18
N CYS B 134 22.00 -10.75 -53.01
CA CYS B 134 22.58 -9.44 -53.25
C CYS B 134 22.61 -8.69 -51.92
N LEU B 135 23.82 -8.29 -51.49
CA LEU B 135 24.08 -7.58 -50.24
C LEU B 135 24.40 -6.10 -50.47
N LEU B 136 23.80 -5.22 -49.66
CA LEU B 136 23.98 -3.76 -49.63
C LEU B 136 24.54 -3.47 -48.24
N ASN B 137 25.82 -3.09 -48.16
CA ASN B 137 26.50 -2.91 -46.88
C ASN B 137 26.70 -1.45 -46.46
N ASN B 138 26.44 -1.17 -45.16
CA ASN B 138 26.59 0.09 -44.43
C ASN B 138 26.19 1.36 -45.22
N PHE B 139 24.88 1.67 -45.23
CA PHE B 139 24.32 2.83 -45.93
C PHE B 139 23.32 3.63 -45.12
N TYR B 140 23.04 4.86 -45.55
CA TYR B 140 22.08 5.78 -44.92
C TYR B 140 21.51 6.76 -45.96
N PRO B 141 20.18 6.99 -46.05
CA PRO B 141 19.07 6.45 -45.23
C PRO B 141 18.70 4.99 -45.56
N ARG B 142 17.69 4.43 -44.85
CA ARG B 142 17.19 3.06 -45.02
C ARG B 142 16.65 2.82 -46.45
N GLU B 143 15.89 3.79 -46.98
CA GLU B 143 15.24 3.76 -48.29
C GLU B 143 16.20 3.48 -49.45
N ALA B 144 16.06 2.28 -50.04
CA ALA B 144 16.87 1.79 -51.16
C ALA B 144 16.05 0.87 -52.06
N LYS B 145 16.31 0.92 -53.37
CA LYS B 145 15.61 0.09 -54.36
C LYS B 145 16.54 -1.00 -54.91
N VAL B 146 16.06 -2.25 -54.91
CA VAL B 146 16.82 -3.41 -55.40
C VAL B 146 16.06 -4.09 -56.54
N GLN B 147 16.70 -4.17 -57.72
CA GLN B 147 16.12 -4.77 -58.91
C GLN B 147 16.94 -5.97 -59.35
N TRP B 148 16.27 -7.11 -59.57
CA TRP B 148 16.90 -8.34 -60.04
C TRP B 148 16.71 -8.49 -61.54
N LYS B 149 17.76 -8.93 -62.27
CA LYS B 149 17.70 -9.13 -63.72
C LYS B 149 17.96 -10.58 -64.15
N ASN B 152 19.68 -9.98 -68.56
CA ASN B 152 18.94 -8.72 -68.56
C ASN B 152 17.43 -8.94 -68.79
N ALA B 153 16.71 -9.31 -67.71
CA ALA B 153 15.27 -9.56 -67.68
C ALA B 153 14.79 -9.34 -66.23
N LEU B 154 14.20 -8.15 -65.96
CA LEU B 154 13.75 -7.71 -64.63
C LEU B 154 12.76 -8.67 -63.96
N GLN B 155 13.28 -9.43 -62.97
CA GLN B 155 12.54 -10.43 -62.20
C GLN B 155 11.73 -9.79 -61.07
N SER B 156 10.44 -10.16 -60.99
CA SER B 156 9.50 -9.63 -60.00
C SER B 156 8.66 -10.77 -59.39
N GLY B 157 8.44 -10.69 -58.08
CA GLY B 157 7.65 -11.66 -57.32
C GLY B 157 8.38 -12.90 -56.85
N ASN B 158 9.72 -12.95 -57.04
CA ASN B 158 10.56 -14.09 -56.66
C ASN B 158 11.74 -13.68 -55.76
N SER B 159 11.61 -12.54 -55.07
CA SER B 159 12.64 -12.01 -54.18
C SER B 159 12.08 -11.52 -52.84
N GLN B 160 12.89 -11.67 -51.76
CA GLN B 160 12.56 -11.24 -50.39
C GLN B 160 13.69 -10.40 -49.82
N GLU B 161 13.33 -9.27 -49.18
CA GLU B 161 14.30 -8.34 -48.58
C GLU B 161 14.42 -8.45 -47.07
N SER B 162 15.59 -8.08 -46.52
CA SER B 162 15.86 -8.09 -45.09
C SER B 162 16.82 -6.96 -44.72
N VAL B 163 16.43 -6.11 -43.76
CA VAL B 163 17.21 -4.96 -43.30
C VAL B 163 17.61 -5.14 -41.84
N THR B 164 18.87 -4.78 -41.53
CA THR B 164 19.39 -4.82 -40.15
C THR B 164 18.95 -3.55 -39.42
N GLU B 165 18.88 -3.62 -38.09
CA GLU B 165 18.55 -2.48 -37.25
C GLU B 165 19.81 -1.59 -37.18
N GLN B 166 19.62 -0.26 -37.12
CA GLN B 166 20.67 0.79 -37.09
C GLN B 166 21.92 0.40 -36.32
N ASP B 167 23.12 0.61 -36.90
CA ASP B 167 24.37 0.25 -36.25
C ASP B 167 24.66 1.06 -34.99
N SER B 168 25.15 0.38 -33.95
CA SER B 168 25.49 0.98 -32.66
C SER B 168 26.62 2.03 -32.71
N LYS B 169 27.50 1.98 -33.75
CA LYS B 169 28.61 2.93 -33.83
C LYS B 169 28.52 3.91 -35.01
N ASP B 170 28.19 3.45 -36.23
CA ASP B 170 28.13 4.35 -37.38
C ASP B 170 26.69 4.74 -37.82
N SER B 171 25.66 4.21 -37.13
CA SER B 171 24.23 4.47 -37.37
C SER B 171 23.74 4.13 -38.81
N THR B 172 24.40 3.17 -39.49
CA THR B 172 24.03 2.77 -40.86
C THR B 172 23.13 1.53 -40.88
N TYR B 173 22.54 1.25 -42.05
CA TYR B 173 21.71 0.08 -42.28
C TYR B 173 22.43 -0.85 -43.24
N SER B 174 21.94 -2.07 -43.36
CA SER B 174 22.46 -3.09 -44.28
C SER B 174 21.29 -3.92 -44.81
N LEU B 175 21.26 -4.15 -46.13
CA LEU B 175 20.16 -4.86 -46.79
C LEU B 175 20.64 -6.15 -47.46
N SER B 176 19.76 -7.16 -47.48
CA SER B 176 19.99 -8.46 -48.11
C SER B 176 18.75 -8.81 -48.95
N SER B 177 18.96 -9.06 -50.26
CA SER B 177 17.90 -9.43 -51.19
C SER B 177 18.17 -10.83 -51.72
N THR B 178 17.21 -11.75 -51.54
CA THR B 178 17.38 -13.14 -51.97
C THR B 178 16.38 -13.53 -53.06
N LEU B 179 16.91 -13.78 -54.27
CA LEU B 179 16.18 -14.21 -55.46
C LEU B 179 16.10 -15.74 -55.42
N THR B 180 14.89 -16.31 -55.35
CA THR B 180 14.70 -17.76 -55.27
C THR B 180 14.22 -18.33 -56.61
N LEU B 181 14.97 -19.33 -57.12
CA LEU B 181 14.72 -20.03 -58.38
C LEU B 181 14.85 -21.55 -58.19
N SER B 182 14.59 -22.32 -59.27
CA SER B 182 14.73 -23.79 -59.30
C SER B 182 15.99 -24.12 -60.11
N LYS B 183 16.56 -25.34 -59.90
CA LYS B 183 17.77 -25.81 -60.61
C LYS B 183 17.57 -25.76 -62.14
N ALA B 184 16.34 -26.06 -62.60
CA ALA B 184 15.95 -26.04 -64.01
C ALA B 184 16.01 -24.60 -64.55
N ASP B 185 15.25 -23.66 -63.93
CA ASP B 185 15.20 -22.25 -64.32
C ASP B 185 16.53 -21.52 -64.20
N TYR B 186 17.35 -21.89 -63.20
CA TYR B 186 18.67 -21.29 -62.99
C TYR B 186 19.65 -21.67 -64.10
N GLU B 187 19.76 -22.98 -64.40
CA GLU B 187 20.67 -23.47 -65.44
C GLU B 187 20.20 -23.13 -66.87
N LYS B 188 18.97 -22.58 -66.98
CA LYS B 188 18.37 -22.14 -68.24
C LYS B 188 18.90 -20.76 -68.68
N HIS B 189 19.54 -19.99 -67.76
CA HIS B 189 20.04 -18.63 -68.03
C HIS B 189 21.49 -18.39 -67.54
N LYS B 190 22.19 -17.40 -68.15
CA LYS B 190 23.60 -17.10 -67.88
C LYS B 190 23.89 -15.87 -66.99
N VAL B 191 23.41 -14.67 -67.37
CA VAL B 191 23.68 -13.41 -66.64
C VAL B 191 22.71 -13.20 -65.46
N TYR B 192 23.28 -12.92 -64.28
CA TYR B 192 22.55 -12.64 -63.05
C TYR B 192 23.07 -11.33 -62.48
N ALA B 193 22.19 -10.33 -62.35
CA ALA B 193 22.56 -9.00 -61.89
C ALA B 193 21.56 -8.40 -60.90
N CYS B 194 22.10 -7.58 -59.96
CA CYS B 194 21.29 -6.86 -58.98
C CYS B 194 21.59 -5.35 -59.05
N GLU B 195 20.62 -4.58 -59.58
CA GLU B 195 20.69 -3.13 -59.77
C GLU B 195 20.20 -2.43 -58.50
N VAL B 196 21.08 -1.61 -57.89
CA VAL B 196 20.80 -0.90 -56.63
C VAL B 196 20.65 0.61 -56.83
N THR B 197 19.50 1.16 -56.38
CA THR B 197 19.18 2.58 -56.44
C THR B 197 19.14 3.15 -55.01
N HIS B 198 19.99 4.14 -54.73
CA HIS B 198 20.09 4.80 -53.42
C HIS B 198 20.51 6.27 -53.57
N GLN B 199 20.08 7.12 -52.60
CA GLN B 199 20.35 8.56 -52.53
C GLN B 199 21.85 8.91 -52.56
N GLY B 200 22.68 8.04 -51.97
CA GLY B 200 24.13 8.19 -51.91
C GLY B 200 24.87 7.79 -53.17
N LEU B 201 24.14 7.34 -54.20
CA LEU B 201 24.71 6.94 -55.50
C LEU B 201 24.23 7.90 -56.60
N SER B 202 25.18 8.39 -57.42
CA SER B 202 24.91 9.31 -58.53
C SER B 202 24.10 8.61 -59.64
N SER B 203 24.47 7.34 -59.94
CA SER B 203 23.84 6.47 -60.93
C SER B 203 23.73 5.05 -60.35
N PRO B 204 22.64 4.28 -60.67
CA PRO B 204 22.50 2.94 -60.07
C PRO B 204 23.66 1.97 -60.29
N VAL B 205 24.14 1.36 -59.18
CA VAL B 205 25.25 0.40 -59.17
C VAL B 205 24.70 -1.01 -59.43
N THR B 206 25.32 -1.71 -60.39
CA THR B 206 24.94 -3.08 -60.77
C THR B 206 26.10 -4.04 -60.56
N LYS B 207 25.87 -5.09 -59.76
CA LYS B 207 26.85 -6.15 -59.50
C LYS B 207 26.33 -7.43 -60.14
N SER B 208 27.11 -7.99 -61.07
CA SER B 208 26.71 -9.16 -61.86
C SER B 208 27.73 -10.29 -61.87
N PHE B 209 27.26 -11.49 -62.26
CA PHE B 209 28.05 -12.70 -62.45
C PHE B 209 27.44 -13.51 -63.60
N ASN B 210 28.27 -14.37 -64.22
CA ASN B 210 27.85 -15.27 -65.30
C ASN B 210 27.94 -16.71 -64.82
N ARG B 211 26.80 -17.44 -64.88
CA ARG B 211 26.65 -18.83 -64.44
C ARG B 211 27.79 -19.72 -64.96
N GLY B 212 28.40 -20.47 -64.03
CA GLY B 212 29.52 -21.35 -64.31
C GLY B 212 30.85 -20.67 -64.05
N GLU B 213 31.08 -19.53 -64.74
CA GLU B 213 32.29 -18.70 -64.69
C GLU B 213 32.59 -18.20 -63.27
N ARG C 49 -11.53 -9.20 3.83
CA ARG C 49 -10.85 -10.08 2.88
C ARG C 49 -10.02 -11.16 3.59
N ALA C 50 -10.16 -12.41 3.13
CA ALA C 50 -9.45 -13.57 3.67
C ALA C 50 -8.07 -13.71 3.02
N ALA C 51 -7.96 -13.33 1.72
CA ALA C 51 -6.73 -13.38 0.93
C ALA C 51 -5.68 -12.41 1.49
N CYS C 52 -6.15 -11.31 2.13
CA CYS C 52 -5.35 -10.26 2.75
C CYS C 52 -4.47 -10.77 3.92
N GLN C 53 -4.91 -11.83 4.59
CA GLN C 53 -4.21 -12.46 5.73
C GLN C 53 -2.86 -13.05 5.33
N ALA C 54 -2.80 -13.72 4.17
CA ALA C 54 -1.57 -14.30 3.64
C ALA C 54 -0.67 -13.20 3.06
N LYS C 55 -1.30 -12.12 2.51
CA LYS C 55 -0.62 -10.97 1.91
C LYS C 55 -0.01 -10.01 2.93
N ARG C 56 -0.36 -10.17 4.22
CA ARG C 56 0.13 -9.35 5.33
C ARG C 56 1.63 -9.55 5.55
N GLY C 57 2.38 -8.45 5.46
CA GLY C 57 3.82 -8.41 5.66
C GLY C 57 4.66 -9.23 4.70
N ASP C 58 4.21 -9.36 3.42
CA ASP C 58 4.92 -10.14 2.39
C ASP C 58 5.94 -9.29 1.60
N GLN C 59 6.18 -8.05 2.07
CA GLN C 59 7.10 -7.04 1.53
C GLN C 59 6.66 -6.53 0.14
N ARG C 60 5.34 -6.64 -0.15
CA ARG C 60 4.69 -6.16 -1.36
C ARG C 60 3.43 -5.42 -0.94
N CYS C 61 3.29 -4.16 -1.36
CA CYS C 61 2.12 -3.35 -1.02
C CYS C 61 0.90 -3.73 -1.88
N ASP C 62 -0.09 -4.33 -1.23
CA ASP C 62 -1.35 -4.74 -1.83
C ASP C 62 -2.39 -3.67 -1.48
N ARG C 63 -2.83 -2.87 -2.49
CA ARG C 63 -3.83 -1.80 -2.32
C ARG C 63 -5.13 -2.32 -1.71
N GLU C 64 -5.48 -3.58 -2.03
CA GLU C 64 -6.62 -4.35 -1.52
C GLU C 64 -6.59 -4.42 0.02
N CYS C 65 -5.38 -4.48 0.60
CA CYS C 65 -5.14 -4.58 2.04
C CYS C 65 -4.60 -3.28 2.68
N ASN C 66 -4.51 -2.17 1.89
CA ASN C 66 -4.02 -0.87 2.37
C ASN C 66 -5.15 -0.10 3.09
N SER C 67 -5.52 -0.58 4.30
CA SER C 67 -6.57 -0.04 5.14
C SER C 67 -6.20 -0.17 6.62
N PRO C 68 -6.76 0.66 7.54
CA PRO C 68 -6.44 0.51 8.97
C PRO C 68 -6.85 -0.84 9.57
N GLY C 69 -7.95 -1.40 9.07
CA GLY C 69 -8.50 -2.68 9.51
C GLY C 69 -7.60 -3.85 9.17
N CYS C 70 -6.91 -3.77 8.00
CA CYS C 70 -5.98 -4.82 7.54
C CYS C 70 -4.55 -4.56 8.01
N GLY C 71 -4.39 -3.59 8.91
CA GLY C 71 -3.10 -3.20 9.49
C GLY C 71 -2.12 -2.62 8.50
N TRP C 72 -2.65 -1.87 7.50
CA TRP C 72 -1.88 -1.22 6.42
C TRP C 72 -0.98 -2.23 5.73
N ASP C 73 -1.57 -3.41 5.38
CA ASP C 73 -0.94 -4.57 4.75
C ASP C 73 0.21 -5.14 5.62
N GLY C 74 0.06 -5.00 6.94
CA GLY C 74 1.05 -5.44 7.90
C GLY C 74 2.32 -4.61 7.81
N GLY C 75 2.16 -3.33 7.50
CA GLY C 75 3.24 -2.37 7.37
C GLY C 75 3.87 -2.30 6.00
N ASP C 76 3.40 -3.14 5.05
CA ASP C 76 3.91 -3.18 3.66
C ASP C 76 3.67 -1.90 2.89
N CYS C 77 2.59 -1.18 3.22
CA CYS C 77 2.22 0.06 2.56
C CYS C 77 2.57 1.32 3.37
N SER C 78 3.04 1.15 4.61
CA SER C 78 3.36 2.24 5.52
C SER C 78 4.80 2.23 6.02
N LEU C 79 5.77 1.76 5.20
CA LEU C 79 7.20 1.71 5.54
C LEU C 79 7.49 1.02 6.90
N SER C 80 6.86 -0.16 7.12
CA SER C 80 6.97 -1.03 8.31
C SER C 80 6.31 -0.45 9.59
N VAL C 81 5.63 0.71 9.49
CA VAL C 81 4.95 1.31 10.63
C VAL C 81 3.61 0.59 10.78
N GLY C 82 3.46 -0.16 11.88
CA GLY C 82 2.25 -0.92 12.19
C GLY C 82 0.99 -0.08 12.14
N ASP C 83 0.95 0.97 12.98
CA ASP C 83 -0.17 1.90 13.01
C ASP C 83 0.34 3.35 13.21
N PRO C 84 0.38 4.19 12.14
CA PRO C 84 0.83 5.58 12.31
C PRO C 84 -0.12 6.40 13.22
N TRP C 85 -1.43 6.07 13.17
CA TRP C 85 -2.50 6.70 13.96
C TRP C 85 -2.77 5.86 15.23
N ARG C 86 -1.69 5.39 15.89
CA ARG C 86 -1.69 4.57 17.10
C ARG C 86 -2.45 5.19 18.28
N GLN C 87 -2.36 6.52 18.43
CA GLN C 87 -2.94 7.28 19.53
C GLN C 87 -3.94 8.34 19.08
N CYS C 88 -4.32 8.35 17.79
CA CYS C 88 -5.29 9.30 17.27
C CYS C 88 -6.69 9.02 17.81
N GLU C 89 -7.43 10.09 18.16
CA GLU C 89 -8.79 10.01 18.69
C GLU C 89 -9.78 9.58 17.60
N ALA C 90 -10.40 10.55 16.88
CA ALA C 90 -11.37 10.28 15.82
C ALA C 90 -10.80 9.46 14.68
N LEU C 91 -11.54 8.43 14.22
CA LEU C 91 -11.12 7.60 13.09
C LEU C 91 -11.55 8.32 11.81
N GLN C 92 -11.18 7.77 10.64
CA GLN C 92 -11.45 8.36 9.31
C GLN C 92 -10.64 9.64 9.09
N CYS C 93 -9.63 9.86 9.96
CA CYS C 93 -8.72 10.99 9.89
C CYS C 93 -7.73 10.73 8.76
N TRP C 94 -7.38 9.43 8.57
CA TRP C 94 -6.52 8.93 7.50
C TRP C 94 -7.18 9.17 6.16
N ARG C 95 -8.53 9.17 6.13
CA ARG C 95 -9.32 9.43 4.94
C ARG C 95 -9.29 10.91 4.57
N LEU C 96 -9.12 11.79 5.57
CA LEU C 96 -9.07 13.26 5.38
C LEU C 96 -7.63 13.83 5.42
N PHE C 97 -6.65 12.95 5.66
CA PHE C 97 -5.23 13.28 5.72
C PHE C 97 -4.72 13.62 4.31
N ASN C 98 -5.28 12.95 3.27
CA ASN C 98 -4.89 13.12 1.87
C ASN C 98 -5.42 14.41 1.21
N ASN C 99 -6.34 15.15 1.85
CA ASN C 99 -6.84 16.39 1.25
C ASN C 99 -5.97 17.62 1.63
N SER C 100 -6.42 18.84 1.27
CA SER C 100 -5.73 20.10 1.55
C SER C 100 -6.49 20.96 2.56
N ARG C 101 -7.80 20.70 2.74
CA ARG C 101 -8.64 21.47 3.67
C ARG C 101 -8.30 21.17 5.13
N CYS C 102 -8.49 22.18 5.99
CA CYS C 102 -8.26 22.04 7.42
C CYS C 102 -9.44 21.31 8.06
N ASP C 103 -9.15 20.14 8.65
CA ASP C 103 -10.12 19.31 9.37
C ASP C 103 -9.70 19.40 10.84
N PRO C 104 -10.32 20.34 11.61
CA PRO C 104 -9.89 20.55 13.01
C PRO C 104 -9.97 19.33 13.93
N ALA C 105 -10.86 18.37 13.63
CA ALA C 105 -11.01 17.14 14.41
C ALA C 105 -9.75 16.25 14.39
N CYS C 106 -8.92 16.35 13.33
CA CYS C 106 -7.70 15.55 13.16
C CYS C 106 -6.39 16.37 13.29
N SER C 107 -6.46 17.59 13.86
CA SER C 107 -5.32 18.51 13.98
C SER C 107 -4.33 18.22 15.13
N SER C 108 -4.69 17.31 16.03
CA SER C 108 -3.87 16.94 17.19
C SER C 108 -2.53 16.27 16.81
N PRO C 109 -1.45 16.30 17.65
CA PRO C 109 -0.21 15.57 17.29
C PRO C 109 -0.44 14.06 17.17
N ALA C 110 -1.38 13.52 17.99
CA ALA C 110 -1.78 12.11 17.99
C ALA C 110 -2.43 11.73 16.66
N CYS C 111 -3.08 12.71 16.00
CA CYS C 111 -3.75 12.56 14.70
C CYS C 111 -2.91 13.17 13.55
N LEU C 112 -1.58 13.16 13.74
CA LEU C 112 -0.53 13.58 12.81
C LEU C 112 -0.77 14.95 12.11
N TYR C 113 -1.24 15.93 12.90
CA TYR C 113 -1.48 17.34 12.52
C TYR C 113 -2.32 17.55 11.24
N ASP C 114 -3.10 16.51 10.85
CA ASP C 114 -3.91 16.46 9.63
C ASP C 114 -3.07 16.89 8.42
N ASN C 115 -1.85 16.29 8.30
CA ASN C 115 -0.86 16.55 7.24
C ASN C 115 -0.53 18.06 7.12
N PHE C 116 -0.54 18.75 8.28
CA PHE C 116 -0.28 20.19 8.45
C PHE C 116 -1.22 21.08 7.60
N ASP C 117 -2.48 20.65 7.38
CA ASP C 117 -3.49 21.39 6.60
C ASP C 117 -4.10 22.57 7.36
N CYS C 118 -3.96 22.57 8.69
CA CYS C 118 -4.47 23.61 9.59
C CYS C 118 -3.38 24.61 9.99
N HIS C 119 -2.12 24.12 10.14
CA HIS C 119 -0.93 24.93 10.45
C HIS C 119 -0.69 25.90 9.27
N ALA C 120 -0.91 25.42 8.02
CA ALA C 120 -0.79 26.19 6.78
C ALA C 120 -1.69 25.58 5.71
N GLU C 124 3.03 28.71 1.96
CA GLU C 124 3.24 28.51 3.40
C GLU C 124 3.19 27.03 3.80
N ARG C 125 2.61 26.16 2.94
CA ARG C 125 2.46 24.73 3.16
C ARG C 125 3.60 23.95 2.52
N THR C 126 4.08 24.42 1.36
CA THR C 126 5.16 23.75 0.62
C THR C 126 6.25 24.74 0.20
N CYS C 127 7.51 24.25 0.13
CA CYS C 127 8.65 25.03 -0.35
C CYS C 127 8.43 25.24 -1.86
N ASN C 128 8.45 26.50 -2.30
CA ASN C 128 8.23 26.92 -3.68
C ASN C 128 9.12 26.09 -4.64
N PRO C 129 8.52 25.37 -5.62
CA PRO C 129 9.32 24.53 -6.54
C PRO C 129 10.40 25.29 -7.30
N VAL C 130 10.17 26.59 -7.54
CA VAL C 130 11.07 27.51 -8.22
C VAL C 130 12.37 27.67 -7.40
N TYR C 131 12.22 27.74 -6.05
CA TYR C 131 13.36 27.92 -5.13
C TYR C 131 13.93 26.62 -4.54
N GLU C 132 13.27 25.47 -4.81
CA GLU C 132 13.65 24.16 -4.30
C GLU C 132 15.13 23.80 -4.51
N LYS C 133 15.60 23.78 -5.76
CA LYS C 133 16.98 23.42 -6.10
C LYS C 133 18.02 24.33 -5.42
N TYR C 134 17.74 25.64 -5.29
CA TYR C 134 18.62 26.60 -4.61
C TYR C 134 18.73 26.23 -3.12
N CYS C 135 17.57 26.04 -2.43
CA CYS C 135 17.50 25.68 -1.02
C CYS C 135 18.22 24.36 -0.72
N ALA C 136 18.11 23.39 -1.65
CA ALA C 136 18.76 22.08 -1.54
C ALA C 136 20.29 22.20 -1.62
N ASP C 137 20.78 23.06 -2.54
CA ASP C 137 22.20 23.30 -2.76
C ASP C 137 22.85 24.19 -1.69
N HIS C 138 22.08 25.13 -1.10
CA HIS C 138 22.59 26.07 -0.10
C HIS C 138 22.23 25.70 1.35
N PHE C 139 21.73 24.45 1.57
CA PHE C 139 21.36 23.93 2.89
C PHE C 139 22.63 23.58 3.67
N ALA C 140 22.74 24.11 4.91
CA ALA C 140 23.87 23.89 5.84
C ALA C 140 25.26 24.09 5.18
N ASP C 141 25.42 25.22 4.46
CA ASP C 141 26.65 25.58 3.76
C ASP C 141 27.51 26.59 4.56
N GLY C 142 27.04 26.97 5.74
CA GLY C 142 27.74 27.90 6.61
C GLY C 142 27.29 29.35 6.44
N ARG C 143 26.75 29.68 5.25
CA ARG C 143 26.26 31.01 4.91
C ARG C 143 24.72 31.09 5.01
N CYS C 144 24.21 32.18 5.63
CA CYS C 144 22.79 32.39 5.85
C CYS C 144 22.03 32.86 4.59
N ASP C 145 21.07 32.02 4.15
CA ASP C 145 20.19 32.27 3.02
C ASP C 145 18.77 32.40 3.60
N GLN C 146 18.34 33.64 3.86
CA GLN C 146 17.06 34.00 4.49
C GLN C 146 15.78 33.50 3.78
N GLY C 147 15.81 33.44 2.44
CA GLY C 147 14.68 32.99 1.64
C GLY C 147 14.31 31.53 1.82
N CYS C 148 15.25 30.69 2.34
CA CYS C 148 15.08 29.26 2.64
C CYS C 148 14.90 29.07 4.15
N ASN C 149 15.07 30.15 4.93
CA ASN C 149 14.96 30.11 6.38
C ASN C 149 13.49 30.08 6.84
N THR C 150 12.78 28.99 6.47
CA THR C 150 11.38 28.74 6.79
C THR C 150 11.20 27.26 7.06
N GLU C 151 10.17 26.85 7.81
CA GLU C 151 9.92 25.43 8.12
C GLU C 151 9.59 24.61 6.86
N GLU C 152 9.06 25.27 5.80
CA GLU C 152 8.75 24.64 4.52
C GLU C 152 10.01 24.24 3.76
N CYS C 153 11.12 25.00 3.91
CA CYS C 153 12.38 24.79 3.20
C CYS C 153 13.54 24.34 4.11
N GLY C 154 13.20 23.74 5.24
CA GLY C 154 14.13 23.18 6.21
C GLY C 154 15.05 24.14 6.94
N TRP C 155 14.60 25.40 7.17
CA TRP C 155 15.30 26.46 7.91
C TRP C 155 16.77 26.72 7.44
N ASP C 156 17.08 26.41 6.16
CA ASP C 156 18.40 26.58 5.52
C ASP C 156 19.56 25.88 6.29
N GLY C 157 19.29 24.69 6.84
CA GLY C 157 20.26 23.91 7.59
C GLY C 157 20.78 24.58 8.86
N LEU C 158 19.94 25.47 9.46
CA LEU C 158 20.22 26.25 10.68
C LEU C 158 21.41 27.24 10.51
N ASP C 159 21.71 27.64 9.25
CA ASP C 159 22.78 28.59 8.91
C ASP C 159 22.52 29.97 9.49
N CYS C 160 21.23 30.34 9.59
CA CYS C 160 20.78 31.63 10.14
C CYS C 160 20.53 31.55 11.64
N ALA C 161 20.57 30.33 12.22
CA ALA C 161 20.31 30.08 13.64
C ALA C 161 21.54 29.55 14.42
N SER C 162 22.75 29.86 13.92
CA SER C 162 24.05 29.42 14.46
C SER C 162 24.24 29.65 15.96
N VAL C 164 21.92 29.92 18.24
CA VAL C 164 20.85 29.28 19.00
C VAL C 164 21.30 27.86 19.40
N PRO C 165 21.25 27.47 20.71
CA PRO C 165 21.69 26.11 21.07
C PRO C 165 20.72 25.02 20.59
N ALA C 166 21.27 23.82 20.32
CA ALA C 166 20.50 22.66 19.84
C ALA C 166 19.47 22.17 20.87
N LEU C 167 18.25 21.87 20.39
CA LEU C 167 17.14 21.36 21.20
C LEU C 167 16.66 20.08 20.54
N LEU C 168 17.45 19.01 20.70
CA LEU C 168 17.19 17.71 20.10
C LEU C 168 15.98 16.97 20.64
N ALA C 169 15.20 16.37 19.73
CA ALA C 169 14.03 15.55 20.06
C ALA C 169 14.51 14.21 20.57
N ARG C 170 13.66 13.52 21.36
CA ARG C 170 13.98 12.22 21.94
C ARG C 170 14.26 11.17 20.87
N GLY C 171 15.37 10.48 21.02
CA GLY C 171 15.74 9.37 20.14
C GLY C 171 16.49 9.70 18.86
N VAL C 172 16.58 8.69 17.99
CA VAL C 172 17.29 8.72 16.70
C VAL C 172 16.37 8.19 15.59
N LEU C 173 16.13 9.00 14.53
CA LEU C 173 15.33 8.62 13.37
C LEU C 173 16.17 7.72 12.46
N VAL C 174 15.71 6.50 12.20
CA VAL C 174 16.46 5.54 11.37
C VAL C 174 15.74 5.28 10.04
N LEU C 175 16.42 5.59 8.91
CA LEU C 175 15.91 5.39 7.57
C LEU C 175 16.72 4.35 6.81
N THR C 176 16.05 3.34 6.22
CA THR C 176 16.70 2.33 5.38
C THR C 176 16.45 2.77 3.96
N VAL C 177 17.42 3.50 3.38
CA VAL C 177 17.34 4.05 2.02
C VAL C 177 17.94 3.06 1.03
N LEU C 178 17.22 2.77 -0.06
CA LEU C 178 17.65 1.85 -1.12
C LEU C 178 18.62 2.53 -2.11
N LEU C 179 19.74 3.01 -1.56
CA LEU C 179 20.83 3.71 -2.26
C LEU C 179 22.15 3.33 -1.59
N PRO C 180 23.26 3.14 -2.33
CA PRO C 180 24.54 2.81 -1.67
C PRO C 180 25.05 4.01 -0.84
N PRO C 181 25.76 3.78 0.29
CA PRO C 181 26.23 4.92 1.11
C PRO C 181 27.00 6.01 0.35
N GLU C 182 27.83 5.62 -0.64
CA GLU C 182 28.60 6.55 -1.48
C GLU C 182 27.70 7.49 -2.30
N GLU C 183 26.63 6.92 -2.90
CA GLU C 183 25.65 7.67 -3.69
C GLU C 183 24.85 8.64 -2.81
N LEU C 184 24.47 8.18 -1.62
CA LEU C 184 23.67 8.93 -0.65
C LEU C 184 24.42 10.15 -0.08
N LEU C 185 25.65 9.93 0.42
CA LEU C 185 26.49 10.98 1.01
C LEU C 185 26.86 12.09 0.03
N ARG C 186 26.87 11.77 -1.28
CA ARG C 186 27.15 12.74 -2.34
C ARG C 186 25.97 13.70 -2.47
N SER C 187 24.75 13.19 -2.21
CA SER C 187 23.49 13.95 -2.29
C SER C 187 22.95 14.29 -0.89
N SER C 188 23.83 14.27 0.14
CA SER C 188 23.49 14.54 1.54
C SER C 188 22.70 15.84 1.78
N ALA C 189 23.13 16.97 1.18
CA ALA C 189 22.45 18.26 1.35
C ALA C 189 20.99 18.22 0.87
N ASP C 190 20.75 17.62 -0.33
CA ASP C 190 19.44 17.43 -0.96
C ASP C 190 18.57 16.48 -0.13
N PHE C 191 19.17 15.36 0.33
CA PHE C 191 18.50 14.36 1.17
C PHE C 191 17.98 14.99 2.45
N LEU C 192 18.87 15.69 3.20
CA LEU C 192 18.53 16.34 4.46
C LEU C 192 17.48 17.43 4.28
N GLN C 193 17.71 18.37 3.33
CA GLN C 193 16.82 19.51 3.02
C GLN C 193 15.40 19.09 2.75
N ARG C 194 15.19 18.08 1.89
CA ARG C 194 13.87 17.56 1.51
C ARG C 194 13.16 16.87 2.66
N LEU C 195 13.93 16.21 3.55
CA LEU C 195 13.40 15.53 4.72
C LEU C 195 13.05 16.56 5.81
N SER C 196 13.91 17.58 5.94
CA SER C 196 13.76 18.71 6.88
C SER C 196 12.58 19.60 6.46
N ALA C 197 12.16 19.49 5.18
CA ALA C 197 11.05 20.20 4.58
C ALA C 197 9.73 19.46 4.86
N ILE C 198 9.71 18.14 4.57
CA ILE C 198 8.53 17.30 4.75
C ILE C 198 8.15 17.15 6.24
N LEU C 199 9.15 17.06 7.13
CA LEU C 199 8.94 16.95 8.57
C LEU C 199 8.79 18.30 9.31
N ARG C 200 9.01 19.42 8.58
CA ARG C 200 8.90 20.82 9.04
C ARG C 200 9.79 21.16 10.26
N THR C 201 10.88 20.40 10.43
CA THR C 201 11.86 20.56 11.50
C THR C 201 13.27 20.26 10.97
N SER C 202 14.31 20.72 11.66
CA SER C 202 15.68 20.53 11.22
C SER C 202 16.19 19.12 11.45
N LEU C 203 16.82 18.54 10.41
CA LEU C 203 17.38 17.20 10.44
C LEU C 203 18.81 17.14 9.96
N ARG C 204 19.64 16.41 10.72
CA ARG C 204 21.07 16.21 10.46
C ARG C 204 21.44 14.77 10.82
N PHE C 205 22.52 14.24 10.21
CA PHE C 205 22.98 12.89 10.51
C PHE C 205 23.61 12.84 11.89
N ARG C 206 23.40 11.73 12.63
CA ARG C 206 24.00 11.50 13.94
C ARG C 206 25.49 11.23 13.68
N LEU C 207 26.39 11.66 14.58
CA LEU C 207 27.83 11.51 14.37
C LEU C 207 28.51 10.44 15.22
N ASP C 208 29.57 9.83 14.65
CA ASP C 208 30.44 8.81 15.24
C ASP C 208 31.27 9.38 16.40
N ALA C 209 32.09 8.52 17.03
CA ALA C 209 33.02 8.91 18.09
C ALA C 209 34.12 9.78 17.45
N HIS C 210 34.49 9.45 16.20
CA HIS C 210 35.49 10.17 15.41
C HIS C 210 34.92 11.44 14.75
N GLY C 211 33.59 11.53 14.70
CA GLY C 211 32.87 12.68 14.16
C GLY C 211 32.36 12.57 12.73
N GLN C 212 32.16 11.33 12.25
CA GLN C 212 31.66 11.08 10.89
C GLN C 212 30.19 10.66 10.88
N ALA C 213 29.46 10.96 9.79
CA ALA C 213 28.04 10.66 9.61
C ALA C 213 27.71 9.17 9.77
N MET C 214 26.65 8.86 10.54
CA MET C 214 26.20 7.49 10.81
C MET C 214 25.37 6.92 9.65
N VAL C 215 26.05 6.70 8.51
CA VAL C 215 25.50 6.15 7.27
C VAL C 215 26.28 4.86 7.01
N PHE C 216 25.63 3.70 7.18
CA PHE C 216 26.26 2.39 7.02
C PHE C 216 25.57 1.53 5.95
N PRO C 217 26.27 0.59 5.26
CA PRO C 217 25.58 -0.25 4.26
C PRO C 217 24.57 -1.20 4.90
N TYR C 218 23.44 -1.44 4.22
CA TYR C 218 22.38 -2.32 4.72
C TYR C 218 22.52 -3.70 4.08
N HIS C 219 22.51 -4.77 4.92
CA HIS C 219 22.63 -6.19 4.54
C HIS C 219 23.91 -6.45 3.74
N ARG C 220 25.01 -6.79 4.46
CA ARG C 220 26.34 -7.04 3.91
C ARG C 220 26.43 -8.15 2.83
N PRO C 221 25.77 -9.35 2.92
CA PRO C 221 25.93 -10.36 1.85
C PRO C 221 25.71 -9.81 0.44
N GLU C 222 24.54 -9.19 0.18
CA GLU C 222 24.23 -8.52 -1.09
C GLU C 222 24.51 -7.04 -0.84
N VAL C 223 23.46 -6.20 -0.70
CA VAL C 223 23.46 -4.74 -0.39
C VAL C 223 22.02 -4.27 -0.13
N GLY C 225 21.16 -0.73 -0.54
CA GLY C 225 20.76 -0.52 0.84
C GLY C 225 21.69 0.36 1.66
N SER C 226 21.10 1.25 2.49
CA SER C 226 21.80 2.18 3.39
C SER C 226 21.01 2.44 4.66
N VAL C 227 21.68 2.37 5.82
CA VAL C 227 21.08 2.65 7.11
C VAL C 227 21.53 4.07 7.50
N VAL C 228 20.56 5.00 7.55
CA VAL C 228 20.78 6.42 7.84
C VAL C 228 20.21 6.73 9.23
N MET C 229 21.08 7.20 10.14
CA MET C 229 20.68 7.56 11.51
C MET C 229 20.68 9.09 11.66
N LEU C 230 19.50 9.66 11.83
CA LEU C 230 19.29 11.10 11.90
C LEU C 230 18.85 11.58 13.26
N GLU C 231 19.14 12.86 13.53
CA GLU C 231 18.75 13.57 14.74
C GLU C 231 17.83 14.71 14.35
N ILE C 232 16.78 14.95 15.16
CA ILE C 232 15.80 16.01 14.94
C ILE C 232 16.10 17.20 15.87
N ASP C 233 16.32 18.39 15.30
CA ASP C 233 16.61 19.62 16.05
C ASP C 233 15.42 20.57 15.98
N ASN C 234 14.80 20.82 17.15
CA ASN C 234 13.61 21.68 17.27
C ASN C 234 13.93 23.06 17.86
N ARG C 235 15.16 23.56 17.66
CA ARG C 235 15.55 24.87 18.18
C ARG C 235 14.74 26.02 17.55
N LEU C 236 14.34 25.89 16.27
CA LEU C 236 13.55 26.90 15.57
C LEU C 236 12.05 26.55 15.54
N CYS C 237 11.68 25.43 16.19
CA CYS C 237 10.31 24.91 16.27
C CYS C 237 9.37 25.79 17.09
N LEU C 238 9.73 26.06 18.35
CA LEU C 238 8.94 26.85 19.31
C LEU C 238 8.85 28.33 18.97
N HIS C 245 2.29 21.94 14.38
CA HIS C 245 3.22 22.09 15.50
C HIS C 245 4.53 21.29 15.28
N CYS C 246 5.11 20.61 16.31
CA CYS C 246 6.43 19.94 16.17
C CYS C 246 6.55 18.53 16.79
N PHE C 247 7.59 17.76 16.34
CA PHE C 247 7.85 16.36 16.74
C PHE C 247 8.68 16.22 18.04
N PRO C 248 8.08 15.65 19.11
CA PRO C 248 8.83 15.49 20.38
C PRO C 248 9.85 14.36 20.41
N ASP C 249 9.65 13.31 19.60
CA ASP C 249 10.55 12.18 19.50
C ASP C 249 10.74 11.72 18.05
N ALA C 250 11.60 10.70 17.83
CA ALA C 250 11.90 10.13 16.52
C ALA C 250 10.72 9.30 15.99
N GLN C 251 10.07 8.52 16.88
CA GLN C 251 8.96 7.62 16.54
C GLN C 251 7.71 8.34 16.02
N SER C 252 7.44 9.57 16.50
CA SER C 252 6.31 10.38 16.00
C SER C 252 6.54 10.79 14.53
N ALA C 253 7.79 11.20 14.22
CA ALA C 253 8.25 11.58 12.87
C ALA C 253 8.20 10.37 11.97
N ALA C 254 8.55 9.19 12.51
CA ALA C 254 8.52 7.92 11.81
C ALA C 254 7.09 7.58 11.39
N ASP C 255 6.13 7.74 12.33
CA ASP C 255 4.69 7.53 12.10
C ASP C 255 4.18 8.48 11.02
N TYR C 256 4.63 9.77 11.02
CA TYR C 256 4.22 10.74 10.00
C TYR C 256 4.71 10.32 8.62
N LEU C 257 5.97 9.85 8.51
CA LEU C 257 6.51 9.40 7.23
C LEU C 257 5.78 8.16 6.76
N GLY C 258 5.49 7.24 7.69
CA GLY C 258 4.72 6.03 7.45
C GLY C 258 3.29 6.31 7.00
N ALA C 259 2.69 7.38 7.55
CA ALA C 259 1.34 7.82 7.21
C ALA C 259 1.27 8.43 5.81
N LEU C 260 2.35 9.13 5.40
CA LEU C 260 2.45 9.74 4.07
C LEU C 260 2.50 8.63 3.00
N SER C 261 3.19 7.52 3.32
CA SER C 261 3.33 6.36 2.46
C SER C 261 1.94 5.75 2.20
N ALA C 262 1.24 5.36 3.28
CA ALA C 262 -0.08 4.76 3.29
C ALA C 262 -1.16 5.49 2.47
N VAL C 263 -1.27 6.82 2.60
CA VAL C 263 -2.29 7.59 1.90
C VAL C 263 -1.82 8.08 0.52
N GLU C 264 -0.64 7.59 0.04
CA GLU C 264 -0.02 7.93 -1.24
C GLU C 264 0.26 9.44 -1.34
N ARG C 265 0.96 10.00 -0.34
CA ARG C 265 1.30 11.43 -0.26
C ARG C 265 2.79 11.71 0.06
N LEU C 266 3.63 10.66 0.12
CA LEU C 266 5.07 10.85 0.37
C LEU C 266 5.79 11.29 -0.91
N ASP C 267 6.28 12.53 -0.92
CA ASP C 267 7.02 13.10 -2.05
C ASP C 267 8.51 13.23 -1.69
N PHE C 268 9.20 12.10 -1.53
CA PHE C 268 10.63 12.05 -1.23
C PHE C 268 11.34 11.33 -2.38
N PRO C 269 12.24 11.99 -3.14
CA PRO C 269 12.85 11.32 -4.30
C PRO C 269 13.78 10.15 -4.00
N TYR C 270 14.00 9.83 -2.71
CA TYR C 270 14.88 8.75 -2.29
C TYR C 270 14.08 7.50 -1.87
N PRO C 271 14.26 6.35 -2.57
CA PRO C 271 13.47 5.15 -2.23
C PRO C 271 13.77 4.60 -0.83
N LEU C 272 12.73 4.57 0.02
CA LEU C 272 12.87 4.10 1.40
C LEU C 272 12.31 2.69 1.53
N ARG C 273 12.98 1.85 2.33
CA ARG C 273 12.55 0.48 2.64
C ARG C 273 11.64 0.55 3.87
N ASP C 274 12.13 1.20 4.95
CA ASP C 274 11.41 1.37 6.21
C ASP C 274 11.92 2.59 6.97
N VAL C 275 11.15 3.00 7.99
CA VAL C 275 11.40 4.14 8.87
C VAL C 275 11.18 3.69 10.34
N ARG C 276 12.16 3.97 11.22
CA ARG C 276 12.16 3.59 12.63
C ARG C 276 12.29 4.78 13.60
N GLY C 277 12.32 4.44 14.88
CA GLY C 277 12.51 5.34 16.01
C GLY C 277 13.14 4.57 17.15
N GLU C 278 14.47 4.63 17.26
CA GLU C 278 15.19 3.91 18.31
C GLU C 278 15.94 4.86 19.29
N PRO C 279 16.08 4.49 20.59
CA PRO C 279 16.76 5.38 21.54
C PRO C 279 18.28 5.13 21.59
N GLU D 1 -4.72 9.15 26.52
CA GLU D 1 -5.56 9.41 27.68
C GLU D 1 -6.10 10.84 27.71
N VAL D 2 -7.34 11.01 28.24
CA VAL D 2 -8.02 12.31 28.37
C VAL D 2 -7.24 13.20 29.32
N GLN D 3 -6.93 14.43 28.89
CA GLN D 3 -6.16 15.40 29.66
C GLN D 3 -6.65 16.83 29.45
N LEU D 4 -6.81 17.57 30.56
CA LEU D 4 -7.24 18.97 30.58
C LEU D 4 -6.22 19.75 31.39
N VAL D 5 -5.52 20.72 30.75
CA VAL D 5 -4.49 21.53 31.40
C VAL D 5 -4.90 23.00 31.38
N GLU D 6 -5.04 23.62 32.57
CA GLU D 6 -5.39 25.03 32.68
C GLU D 6 -4.16 25.91 32.66
N SER D 7 -4.28 27.06 32.00
CA SER D 7 -3.27 28.10 31.92
C SER D 7 -3.92 29.44 32.28
N GLY D 8 -3.10 30.39 32.70
CA GLY D 8 -3.55 31.71 33.12
C GLY D 8 -3.69 31.80 34.63
N GLY D 9 -4.23 32.92 35.10
CA GLY D 9 -4.45 33.15 36.52
C GLY D 9 -3.35 33.90 37.22
N GLY D 10 -3.19 33.63 38.51
CA GLY D 10 -2.20 34.26 39.36
C GLY D 10 -2.77 35.41 40.16
N LEU D 11 -2.49 36.64 39.71
CA LEU D 11 -2.94 37.88 40.35
C LEU D 11 -3.47 38.91 39.35
N VAL D 12 -4.53 39.64 39.73
CA VAL D 12 -5.24 40.63 38.90
C VAL D 12 -5.81 41.78 39.77
N GLN D 13 -5.72 43.01 39.27
CA GLN D 13 -6.18 44.22 39.95
C GLN D 13 -7.71 44.31 39.99
N PRO D 14 -8.31 44.86 41.09
CA PRO D 14 -9.78 44.99 41.14
C PRO D 14 -10.31 45.90 40.04
N GLY D 15 -11.32 45.40 39.32
CA GLY D 15 -11.94 46.08 38.19
C GLY D 15 -11.34 45.65 36.87
N GLY D 16 -10.21 44.93 36.95
CA GLY D 16 -9.45 44.43 35.81
C GLY D 16 -10.06 43.24 35.08
N SER D 17 -9.29 42.70 34.12
CA SER D 17 -9.67 41.57 33.28
C SER D 17 -8.62 40.46 33.29
N LEU D 18 -9.06 39.20 33.07
CA LEU D 18 -8.19 38.03 33.02
C LEU D 18 -8.80 36.92 32.16
N ARG D 19 -7.97 36.32 31.28
CA ARG D 19 -8.38 35.22 30.41
C ARG D 19 -7.73 33.92 30.87
N LEU D 20 -8.57 32.87 30.98
CA LEU D 20 -8.23 31.53 31.41
C LEU D 20 -8.21 30.59 30.22
N SER D 21 -7.21 29.69 30.15
CA SER D 21 -7.10 28.72 29.06
C SER D 21 -7.21 27.29 29.60
N CYS D 22 -7.82 26.39 28.81
CA CYS D 22 -7.94 24.97 29.15
C CYS D 22 -7.62 24.20 27.87
N ALA D 23 -6.46 23.52 27.85
CA ALA D 23 -5.99 22.76 26.70
C ALA D 23 -6.36 21.29 26.82
N ALA D 24 -7.31 20.87 25.96
CA ALA D 24 -7.82 19.50 25.91
C ALA D 24 -7.04 18.60 24.95
N SER D 25 -6.87 17.32 25.32
CA SER D 25 -6.16 16.30 24.55
C SER D 25 -6.65 14.89 24.93
N GLY D 26 -6.38 13.91 24.07
CA GLY D 26 -6.73 12.51 24.28
C GLY D 26 -8.15 12.10 23.95
N TYR D 27 -8.92 12.98 23.28
CA TYR D 27 -10.32 12.74 22.90
C TYR D 27 -10.79 13.67 21.79
N ALA D 28 -11.94 13.34 21.17
CA ALA D 28 -12.58 14.13 20.12
C ALA D 28 -13.26 15.35 20.76
N PHE D 29 -12.58 16.51 20.68
CA PHE D 29 -12.99 17.79 21.29
C PHE D 29 -14.42 18.22 20.94
N THR D 30 -14.82 18.04 19.67
CA THR D 30 -16.14 18.40 19.12
C THR D 30 -17.31 17.53 19.64
N ASP D 31 -17.00 16.38 20.26
CA ASP D 31 -18.01 15.42 20.75
C ASP D 31 -18.61 15.72 22.14
N TYR D 32 -17.92 16.51 22.99
CA TYR D 32 -18.37 16.78 24.35
C TYR D 32 -18.40 18.27 24.69
N TRP D 33 -19.38 18.68 25.52
CA TRP D 33 -19.53 20.05 26.04
C TRP D 33 -18.42 20.29 27.06
N MET D 34 -17.90 21.54 27.14
CA MET D 34 -16.84 21.93 28.06
C MET D 34 -17.35 22.91 29.11
N THR D 35 -17.03 22.64 30.39
CA THR D 35 -17.51 23.39 31.55
C THR D 35 -16.40 24.08 32.35
N TRP D 36 -16.74 25.21 33.01
CA TRP D 36 -15.89 25.94 33.94
C TRP D 36 -16.57 25.93 35.30
N VAL D 37 -15.84 25.48 36.34
CA VAL D 37 -16.29 25.38 37.73
C VAL D 37 -15.28 26.16 38.58
N ARG D 38 -15.76 26.99 39.53
CA ARG D 38 -14.88 27.74 40.42
C ARG D 38 -15.07 27.34 41.88
N GLN D 39 -14.04 27.54 42.71
CA GLN D 39 -14.10 27.21 44.13
C GLN D 39 -13.31 28.21 44.98
N ALA D 40 -14.03 29.08 45.71
CA ALA D 40 -13.47 30.10 46.60
C ALA D 40 -12.70 29.45 47.76
N PRO D 41 -11.56 30.02 48.19
CA PRO D 41 -10.77 29.39 49.28
C PRO D 41 -11.57 29.18 50.55
N GLY D 42 -11.73 27.90 50.90
CA GLY D 42 -12.49 27.45 52.05
C GLY D 42 -13.94 27.13 51.75
N LYS D 43 -14.48 27.68 50.63
CA LYS D 43 -15.88 27.50 50.22
C LYS D 43 -16.08 26.30 49.27
N GLY D 44 -17.33 26.05 48.87
CA GLY D 44 -17.70 24.94 47.99
C GLY D 44 -17.62 25.22 46.50
N LEU D 45 -17.90 24.18 45.69
CA LEU D 45 -17.88 24.24 44.23
C LEU D 45 -19.03 25.07 43.68
N GLU D 46 -18.76 25.80 42.57
CA GLU D 46 -19.75 26.64 41.90
C GLU D 46 -19.59 26.54 40.37
N TRP D 47 -20.65 26.10 39.69
CA TRP D 47 -20.66 25.97 38.23
C TRP D 47 -20.76 27.37 37.59
N VAL D 48 -19.79 27.71 36.72
CA VAL D 48 -19.72 29.02 36.07
C VAL D 48 -20.52 29.03 34.76
N ALA D 49 -20.04 28.29 33.74
CA ALA D 49 -20.66 28.21 32.41
C ALA D 49 -20.15 27.00 31.62
N GLU D 50 -20.79 26.76 30.46
CA GLU D 50 -20.42 25.71 29.53
C GLU D 50 -20.47 26.19 28.07
N ILE D 51 -19.72 25.52 27.19
CA ILE D 51 -19.67 25.83 25.77
C ILE D 51 -19.66 24.55 24.93
N SER D 52 -20.35 24.59 23.79
CA SER D 52 -20.41 23.49 22.83
C SER D 52 -19.34 23.72 21.78
N PRO D 53 -18.27 22.89 21.73
CA PRO D 53 -17.22 23.08 20.72
C PRO D 53 -17.68 22.82 19.29
N ASN D 54 -18.79 22.08 19.13
CA ASN D 54 -19.35 21.72 17.83
C ASN D 54 -20.34 22.75 17.26
N SER D 55 -21.12 23.40 18.13
CA SER D 55 -22.14 24.37 17.70
C SER D 55 -21.81 25.83 18.03
N GLY D 56 -21.02 26.03 19.08
CA GLY D 56 -20.65 27.35 19.57
C GLY D 56 -21.64 27.85 20.60
N GLY D 57 -22.59 26.99 20.96
CA GLY D 57 -23.64 27.28 21.93
C GLY D 57 -23.10 27.41 23.35
N THR D 58 -23.73 28.29 24.14
CA THR D 58 -23.32 28.54 25.52
C THR D 58 -24.51 28.49 26.48
N ASN D 59 -24.22 28.12 27.73
CA ASN D 59 -25.14 28.10 28.86
C ASN D 59 -24.37 28.68 30.04
N PHE D 60 -24.99 29.58 30.80
CA PHE D 60 -24.35 30.29 31.91
C PHE D 60 -25.13 30.22 33.21
N ASN D 61 -24.42 30.51 34.32
CA ASN D 61 -25.00 30.67 35.66
C ASN D 61 -25.34 32.16 35.70
N GLU D 62 -26.61 32.46 36.03
CA GLU D 62 -27.22 33.79 36.15
C GLU D 62 -26.28 34.87 36.75
N LYS D 63 -25.40 34.47 37.68
CA LYS D 63 -24.43 35.32 38.39
C LYS D 63 -23.19 35.73 37.56
N PHE D 64 -22.97 35.14 36.37
CA PHE D 64 -21.81 35.45 35.54
C PHE D 64 -22.15 35.95 34.12
N LYS D 65 -23.45 35.90 33.73
CA LYS D 65 -23.93 36.38 32.42
C LYS D 65 -23.66 37.89 32.33
N GLY D 66 -22.99 38.28 31.25
CA GLY D 66 -22.58 39.66 31.02
C GLY D 66 -21.16 39.93 31.49
N ARG D 67 -20.86 39.58 32.77
CA ARG D 67 -19.55 39.79 33.42
C ARG D 67 -18.44 38.86 32.94
N PHE D 68 -18.79 37.62 32.54
CA PHE D 68 -17.86 36.58 32.07
C PHE D 68 -18.19 36.14 30.64
N THR D 69 -17.16 35.77 29.86
CA THR D 69 -17.30 35.34 28.47
C THR D 69 -16.63 33.97 28.29
N ILE D 70 -17.27 33.07 27.54
CA ILE D 70 -16.73 31.73 27.26
C ILE D 70 -16.46 31.60 25.75
N SER D 71 -15.29 31.05 25.38
CA SER D 71 -14.90 30.90 23.97
C SER D 71 -14.13 29.61 23.68
N VAL D 72 -14.03 29.24 22.39
CA VAL D 72 -13.32 28.04 21.94
C VAL D 72 -12.46 28.25 20.71
N ASP D 73 -11.45 27.38 20.54
CA ASP D 73 -10.58 27.29 19.37
C ASP D 73 -10.43 25.79 19.11
N ASN D 74 -11.29 25.26 18.22
CA ASN D 74 -11.37 23.84 17.85
C ASN D 74 -10.12 23.30 17.14
N ALA D 75 -9.34 24.20 16.51
CA ALA D 75 -8.08 23.87 15.84
C ALA D 75 -6.99 23.54 16.87
N LYS D 76 -6.88 24.32 17.97
CA LYS D 76 -5.88 24.04 19.01
C LYS D 76 -6.50 23.32 20.24
N ASN D 77 -7.76 22.80 20.08
CA ASN D 77 -8.50 22.00 21.08
C ASN D 77 -8.51 22.65 22.46
N SER D 78 -8.88 23.95 22.49
CA SER D 78 -8.89 24.75 23.70
C SER D 78 -10.20 25.48 23.95
N LEU D 79 -10.44 25.74 25.25
CA LEU D 79 -11.60 26.41 25.84
C LEU D 79 -11.08 27.59 26.67
N TYR D 80 -11.76 28.74 26.60
CA TYR D 80 -11.35 29.93 27.32
C TYR D 80 -12.46 30.56 28.15
N LEU D 81 -12.07 31.15 29.28
CA LEU D 81 -12.96 31.91 30.15
C LEU D 81 -12.36 33.32 30.32
N GLN D 82 -13.09 34.33 29.82
CA GLN D 82 -12.72 35.73 29.91
C GLN D 82 -13.48 36.32 31.09
N MET D 83 -12.76 36.89 32.05
CA MET D 83 -13.39 37.48 33.24
C MET D 83 -13.10 38.97 33.32
N ASN D 84 -14.16 39.79 33.31
CA ASN D 84 -14.06 41.25 33.38
C ASN D 84 -14.73 41.78 34.65
N SER D 85 -14.42 43.05 35.01
CA SER D 85 -14.91 43.77 36.20
C SER D 85 -14.74 42.91 37.46
N LEU D 86 -13.53 42.34 37.61
CA LEU D 86 -13.15 41.43 38.69
C LEU D 86 -13.12 42.06 40.08
N ARG D 87 -13.81 41.41 41.03
CA ARG D 87 -13.89 41.82 42.43
C ARG D 87 -13.25 40.75 43.32
N ALA D 88 -12.96 41.10 44.58
CA ALA D 88 -12.33 40.23 45.59
C ALA D 88 -13.04 38.86 45.73
N GLU D 89 -14.37 38.85 45.53
CA GLU D 89 -15.21 37.64 45.59
C GLU D 89 -14.92 36.63 44.47
N ASP D 90 -14.26 37.08 43.39
CA ASP D 90 -13.90 36.23 42.25
C ASP D 90 -12.59 35.43 42.47
N THR D 91 -11.90 35.68 43.61
CA THR D 91 -10.67 34.98 44.02
C THR D 91 -11.09 33.54 44.32
N ALA D 92 -10.70 32.60 43.44
CA ALA D 92 -11.06 31.17 43.50
C ALA D 92 -10.14 30.31 42.63
N VAL D 93 -10.23 28.98 42.80
CA VAL D 93 -9.50 28.01 41.97
C VAL D 93 -10.46 27.66 40.83
N TYR D 94 -10.07 27.97 39.60
CA TYR D 94 -10.91 27.72 38.44
C TYR D 94 -10.54 26.41 37.76
N TYR D 95 -11.51 25.47 37.73
CA TYR D 95 -11.40 24.14 37.14
C TYR D 95 -12.14 24.07 35.81
N CYS D 96 -11.54 23.38 34.83
CA CYS D 96 -12.22 23.11 33.56
C CYS D 96 -12.53 21.62 33.54
N ALA D 97 -13.78 21.27 33.20
CA ALA D 97 -14.21 19.87 33.20
C ALA D 97 -14.91 19.47 31.91
N ARG D 98 -14.75 18.19 31.53
CA ARG D 98 -15.41 17.62 30.36
C ARG D 98 -16.78 17.09 30.78
N GLY D 99 -17.82 17.67 30.19
CA GLY D 99 -19.20 17.29 30.44
C GLY D 99 -19.60 16.08 29.62
N GLU D 100 -20.00 15.01 30.32
CA GLU D 100 -20.39 13.74 29.71
C GLU D 100 -21.73 13.84 28.99
N ILE D 101 -21.81 13.19 27.80
CA ILE D 101 -22.93 13.15 26.85
C ILE D 101 -24.31 13.24 27.51
N ARG D 102 -25.11 14.23 27.05
CA ARG D 102 -26.49 14.53 27.40
C ARG D 102 -26.74 14.97 28.85
N TYR D 103 -26.16 14.30 29.86
CA TYR D 103 -26.45 14.56 31.28
C TYR D 103 -25.46 15.51 31.99
N ASN D 104 -24.27 15.71 31.44
CA ASN D 104 -23.25 16.65 31.93
C ASN D 104 -22.66 16.31 33.32
N TRP D 105 -22.34 15.04 33.57
CA TRP D 105 -21.63 14.69 34.80
C TRP D 105 -20.13 14.82 34.46
N PHE D 106 -19.27 15.12 35.43
CA PHE D 106 -17.86 15.35 35.12
C PHE D 106 -16.92 14.28 35.65
N ALA D 107 -16.46 13.40 34.74
CA ALA D 107 -15.51 12.33 35.06
C ALA D 107 -14.07 12.86 34.96
N TYR D 108 -13.83 13.77 34.01
CA TYR D 108 -12.53 14.38 33.74
C TYR D 108 -12.50 15.85 34.10
N TRP D 109 -11.51 16.24 34.91
CA TRP D 109 -11.31 17.60 35.40
C TRP D 109 -9.86 18.04 35.17
N GLY D 110 -9.65 19.35 35.13
CA GLY D 110 -8.32 19.92 35.02
C GLY D 110 -7.67 19.97 36.39
N GLN D 111 -6.41 20.42 36.48
CA GLN D 111 -5.71 20.49 37.77
C GLN D 111 -6.18 21.70 38.63
N GLY D 112 -6.75 22.71 37.98
CA GLY D 112 -7.22 23.92 38.63
C GLY D 112 -6.18 25.01 38.62
N THR D 113 -6.61 26.28 38.55
CA THR D 113 -5.70 27.43 38.58
C THR D 113 -6.24 28.51 39.51
N LEU D 114 -5.37 28.98 40.43
CA LEU D 114 -5.76 30.02 41.39
C LEU D 114 -5.68 31.40 40.77
N VAL D 115 -6.76 32.17 40.95
CA VAL D 115 -6.92 33.56 40.49
C VAL D 115 -7.09 34.39 41.77
N THR D 116 -6.20 35.35 42.01
CA THR D 116 -6.26 36.22 43.19
C THR D 116 -6.58 37.67 42.78
N VAL D 117 -7.76 38.18 43.19
CA VAL D 117 -8.21 39.54 42.86
C VAL D 117 -7.94 40.51 44.03
N SER D 118 -6.81 41.24 43.94
CA SER D 118 -6.32 42.17 44.96
C SER D 118 -5.48 43.29 44.35
N SER D 119 -5.48 44.48 45.01
CA SER D 119 -4.71 45.65 44.60
C SER D 119 -3.22 45.47 44.86
N ALA D 120 -2.88 44.61 45.86
CA ALA D 120 -1.52 44.26 46.26
C ALA D 120 -0.64 43.73 45.11
N SER D 121 0.68 43.87 45.25
CA SER D 121 1.67 43.43 44.26
C SER D 121 2.43 42.20 44.79
N THR D 122 3.10 41.41 43.89
CA THR D 122 3.87 40.23 44.32
C THR D 122 4.95 40.65 45.32
N LYS D 123 4.86 40.12 46.55
CA LYS D 123 5.75 40.44 47.66
C LYS D 123 6.24 39.16 48.32
N GLY D 124 7.56 39.09 48.52
CA GLY D 124 8.22 37.96 49.16
C GLY D 124 7.96 37.94 50.66
N PRO D 125 8.01 36.76 51.31
CA PRO D 125 7.72 36.72 52.76
C PRO D 125 8.92 36.99 53.67
N SER D 126 8.64 37.20 54.94
CA SER D 126 9.64 37.42 55.98
C SER D 126 9.46 36.35 57.05
N VAL D 127 10.44 35.45 57.15
CA VAL D 127 10.43 34.32 58.10
C VAL D 127 11.08 34.73 59.41
N CYS D 146 8.07 28.73 62.94
CA CYS D 146 8.39 29.81 62.02
C CYS D 146 7.16 30.62 61.67
N LEU D 147 7.29 31.95 61.66
CA LEU D 147 6.23 32.87 61.27
C LEU D 147 6.53 33.45 59.89
N VAL D 148 5.79 32.97 58.89
CA VAL D 148 5.91 33.40 57.50
C VAL D 148 4.95 34.58 57.38
N LYS D 149 5.46 35.80 57.62
CA LYS D 149 4.64 37.01 57.61
C LYS D 149 4.82 37.89 56.37
N ASP D 150 3.72 38.56 55.99
CA ASP D 150 3.53 39.53 54.92
C ASP D 150 4.07 39.07 53.54
N TYR D 151 3.20 38.40 52.78
CA TYR D 151 3.50 37.93 51.42
C TYR D 151 2.28 37.96 50.52
N PHE D 152 2.52 37.90 49.21
CA PHE D 152 1.47 37.88 48.18
C PHE D 152 2.01 37.40 46.82
N PRO D 153 1.25 36.58 46.06
CA PRO D 153 -0.04 35.95 46.40
C PRO D 153 0.18 34.64 47.14
N GLU D 154 -0.78 33.72 47.07
CA GLU D 154 -0.64 32.41 47.69
C GLU D 154 -0.13 31.41 46.63
N PRO D 155 0.57 30.30 46.98
CA PRO D 155 0.84 29.74 48.31
C PRO D 155 2.32 29.76 48.75
N VAL D 156 2.58 29.25 49.97
CA VAL D 156 3.94 29.05 50.50
C VAL D 156 4.08 27.60 50.95
N THR D 157 5.23 26.98 50.65
CA THR D 157 5.51 25.59 51.04
C THR D 157 6.49 25.61 52.21
N VAL D 158 6.07 25.08 53.36
CA VAL D 158 6.95 25.04 54.53
C VAL D 158 7.32 23.60 54.90
N SER D 159 8.63 23.32 54.97
CA SER D 159 9.19 22.03 55.36
C SER D 159 10.17 22.22 56.54
N TRP D 160 10.53 21.13 57.22
CA TRP D 160 11.44 21.19 58.36
C TRP D 160 12.63 20.26 58.12
N ASN D 161 13.86 20.82 58.23
CA ASN D 161 15.14 20.15 58.03
C ASN D 161 15.20 19.42 56.67
N HIS D 170 2.87 21.08 61.98
CA HIS D 170 1.55 21.69 61.80
C HIS D 170 1.64 23.04 61.07
N THR D 171 1.54 23.02 59.73
CA THR D 171 1.58 24.23 58.92
C THR D 171 0.14 24.75 58.78
N PHE D 172 -0.17 25.81 59.54
CA PHE D 172 -1.49 26.45 59.60
C PHE D 172 -1.89 27.14 58.29
N PRO D 173 -3.20 27.13 57.93
CA PRO D 173 -3.63 27.80 56.68
C PRO D 173 -3.43 29.31 56.77
N ALA D 174 -2.94 29.92 55.67
CA ALA D 174 -2.68 31.36 55.59
C ALA D 174 -3.93 32.18 55.87
N VAL D 175 -3.76 33.31 56.56
CA VAL D 175 -4.85 34.23 56.87
C VAL D 175 -4.53 35.59 56.26
N LEU D 176 -5.47 36.13 55.45
CA LEU D 176 -5.34 37.42 54.80
C LEU D 176 -5.47 38.54 55.83
N GLN D 177 -4.44 39.39 55.93
CA GLN D 177 -4.37 40.51 56.88
C GLN D 177 -5.03 41.78 56.32
N SER D 178 -5.17 42.82 57.16
CA SER D 178 -5.72 44.14 56.82
C SER D 178 -4.89 44.82 55.72
N SER D 179 -3.56 44.56 55.70
CA SER D 179 -2.60 45.09 54.73
C SER D 179 -2.76 44.51 53.31
N GLY D 180 -3.57 43.45 53.20
CA GLY D 180 -3.83 42.75 51.94
C GLY D 180 -2.77 41.70 51.64
N LEU D 181 -1.97 41.36 52.67
CA LEU D 181 -0.87 40.39 52.59
C LEU D 181 -1.19 39.17 53.46
N TYR D 182 -0.81 37.97 52.98
CA TYR D 182 -1.02 36.71 53.68
C TYR D 182 0.03 36.49 54.76
N SER D 183 -0.32 35.69 55.78
CA SER D 183 0.54 35.35 56.91
C SER D 183 0.13 34.01 57.52
N LEU D 184 1.12 33.14 57.78
CA LEU D 184 0.92 31.84 58.41
C LEU D 184 2.05 31.45 59.35
N SER D 185 1.83 30.36 60.11
CA SER D 185 2.81 29.81 61.04
C SER D 185 2.93 28.30 60.84
N SER D 186 4.15 27.79 61.03
CA SER D 186 4.46 26.37 60.91
C SER D 186 5.15 25.96 62.20
N VAL D 187 4.51 25.09 62.99
CA VAL D 187 5.05 24.61 64.27
C VAL D 187 5.39 23.13 64.25
N VAL D 188 6.27 22.69 65.18
CA VAL D 188 6.68 21.30 65.31
C VAL D 188 6.93 20.92 66.77
N THR D 189 6.45 19.72 67.18
CA THR D 189 6.65 19.20 68.53
C THR D 189 7.87 18.28 68.53
N VAL D 190 8.88 18.63 69.33
CA VAL D 190 10.14 17.88 69.46
C VAL D 190 10.46 17.64 70.95
N PRO D 191 11.30 16.62 71.32
CA PRO D 191 11.62 16.42 72.75
C PRO D 191 12.40 17.61 73.33
N SER D 192 12.04 18.04 74.56
CA SER D 192 12.64 19.18 75.26
C SER D 192 14.17 19.10 75.39
N SER D 193 14.68 17.87 75.60
CA SER D 193 16.10 17.54 75.76
C SER D 193 16.96 17.86 74.54
N SER D 194 16.37 17.82 73.33
CA SER D 194 17.06 18.06 72.06
C SER D 194 17.26 19.55 71.70
N LEU D 195 16.48 20.47 72.34
CA LEU D 195 16.51 21.92 72.09
C LEU D 195 17.94 22.55 72.13
N TYR D 200 17.20 22.85 64.15
CA TYR D 200 15.88 22.94 63.53
C TYR D 200 15.82 24.10 62.55
N ILE D 201 15.61 23.78 61.26
CA ILE D 201 15.56 24.75 60.17
C ILE D 201 14.22 24.62 59.42
N CYS D 202 13.52 25.75 59.19
CA CYS D 202 12.28 25.73 58.42
C CYS D 202 12.59 26.22 57.00
N ASN D 203 12.28 25.39 56.00
CA ASN D 203 12.52 25.72 54.59
C ASN D 203 11.23 26.25 53.96
N VAL D 204 11.17 27.58 53.78
CA VAL D 204 10.01 28.29 53.23
C VAL D 204 10.29 28.68 51.77
N ASN D 205 9.34 28.38 50.88
CA ASN D 205 9.44 28.72 49.46
C ASN D 205 8.15 29.32 48.93
N HIS D 206 8.27 30.52 48.36
CA HIS D 206 7.20 31.26 47.71
C HIS D 206 7.59 31.40 46.25
N LYS D 207 7.15 30.42 45.43
CA LYS D 207 7.41 30.34 43.99
C LYS D 207 6.96 31.60 43.20
N PRO D 208 5.78 32.23 43.43
CA PRO D 208 5.41 33.43 42.65
C PRO D 208 6.41 34.60 42.68
N SER D 209 7.16 34.76 43.81
CA SER D 209 8.17 35.81 43.95
C SER D 209 9.60 35.24 43.87
N ASN D 210 9.75 33.94 43.50
CA ASN D 210 11.02 33.20 43.39
C ASN D 210 11.86 33.34 44.67
N THR D 211 11.21 33.22 45.84
CA THR D 211 11.83 33.36 47.15
C THR D 211 11.99 32.02 47.86
N LYS D 212 13.20 31.77 48.39
CA LYS D 212 13.56 30.59 49.15
C LYS D 212 14.33 31.05 50.39
N VAL D 213 13.69 30.96 51.58
CA VAL D 213 14.27 31.39 52.85
C VAL D 213 14.34 30.25 53.85
N ASP D 214 15.54 30.04 54.43
CA ASP D 214 15.81 29.03 55.45
C ASP D 214 16.07 29.72 56.78
N ASP E 1 -33.52 29.52 38.88
CA ASP E 1 -32.42 28.87 39.58
C ASP E 1 -32.92 27.91 40.67
N ILE E 2 -32.42 26.65 40.62
CA ILE E 2 -32.73 25.54 41.53
C ILE E 2 -31.93 25.66 42.85
N GLN E 3 -32.34 24.90 43.89
CA GLN E 3 -31.67 24.87 45.20
C GLN E 3 -31.29 23.44 45.57
N MET E 4 -29.99 23.21 45.70
CA MET E 4 -29.45 21.91 46.08
C MET E 4 -29.03 21.99 47.54
N THR E 5 -29.83 21.39 48.42
CA THR E 5 -29.56 21.46 49.86
C THR E 5 -29.02 20.12 50.39
N GLN E 6 -27.78 20.15 50.90
CA GLN E 6 -27.15 18.97 51.47
C GLN E 6 -27.28 18.94 52.99
N SER E 7 -27.53 17.74 53.55
CA SER E 7 -27.72 17.52 54.98
C SER E 7 -27.05 16.24 55.51
N PRO E 8 -26.20 16.32 56.56
CA PRO E 8 -25.80 17.52 57.31
C PRO E 8 -24.67 18.29 56.61
N SER E 9 -24.24 19.43 57.17
CA SER E 9 -23.15 20.22 56.60
C SER E 9 -21.80 19.59 57.00
N SER E 10 -21.78 18.94 58.18
CA SER E 10 -20.62 18.27 58.77
C SER E 10 -21.06 16.99 59.48
N LEU E 11 -20.24 15.93 59.41
CA LEU E 11 -20.54 14.63 60.02
C LEU E 11 -19.27 14.00 60.61
N SER E 12 -19.39 13.35 61.79
CA SER E 12 -18.27 12.68 62.48
C SER E 12 -18.60 11.20 62.72
N ALA E 13 -17.82 10.29 62.10
CA ALA E 13 -18.00 8.84 62.19
C ALA E 13 -16.68 8.06 62.24
N SER E 14 -16.70 6.85 62.84
CA SER E 14 -15.54 5.99 62.98
C SER E 14 -15.42 5.03 61.79
N VAL E 15 -14.24 4.40 61.64
CA VAL E 15 -13.96 3.41 60.58
C VAL E 15 -14.85 2.18 60.80
N GLY E 16 -15.58 1.77 59.77
CA GLY E 16 -16.49 0.64 59.81
C GLY E 16 -17.96 1.02 59.92
N ASP E 17 -18.23 2.29 60.24
CA ASP E 17 -19.58 2.84 60.39
C ASP E 17 -20.31 2.97 59.04
N ARG E 18 -21.65 2.99 59.10
CA ARG E 18 -22.52 3.21 57.94
C ARG E 18 -22.81 4.71 57.92
N VAL E 19 -22.35 5.39 56.86
CA VAL E 19 -22.54 6.83 56.71
C VAL E 19 -23.69 7.09 55.75
N THR E 20 -24.55 8.05 56.09
CA THR E 20 -25.69 8.45 55.29
C THR E 20 -25.76 9.98 55.20
N ILE E 21 -25.63 10.49 53.97
CA ILE E 21 -25.71 11.92 53.67
C ILE E 21 -26.73 12.13 52.54
N THR E 22 -27.55 13.16 52.69
CA THR E 22 -28.64 13.47 51.76
C THR E 22 -28.45 14.80 51.01
N CYS E 23 -29.10 14.89 49.84
CA CYS E 23 -29.11 16.06 48.95
C CYS E 23 -30.55 16.20 48.44
N LYS E 24 -31.19 17.34 48.77
CA LYS E 24 -32.56 17.62 48.39
C LYS E 24 -32.66 18.74 47.37
N ALA E 25 -33.41 18.50 46.29
CA ALA E 25 -33.62 19.47 45.21
C ALA E 25 -34.92 20.23 45.41
N SER E 26 -34.93 21.54 45.07
CA SER E 26 -36.11 22.41 45.19
C SER E 26 -37.23 22.00 44.23
N GLN E 27 -36.85 21.48 43.04
CA GLN E 27 -37.76 21.00 42.00
C GLN E 27 -37.43 19.53 41.69
N ASN E 28 -38.33 18.80 41.00
CA ASN E 28 -38.11 17.40 40.61
C ASN E 28 -37.03 17.32 39.51
N VAL E 29 -35.99 16.49 39.74
CA VAL E 29 -34.89 16.31 38.80
C VAL E 29 -34.78 14.87 38.30
N GLY E 30 -35.66 13.99 38.79
CA GLY E 30 -35.70 12.59 38.40
C GLY E 30 -34.46 11.83 38.82
N ASN E 31 -33.70 11.29 37.85
CA ASN E 31 -32.44 10.57 38.10
C ASN E 31 -31.22 11.46 37.79
N ASN E 32 -31.44 12.72 37.39
CA ASN E 32 -30.37 13.63 37.01
C ASN E 32 -29.59 14.17 38.23
N ILE E 33 -28.80 13.27 38.87
CA ILE E 33 -28.00 13.57 40.07
C ILE E 33 -26.64 12.88 40.03
N ALA E 34 -25.60 13.62 40.44
CA ALA E 34 -24.23 13.11 40.51
C ALA E 34 -23.60 13.43 41.86
N TRP E 35 -22.80 12.50 42.38
CA TRP E 35 -22.08 12.66 43.65
C TRP E 35 -20.57 12.73 43.37
N TYR E 36 -19.87 13.65 44.08
CA TYR E 36 -18.42 13.85 43.98
C TYR E 36 -17.74 13.79 45.33
N GLN E 37 -16.46 13.40 45.34
CA GLN E 37 -15.62 13.34 46.54
C GLN E 37 -14.43 14.27 46.31
N GLN E 38 -14.26 15.27 47.18
CA GLN E 38 -13.15 16.19 47.08
C GLN E 38 -12.29 16.19 48.33
N LYS E 39 -10.99 15.85 48.16
CA LYS E 39 -10.02 15.87 49.25
C LYS E 39 -9.30 17.24 49.26
N PRO E 40 -8.83 17.74 50.43
CA PRO E 40 -8.19 19.08 50.45
C PRO E 40 -7.06 19.31 49.44
N GLY E 41 -7.15 20.44 48.75
CA GLY E 41 -6.20 20.88 47.73
C GLY E 41 -6.15 20.04 46.47
N LYS E 42 -7.21 19.25 46.21
CA LYS E 42 -7.28 18.39 45.03
C LYS E 42 -8.60 18.60 44.27
N ALA E 43 -8.61 18.22 42.97
CA ALA E 43 -9.79 18.30 42.11
C ALA E 43 -10.86 17.28 42.55
N PRO E 44 -12.18 17.57 42.40
CA PRO E 44 -13.19 16.58 42.81
C PRO E 44 -13.14 15.31 41.96
N LYS E 45 -13.46 14.18 42.59
CA LYS E 45 -13.48 12.86 41.96
C LYS E 45 -14.95 12.38 41.87
N LEU E 46 -15.39 11.96 40.67
CA LEU E 46 -16.74 11.44 40.43
C LEU E 46 -16.93 10.09 41.11
N LEU E 47 -18.03 9.93 41.86
CA LEU E 47 -18.37 8.68 42.55
C LEU E 47 -19.57 8.04 41.89
N ILE E 48 -20.74 8.69 42.01
CA ILE E 48 -22.01 8.24 41.47
C ILE E 48 -22.49 9.22 40.41
N TYR E 49 -22.99 8.70 39.29
CA TYR E 49 -23.56 9.50 38.21
C TYR E 49 -24.95 8.93 37.89
N TYR E 50 -25.90 9.81 37.55
CA TYR E 50 -27.29 9.45 37.25
C TYR E 50 -27.94 8.66 38.40
N ALA E 51 -27.97 9.30 39.59
CA ALA E 51 -28.56 8.89 40.87
C ALA E 51 -28.00 7.62 41.53
N SER E 52 -27.79 6.52 40.79
CA SER E 52 -27.35 5.26 41.42
C SER E 52 -26.16 4.54 40.78
N ASN E 53 -25.70 4.99 39.59
CA ASN E 53 -24.59 4.34 38.87
C ASN E 53 -23.23 4.73 39.39
N ARG E 54 -22.49 3.74 39.88
CA ARG E 54 -21.15 3.90 40.45
C ARG E 54 -20.08 3.92 39.34
N TYR E 55 -19.30 5.02 39.28
CA TYR E 55 -18.23 5.24 38.29
C TYR E 55 -17.10 4.22 38.44
N THR E 56 -16.44 3.86 37.32
CA THR E 56 -15.33 2.90 37.28
C THR E 56 -14.21 3.26 38.25
N GLY E 57 -13.83 2.29 39.09
CA GLY E 57 -12.77 2.44 40.08
C GLY E 57 -13.26 2.77 41.47
N VAL E 58 -14.50 3.26 41.58
CA VAL E 58 -15.09 3.62 42.87
C VAL E 58 -15.43 2.33 43.65
N PRO E 59 -14.91 2.17 44.89
CA PRO E 59 -15.22 0.94 45.67
C PRO E 59 -16.71 0.71 45.92
N SER E 60 -17.08 -0.57 46.01
CA SER E 60 -18.45 -1.09 46.21
C SER E 60 -19.21 -0.46 47.38
N ARG E 61 -18.51 0.00 48.44
CA ARG E 61 -19.11 0.59 49.64
C ARG E 61 -19.92 1.87 49.36
N PHE E 62 -19.56 2.61 48.29
CA PHE E 62 -20.26 3.83 47.89
C PHE E 62 -21.50 3.45 47.11
N SER E 63 -22.65 3.98 47.55
CA SER E 63 -23.95 3.71 46.96
C SER E 63 -24.78 4.98 46.87
N GLY E 64 -25.55 5.08 45.80
CA GLY E 64 -26.43 6.21 45.52
C GLY E 64 -27.86 5.75 45.33
N SER E 65 -28.82 6.53 45.85
CA SER E 65 -30.24 6.20 45.75
C SER E 65 -31.11 7.46 45.65
N GLY E 66 -32.36 7.27 45.28
CA GLY E 66 -33.33 8.35 45.17
C GLY E 66 -33.83 8.64 43.77
N TYR E 67 -34.99 9.30 43.70
CA TYR E 67 -35.65 9.74 42.48
C TYR E 67 -36.58 10.90 42.81
N GLY E 68 -36.48 11.96 42.02
CA GLY E 68 -37.30 13.15 42.19
C GLY E 68 -36.59 14.30 42.86
N THR E 69 -36.71 14.39 44.19
CA THR E 69 -36.13 15.48 44.98
C THR E 69 -35.19 15.02 46.10
N ASP E 70 -35.50 13.90 46.77
CA ASP E 70 -34.70 13.38 47.88
C ASP E 70 -33.75 12.26 47.46
N PHE E 71 -32.44 12.56 47.48
CA PHE E 71 -31.35 11.66 47.10
C PHE E 71 -30.42 11.38 48.25
N THR E 72 -29.85 10.17 48.29
CA THR E 72 -28.99 9.75 49.38
C THR E 72 -27.72 9.04 48.89
N LEU E 73 -26.57 9.41 49.48
CA LEU E 73 -25.27 8.80 49.27
C LEU E 73 -24.93 8.00 50.54
N THR E 74 -24.60 6.72 50.38
CA THR E 74 -24.32 5.79 51.47
C THR E 74 -22.93 5.14 51.35
N ILE E 75 -22.20 5.12 52.46
CA ILE E 75 -20.91 4.44 52.59
C ILE E 75 -21.20 3.34 53.62
N SER E 76 -21.24 2.07 53.16
CA SER E 76 -21.55 0.89 53.99
C SER E 76 -20.61 0.78 55.20
N SER E 77 -19.29 0.81 54.96
CA SER E 77 -18.27 0.75 56.01
C SER E 77 -17.24 1.83 55.72
N LEU E 78 -17.24 2.89 56.56
CA LEU E 78 -16.33 4.02 56.42
C LEU E 78 -14.87 3.60 56.57
N GLN E 79 -13.96 4.22 55.79
CA GLN E 79 -12.53 3.91 55.78
C GLN E 79 -11.69 5.17 56.00
N PRO E 80 -10.38 5.08 56.38
CA PRO E 80 -9.57 6.30 56.55
C PRO E 80 -9.44 7.14 55.28
N GLU E 81 -9.54 6.49 54.10
CA GLU E 81 -9.48 7.07 52.77
C GLU E 81 -10.84 7.68 52.31
N ASP E 82 -11.79 7.85 53.26
CA ASP E 82 -13.13 8.38 52.98
C ASP E 82 -13.42 9.71 53.67
N PHE E 83 -12.50 10.18 54.50
CA PHE E 83 -12.71 11.41 55.22
C PHE E 83 -12.42 12.62 54.32
N ALA E 84 -13.39 12.91 53.45
CA ALA E 84 -13.36 13.98 52.46
C ALA E 84 -14.69 14.72 52.39
N THR E 85 -14.76 15.78 51.54
CA THR E 85 -15.96 16.59 51.32
C THR E 85 -16.76 15.94 50.20
N TYR E 86 -18.09 15.92 50.35
CA TYR E 86 -18.99 15.32 49.37
C TYR E 86 -19.97 16.35 48.80
N TYR E 87 -20.11 16.36 47.45
CA TYR E 87 -20.99 17.28 46.74
C TYR E 87 -21.93 16.56 45.81
N CYS E 88 -23.21 16.99 45.79
CA CYS E 88 -24.19 16.47 44.83
C CYS E 88 -24.29 17.52 43.72
N GLN E 89 -24.69 17.12 42.50
CA GLN E 89 -24.78 18.04 41.37
C GLN E 89 -26.05 17.78 40.58
N ARG E 90 -26.70 18.87 40.10
CA ARG E 90 -27.90 18.79 39.26
C ARG E 90 -27.44 18.49 37.83
N LEU E 91 -28.03 17.45 37.20
CA LEU E 91 -27.65 17.04 35.84
C LEU E 91 -28.76 17.36 34.83
N TYR E 92 -28.47 17.08 33.52
CA TYR E 92 -29.34 17.20 32.35
C TYR E 92 -29.68 18.64 31.92
N ASN E 93 -30.19 19.47 32.87
CA ASN E 93 -30.63 20.84 32.62
C ASN E 93 -29.74 21.91 33.26
N SER E 94 -29.53 23.02 32.54
CA SER E 94 -28.76 24.17 32.99
C SER E 94 -29.65 25.00 33.95
N PRO E 95 -29.12 25.54 35.09
CA PRO E 95 -27.74 25.46 35.58
C PRO E 95 -27.44 24.15 36.30
N PHE E 96 -26.20 23.68 36.17
CA PHE E 96 -25.76 22.43 36.78
C PHE E 96 -25.25 22.66 38.21
N THR E 97 -26.17 23.18 39.07
CA THR E 97 -25.98 23.59 40.46
C THR E 97 -25.46 22.47 41.37
N PHE E 98 -24.35 22.76 42.06
CA PHE E 98 -23.72 21.87 43.04
C PHE E 98 -24.34 22.13 44.40
N GLY E 99 -24.30 21.12 45.28
CA GLY E 99 -24.81 21.23 46.64
C GLY E 99 -23.84 22.02 47.51
N GLY E 100 -24.28 22.30 48.73
CA GLY E 100 -23.50 23.06 49.71
C GLY E 100 -22.19 22.40 50.13
N GLY E 101 -22.21 21.08 50.20
CA GLY E 101 -21.07 20.27 50.62
C GLY E 101 -21.29 19.61 51.96
N THR E 102 -20.78 18.39 52.11
CA THR E 102 -20.87 17.64 53.37
C THR E 102 -19.48 17.11 53.74
N LYS E 103 -18.92 17.65 54.83
CA LYS E 103 -17.61 17.25 55.33
C LYS E 103 -17.73 16.03 56.24
N VAL E 104 -17.02 14.94 55.88
CA VAL E 104 -17.00 13.70 56.66
C VAL E 104 -15.67 13.66 57.42
N GLU E 105 -15.74 13.89 58.73
CA GLU E 105 -14.60 13.97 59.65
C GLU E 105 -14.41 12.69 60.46
N ILE E 106 -13.20 12.48 61.01
CA ILE E 106 -12.87 11.30 61.82
C ILE E 106 -13.25 11.50 63.28
N LYS E 107 -14.03 10.56 63.84
CA LYS E 107 -14.44 10.58 65.25
C LYS E 107 -13.26 10.15 66.12
N ARG E 108 -13.16 10.73 67.33
CA ARG E 108 -12.06 10.50 68.27
C ARG E 108 -12.49 10.76 69.72
N THR E 109 -11.68 10.30 70.70
CA THR E 109 -11.92 10.58 72.12
C THR E 109 -11.58 12.05 72.39
N VAL E 110 -12.20 12.63 73.42
CA VAL E 110 -11.98 14.04 73.78
C VAL E 110 -10.55 14.26 74.30
N ASP E 122 12.26 39.14 68.29
CA ASP E 122 12.86 40.43 68.61
C ASP E 122 13.21 41.26 67.35
N GLU E 123 13.58 40.58 66.26
CA GLU E 123 13.86 41.19 64.96
C GLU E 123 12.55 41.75 64.33
N GLN E 124 11.40 41.10 64.62
CA GLN E 124 10.07 41.50 64.16
C GLN E 124 9.56 42.76 64.88
N LEU E 125 9.96 42.97 66.16
CA LEU E 125 9.61 44.14 66.97
C LEU E 125 10.22 45.42 66.39
N LYS E 126 11.42 45.29 65.79
CA LYS E 126 12.16 46.37 65.12
C LYS E 126 11.36 46.92 63.92
N SER E 127 10.58 46.04 63.24
CA SER E 127 9.73 46.37 62.09
C SER E 127 8.51 47.23 62.47
N GLY E 128 8.12 47.19 63.75
CA GLY E 128 7.00 47.96 64.27
C GLY E 128 5.82 47.16 64.74
N THR E 129 5.63 45.94 64.17
CA THR E 129 4.54 45.03 64.53
C THR E 129 4.96 43.94 65.50
N ALA E 130 4.03 43.51 66.37
CA ALA E 130 4.29 42.47 67.37
C ALA E 130 3.18 41.41 67.37
N SER E 131 3.56 40.17 67.02
CA SER E 131 2.66 39.02 66.98
C SER E 131 2.99 38.04 68.10
N VAL E 132 2.03 37.82 69.02
CA VAL E 132 2.19 36.90 70.13
C VAL E 132 1.39 35.63 69.78
N VAL E 133 2.09 34.48 69.74
CA VAL E 133 1.50 33.19 69.37
C VAL E 133 1.46 32.25 70.57
N LEU E 136 -2.80 26.30 71.08
CA LEU E 136 -3.59 25.10 71.31
C LEU E 136 -3.14 23.95 70.39
N ASN E 137 -2.39 23.00 70.96
CA ASN E 137 -1.84 21.83 70.27
C ASN E 137 -2.59 20.53 70.59
N ASN E 138 -2.83 19.71 69.54
CA ASN E 138 -3.47 18.38 69.52
C ASN E 138 -4.70 18.24 70.45
N PHE E 139 -5.87 18.68 69.97
CA PHE E 139 -7.13 18.63 70.72
C PHE E 139 -8.30 18.08 69.90
N TYR E 140 -9.38 17.65 70.58
CA TYR E 140 -10.60 17.13 69.96
C TYR E 140 -11.79 17.33 70.92
N PRO E 141 -12.97 17.82 70.46
CA PRO E 141 -13.35 18.23 69.09
C PRO E 141 -12.76 19.58 68.64
N ARG E 142 -13.08 20.01 67.41
CA ARG E 142 -12.59 21.26 66.81
C ARG E 142 -13.14 22.52 67.50
N GLU E 143 -14.37 22.46 68.03
CA GLU E 143 -15.04 23.56 68.72
C GLU E 143 -14.32 23.99 70.01
N VAL E 163 -7.06 26.88 62.04
CA VAL E 163 -7.13 25.47 62.43
C VAL E 163 -6.53 24.57 61.36
N THR E 164 -5.74 23.57 61.78
CA THR E 164 -5.12 22.60 60.89
C THR E 164 -6.14 21.51 60.57
N GLU E 165 -6.00 20.88 59.38
CA GLU E 165 -6.85 19.76 58.96
C GLU E 165 -6.42 18.57 59.80
N GLN E 166 -7.38 17.97 60.56
CA GLN E 166 -7.23 16.86 61.51
C GLN E 166 -6.03 15.93 61.22
N ASP E 167 -5.17 15.80 62.25
CA ASP E 167 -3.90 15.07 62.31
C ASP E 167 -3.89 13.74 61.57
N SER E 168 -2.76 13.48 60.92
CA SER E 168 -2.45 12.31 60.10
C SER E 168 -2.51 10.98 60.85
N LYS E 169 -2.20 10.98 62.15
CA LYS E 169 -2.21 9.74 62.91
C LYS E 169 -3.23 9.69 64.04
N ASP E 170 -3.31 10.74 64.89
CA ASP E 170 -4.18 10.75 66.08
C ASP E 170 -5.53 11.47 65.88
N SER E 171 -5.84 11.95 64.65
CA SER E 171 -7.10 12.62 64.29
C SER E 171 -7.46 13.88 65.13
N THR E 172 -6.44 14.57 65.68
CA THR E 172 -6.66 15.78 66.48
C THR E 172 -6.53 17.06 65.65
N TYR E 173 -7.01 18.17 66.21
CA TYR E 173 -6.95 19.51 65.61
C TYR E 173 -5.93 20.36 66.36
N SER E 174 -5.39 21.40 65.68
CA SER E 174 -4.43 22.33 66.26
C SER E 174 -4.81 23.74 65.85
N LEU E 175 -4.82 24.69 66.81
CA LEU E 175 -5.21 26.08 66.57
C LEU E 175 -4.07 27.07 66.80
N SER E 176 -4.05 28.16 66.01
CA SER E 176 -3.03 29.21 66.13
C SER E 176 -3.65 30.59 66.30
N ALA F 50 -36.80 32.07 18.45
CA ALA F 50 -35.72 32.24 17.48
C ALA F 50 -34.40 31.66 17.99
N ALA F 51 -34.15 31.79 19.32
CA ALA F 51 -32.97 31.27 20.01
C ALA F 51 -32.91 29.73 19.95
N CYS F 52 -34.09 29.09 19.89
CA CYS F 52 -34.29 27.65 19.81
C CYS F 52 -33.68 27.00 18.55
N GLN F 53 -33.56 27.78 17.45
CA GLN F 53 -33.00 27.35 16.16
C GLN F 53 -31.54 26.95 16.28
N ALA F 54 -30.75 27.76 17.03
CA ALA F 54 -29.32 27.50 17.27
C ALA F 54 -29.15 26.36 18.29
N LYS F 55 -30.10 26.26 19.25
CA LYS F 55 -30.12 25.26 20.32
C LYS F 55 -30.59 23.86 19.88
N ARG F 56 -31.22 23.74 18.68
CA ARG F 56 -31.74 22.45 18.19
C ARG F 56 -30.65 21.44 17.81
N GLY F 57 -30.66 20.30 18.48
CA GLY F 57 -29.71 19.21 18.27
C GLY F 57 -28.31 19.43 18.78
N ASP F 58 -28.12 20.36 19.76
CA ASP F 58 -26.82 20.68 20.36
C ASP F 58 -26.37 19.65 21.44
N GLN F 59 -27.19 18.60 21.62
CA GLN F 59 -27.05 17.46 22.55
C GLN F 59 -27.17 17.89 24.02
N ARG F 60 -27.92 18.98 24.26
CA ARG F 60 -28.26 19.56 25.55
C ARG F 60 -29.76 19.85 25.56
N CYS F 61 -30.48 19.34 26.57
CA CYS F 61 -31.92 19.54 26.67
C CYS F 61 -32.27 20.93 27.18
N ASP F 62 -32.82 21.75 26.27
CA ASP F 62 -33.27 23.11 26.55
C ASP F 62 -34.78 23.06 26.72
N ARG F 63 -35.27 23.27 27.96
CA ARG F 63 -36.70 23.28 28.33
C ARG F 63 -37.52 24.26 27.49
N GLU F 64 -36.90 25.39 27.07
CA GLU F 64 -37.46 26.45 26.23
C GLU F 64 -37.84 25.90 24.85
N CYS F 65 -37.12 24.83 24.40
CA CYS F 65 -37.30 24.17 23.11
C CYS F 65 -37.94 22.77 23.22
N ASN F 66 -38.30 22.35 24.44
CA ASN F 66 -38.93 21.05 24.69
C ASN F 66 -40.44 21.16 24.38
N SER F 67 -40.75 21.36 23.08
CA SER F 67 -42.07 21.57 22.50
C SER F 67 -42.27 20.68 21.25
N PRO F 68 -43.52 20.23 20.90
CA PRO F 68 -43.68 19.38 19.70
C PRO F 68 -43.30 20.05 18.38
N GLY F 69 -43.59 21.35 18.28
CA GLY F 69 -43.28 22.16 17.11
C GLY F 69 -41.79 22.36 16.88
N CYS F 70 -41.02 22.41 17.98
CA CYS F 70 -39.55 22.56 17.96
C CYS F 70 -38.84 21.20 17.80
N GLY F 71 -39.61 20.17 17.43
CA GLY F 71 -39.15 18.81 17.22
C GLY F 71 -38.53 18.20 18.46
N TRP F 72 -39.09 18.54 19.64
CA TRP F 72 -38.63 18.13 20.97
C TRP F 72 -37.12 18.42 21.16
N ASP F 73 -36.72 19.67 20.82
CA ASP F 73 -35.34 20.21 20.86
C ASP F 73 -34.37 19.42 19.94
N GLY F 74 -34.92 18.86 18.85
CA GLY F 74 -34.17 18.08 17.86
C GLY F 74 -33.67 16.76 18.40
N GLY F 75 -34.47 16.14 19.27
CA GLY F 75 -34.16 14.86 19.89
C GLY F 75 -33.38 14.92 21.20
N ASP F 76 -33.01 16.15 21.62
CA ASP F 76 -32.23 16.39 22.84
C ASP F 76 -33.00 16.03 24.10
N CYS F 77 -34.31 16.32 24.12
CA CYS F 77 -35.15 16.03 25.28
C CYS F 77 -35.95 14.74 25.14
N SER F 78 -35.92 14.11 23.94
CA SER F 78 -36.69 12.92 23.63
C SER F 78 -35.85 11.70 23.17
N LEU F 79 -34.60 11.59 23.67
CA LEU F 79 -33.69 10.47 23.40
C LEU F 79 -33.50 10.13 21.91
N SER F 80 -33.27 11.17 21.07
CA SER F 80 -33.06 11.14 19.61
C SER F 80 -34.33 10.77 18.79
N VAL F 81 -35.49 10.62 19.46
CA VAL F 81 -36.75 10.31 18.76
C VAL F 81 -37.28 11.65 18.26
N GLY F 82 -37.32 11.82 16.93
CA GLY F 82 -37.79 13.04 16.28
C GLY F 82 -39.17 13.45 16.75
N ASP F 83 -40.15 12.56 16.54
CA ASP F 83 -41.52 12.75 16.97
C ASP F 83 -42.11 11.45 17.54
N PRO F 84 -42.22 11.31 18.88
CA PRO F 84 -42.82 10.07 19.44
C PRO F 84 -44.31 9.92 19.06
N TRP F 85 -45.02 11.06 18.92
CA TRP F 85 -46.43 11.12 18.54
C TRP F 85 -46.58 11.35 17.02
N ARG F 86 -45.78 10.64 16.22
CA ARG F 86 -45.80 10.74 14.76
C ARG F 86 -47.13 10.26 14.14
N GLN F 87 -47.50 8.98 14.37
CA GLN F 87 -48.71 8.36 13.84
C GLN F 87 -49.97 8.61 14.71
N CYS F 88 -49.88 9.49 15.73
CA CYS F 88 -51.01 9.84 16.59
C CYS F 88 -51.91 10.80 15.85
N GLU F 89 -53.20 10.43 15.73
CA GLU F 89 -54.22 11.21 15.01
C GLU F 89 -54.66 12.47 15.75
N ALA F 90 -55.01 12.34 17.07
CA ALA F 90 -55.47 13.45 17.91
C ALA F 90 -54.35 14.46 18.17
N LEU F 91 -54.60 15.71 17.73
CA LEU F 91 -53.70 16.88 17.71
C LEU F 91 -52.77 17.10 18.91
N GLN F 92 -53.27 17.03 20.16
CA GLN F 92 -52.44 17.32 21.33
C GLN F 92 -52.59 16.28 22.47
N CYS F 93 -52.10 15.05 22.20
CA CYS F 93 -52.15 13.94 23.15
C CYS F 93 -50.96 13.93 24.12
N TRP F 94 -49.88 14.65 23.73
CA TRP F 94 -48.63 14.77 24.49
C TRP F 94 -48.77 15.51 25.82
N ARG F 95 -49.71 16.47 25.89
CA ARG F 95 -50.00 17.28 27.08
C ARG F 95 -50.77 16.48 28.12
N LEU F 96 -51.57 15.49 27.65
CA LEU F 96 -52.41 14.63 28.46
C LEU F 96 -51.72 13.32 28.86
N PHE F 97 -50.44 13.16 28.49
CA PHE F 97 -49.62 11.98 28.76
C PHE F 97 -49.19 11.86 30.23
N ASN F 98 -48.87 13.01 30.86
CA ASN F 98 -48.39 13.11 32.24
C ASN F 98 -49.46 13.38 33.31
N ASN F 99 -50.72 13.60 32.90
CA ASN F 99 -51.82 13.95 33.80
C ASN F 99 -52.30 12.83 34.75
N SER F 100 -51.80 11.59 34.59
CA SER F 100 -52.16 10.40 35.40
C SER F 100 -53.70 10.18 35.44
N ARG F 101 -54.37 10.51 34.31
CA ARG F 101 -55.82 10.41 34.10
C ARG F 101 -56.10 9.80 32.73
N CYS F 102 -57.14 8.98 32.65
CA CYS F 102 -57.53 8.29 31.43
C CYS F 102 -58.13 9.24 30.39
N ASP F 103 -57.39 9.43 29.29
CA ASP F 103 -57.79 10.26 28.15
C ASP F 103 -58.04 9.26 27.01
N PRO F 104 -59.30 8.79 26.82
CA PRO F 104 -59.58 7.76 25.81
C PRO F 104 -59.21 8.08 24.37
N ALA F 105 -59.15 9.37 24.00
CA ALA F 105 -58.77 9.82 22.66
C ALA F 105 -57.30 9.49 22.33
N CYS F 106 -56.48 9.27 23.37
CA CYS F 106 -55.03 9.00 23.30
C CYS F 106 -54.65 7.57 23.72
N SER F 107 -55.63 6.67 23.84
CA SER F 107 -55.40 5.29 24.28
C SER F 107 -54.86 4.31 23.20
N SER F 108 -54.86 4.74 21.93
CA SER F 108 -54.39 3.93 20.80
C SER F 108 -52.87 3.63 20.86
N PRO F 109 -52.34 2.56 20.21
CA PRO F 109 -50.89 2.34 20.22
C PRO F 109 -50.11 3.48 19.56
N ALA F 110 -50.72 4.12 18.55
CA ALA F 110 -50.17 5.24 17.81
C ALA F 110 -50.03 6.49 18.70
N CYS F 111 -50.93 6.65 19.70
CA CYS F 111 -50.89 7.75 20.66
C CYS F 111 -50.23 7.33 22.00
N LEU F 112 -49.42 6.25 21.92
CA LEU F 112 -48.57 5.64 22.96
C LEU F 112 -49.33 5.27 24.24
N TYR F 113 -50.50 4.62 24.07
CA TYR F 113 -51.38 4.08 25.12
C TYR F 113 -51.72 5.07 26.26
N ASP F 114 -51.62 6.40 25.97
CA ASP F 114 -51.81 7.50 26.93
C ASP F 114 -51.08 7.16 28.25
N ASN F 115 -49.76 6.88 28.16
CA ASN F 115 -48.89 6.50 29.29
C ASN F 115 -49.52 5.42 30.21
N PHE F 116 -50.24 4.45 29.60
CA PHE F 116 -50.98 3.36 30.25
C PHE F 116 -51.99 3.86 31.32
N ASP F 117 -52.44 5.13 31.22
CA ASP F 117 -53.39 5.75 32.17
C ASP F 117 -54.79 5.12 32.11
N CYS F 118 -55.17 4.57 30.94
CA CYS F 118 -56.46 3.91 30.71
C CYS F 118 -56.41 2.42 31.03
N HIS F 119 -55.27 1.79 30.71
CA HIS F 119 -55.03 0.36 30.92
C HIS F 119 -54.88 -0.03 32.39
N ALA F 120 -54.17 0.80 33.19
CA ALA F 120 -53.95 0.54 34.61
C ALA F 120 -54.49 1.67 35.52
N GLY F 121 -55.40 1.28 36.42
CA GLY F 121 -56.10 2.17 37.35
C GLY F 121 -55.26 2.88 38.40
N GLY F 122 -54.44 2.12 39.12
CA GLY F 122 -53.60 2.67 40.17
C GLY F 122 -52.80 1.63 40.92
N ARG F 123 -53.48 0.57 41.41
CA ARG F 123 -52.87 -0.53 42.15
C ARG F 123 -51.91 -1.33 41.25
N GLU F 124 -52.35 -1.60 40.00
CA GLU F 124 -51.63 -2.34 38.97
C GLU F 124 -50.90 -1.42 37.98
N ARG F 125 -50.49 -0.21 38.40
CA ARG F 125 -49.80 0.71 37.49
C ARG F 125 -48.27 0.66 37.60
N THR F 126 -47.76 0.45 38.82
CA THR F 126 -46.33 0.40 39.11
C THR F 126 -45.97 -0.72 40.07
N CYS F 127 -44.73 -1.24 39.95
CA CYS F 127 -44.19 -2.30 40.81
C CYS F 127 -43.92 -1.70 42.18
N ASN F 128 -44.46 -2.33 43.24
CA ASN F 128 -44.33 -1.91 44.63
C ASN F 128 -42.85 -1.64 44.97
N PRO F 129 -42.49 -0.40 45.39
CA PRO F 129 -41.08 -0.07 45.69
C PRO F 129 -40.42 -0.98 46.72
N VAL F 130 -41.24 -1.50 47.64
CA VAL F 130 -40.83 -2.41 48.71
C VAL F 130 -40.31 -3.74 48.11
N TYR F 131 -40.97 -4.20 47.03
CA TYR F 131 -40.63 -5.46 46.36
C TYR F 131 -39.70 -5.33 45.14
N GLU F 132 -39.37 -4.08 44.72
CA GLU F 132 -38.53 -3.78 43.55
C GLU F 132 -37.16 -4.49 43.54
N LYS F 133 -36.38 -4.37 44.63
CA LYS F 133 -35.06 -5.01 44.73
C LYS F 133 -35.13 -6.53 44.62
N TYR F 134 -36.16 -7.17 45.24
CA TYR F 134 -36.35 -8.62 45.17
C TYR F 134 -36.63 -9.05 43.72
N CYS F 135 -37.62 -8.40 43.06
CA CYS F 135 -38.01 -8.68 41.69
C CYS F 135 -36.85 -8.48 40.71
N ALA F 136 -36.02 -7.45 40.95
CA ALA F 136 -34.84 -7.16 40.15
C ALA F 136 -33.79 -8.27 40.26
N ASP F 137 -33.56 -8.77 41.49
CA ASP F 137 -32.58 -9.82 41.77
C ASP F 137 -33.03 -11.22 41.35
N HIS F 138 -34.35 -11.48 41.38
CA HIS F 138 -34.90 -12.79 41.04
C HIS F 138 -35.51 -12.88 39.62
N PHE F 139 -35.25 -11.85 38.77
CA PHE F 139 -35.73 -11.77 37.39
C PHE F 139 -34.91 -12.74 36.53
N ALA F 140 -35.61 -13.62 35.77
CA ALA F 140 -35.03 -14.61 34.85
C ALA F 140 -33.90 -15.45 35.47
N ASP F 141 -34.14 -15.98 36.69
CA ASP F 141 -33.19 -16.78 37.44
C ASP F 141 -33.44 -18.30 37.32
N GLY F 142 -34.47 -18.66 36.55
CA GLY F 142 -34.85 -20.06 36.34
C GLY F 142 -35.93 -20.54 37.28
N ARG F 143 -36.06 -19.91 38.46
CA ARG F 143 -37.05 -20.24 39.49
C ARG F 143 -38.23 -19.26 39.47
N CYS F 144 -39.47 -19.80 39.55
CA CYS F 144 -40.71 -19.03 39.49
C CYS F 144 -41.03 -18.30 40.80
N ASP F 145 -41.07 -16.96 40.72
CA ASP F 145 -41.43 -16.08 41.83
C ASP F 145 -42.74 -15.38 41.41
N GLN F 146 -43.88 -15.94 41.88
CA GLN F 146 -45.24 -15.49 41.55
C GLN F 146 -45.57 -14.05 41.91
N GLY F 147 -45.02 -13.55 43.03
CA GLY F 147 -45.27 -12.19 43.51
C GLY F 147 -44.75 -11.09 42.60
N CYS F 148 -43.79 -11.45 41.75
CA CYS F 148 -43.18 -10.55 40.78
C CYS F 148 -43.80 -10.75 39.39
N ASN F 149 -44.47 -11.91 39.18
CA ASN F 149 -45.11 -12.29 37.91
C ASN F 149 -46.38 -11.46 37.62
N THR F 150 -46.16 -10.21 37.25
CA THR F 150 -47.16 -9.22 36.87
C THR F 150 -46.54 -8.29 35.81
N GLU F 151 -47.39 -7.61 35.01
CA GLU F 151 -47.00 -6.65 33.97
C GLU F 151 -46.01 -5.60 34.50
N GLU F 152 -46.34 -5.00 35.67
CA GLU F 152 -45.58 -3.95 36.37
C GLU F 152 -44.20 -4.39 36.82
N CYS F 153 -44.04 -5.66 37.22
CA CYS F 153 -42.76 -6.16 37.72
C CYS F 153 -42.01 -7.04 36.70
N GLY F 154 -42.35 -6.86 35.42
CA GLY F 154 -41.74 -7.56 34.30
C GLY F 154 -41.92 -9.06 34.21
N TRP F 155 -43.06 -9.60 34.71
CA TRP F 155 -43.44 -11.02 34.66
C TRP F 155 -42.38 -12.02 35.18
N ASP F 156 -41.47 -11.55 36.08
CA ASP F 156 -40.38 -12.33 36.69
C ASP F 156 -39.45 -13.01 35.64
N GLY F 157 -39.16 -12.31 34.55
CA GLY F 157 -38.30 -12.79 33.47
C GLY F 157 -38.80 -14.04 32.77
N LEU F 158 -40.14 -14.24 32.77
CA LEU F 158 -40.87 -15.36 32.17
C LEU F 158 -40.53 -16.72 32.83
N ASP F 159 -40.06 -16.70 34.09
CA ASP F 159 -39.69 -17.90 34.87
C ASP F 159 -40.90 -18.78 35.14
N CYS F 160 -42.08 -18.16 35.24
CA CYS F 160 -43.34 -18.86 35.49
C CYS F 160 -44.03 -19.29 34.17
N ALA F 161 -43.54 -18.81 33.02
CA ALA F 161 -44.10 -19.18 31.71
C ALA F 161 -43.02 -19.78 30.79
N SER F 162 -42.17 -20.66 31.35
CA SER F 162 -41.10 -21.37 30.65
C SER F 162 -41.62 -22.23 29.49
N GLU F 163 -42.75 -22.91 29.70
CA GLU F 163 -43.37 -23.82 28.74
C GLU F 163 -44.23 -23.09 27.68
N VAL F 164 -44.38 -21.76 27.81
CA VAL F 164 -45.11 -20.95 26.84
C VAL F 164 -44.11 -20.53 25.73
N PRO F 165 -44.40 -20.78 24.43
CA PRO F 165 -43.43 -20.38 23.39
C PRO F 165 -43.38 -18.86 23.19
N ALA F 166 -42.21 -18.37 22.76
CA ALA F 166 -41.94 -16.96 22.53
C ALA F 166 -42.81 -16.38 21.41
N LEU F 167 -43.36 -15.18 21.65
CA LEU F 167 -44.20 -14.44 20.71
C LEU F 167 -43.58 -13.05 20.55
N LEU F 168 -42.46 -13.02 19.82
CA LEU F 168 -41.66 -11.81 19.62
C LEU F 168 -42.33 -10.74 18.78
N ALA F 169 -42.18 -9.48 19.21
CA ALA F 169 -42.66 -8.30 18.49
C ALA F 169 -41.75 -8.05 17.30
N ARG F 170 -42.26 -7.31 16.32
CA ARG F 170 -41.57 -6.94 15.08
C ARG F 170 -40.33 -6.08 15.41
N GLY F 171 -39.17 -6.51 14.94
CA GLY F 171 -37.94 -5.74 15.09
C GLY F 171 -37.10 -5.97 16.34
N VAL F 172 -36.04 -5.14 16.45
CA VAL F 172 -35.04 -5.16 17.52
C VAL F 172 -34.95 -3.76 18.17
N LEU F 173 -35.14 -3.68 19.51
CA LEU F 173 -35.04 -2.42 20.22
C LEU F 173 -33.55 -2.17 20.53
N VAL F 174 -33.01 -1.05 20.03
CA VAL F 174 -31.60 -0.70 20.22
C VAL F 174 -31.45 0.49 21.17
N LEU F 175 -30.76 0.25 22.30
CA LEU F 175 -30.49 1.25 23.33
C LEU F 175 -29.01 1.58 23.42
N THR F 176 -28.67 2.87 23.37
CA THR F 176 -27.31 3.34 23.52
C THR F 176 -27.23 3.81 24.98
N VAL F 177 -26.78 2.91 25.87
CA VAL F 177 -26.67 3.16 27.31
C VAL F 177 -25.28 3.70 27.60
N LEU F 178 -25.19 4.82 28.34
CA LEU F 178 -23.93 5.48 28.72
C LEU F 178 -23.27 4.76 29.92
N LEU F 179 -22.97 3.46 29.71
CA LEU F 179 -22.34 2.55 30.67
C LEU F 179 -21.43 1.58 29.90
N PRO F 180 -20.22 1.23 30.41
CA PRO F 180 -19.37 0.27 29.68
C PRO F 180 -20.00 -1.13 29.65
N PRO F 181 -19.78 -1.95 28.59
CA PRO F 181 -20.42 -3.27 28.53
C PRO F 181 -20.24 -4.15 29.77
N GLU F 182 -19.05 -4.12 30.39
CA GLU F 182 -18.71 -4.87 31.60
C GLU F 182 -19.59 -4.48 32.79
N GLU F 183 -19.80 -3.15 32.98
CA GLU F 183 -20.62 -2.58 34.04
C GLU F 183 -22.09 -2.93 33.84
N LEU F 184 -22.56 -2.87 32.58
CA LEU F 184 -23.95 -3.14 32.20
C LEU F 184 -24.34 -4.60 32.39
N LEU F 185 -23.52 -5.55 31.87
CA LEU F 185 -23.77 -6.98 31.96
C LEU F 185 -23.80 -7.50 33.40
N ARG F 186 -23.09 -6.79 34.33
CA ARG F 186 -23.07 -7.13 35.75
C ARG F 186 -24.42 -6.78 36.37
N SER F 187 -25.04 -5.69 35.86
CA SER F 187 -26.35 -5.21 36.31
C SER F 187 -27.47 -5.56 35.31
N SER F 188 -27.28 -6.63 34.49
CA SER F 188 -28.22 -7.09 33.46
C SER F 188 -29.64 -7.37 33.95
N ALA F 189 -29.79 -8.16 35.04
CA ALA F 189 -31.10 -8.52 35.63
C ALA F 189 -31.92 -7.29 36.03
N ASP F 190 -31.28 -6.32 36.72
CA ASP F 190 -31.90 -5.06 37.18
C ASP F 190 -32.32 -4.19 35.99
N PHE F 191 -31.41 -4.05 35.01
CA PHE F 191 -31.63 -3.29 33.78
C PHE F 191 -32.83 -3.88 33.04
N LEU F 192 -32.82 -5.21 32.82
CA LEU F 192 -33.85 -5.94 32.10
C LEU F 192 -35.18 -5.99 32.83
N GLN F 193 -35.17 -6.03 34.17
CA GLN F 193 -36.40 -6.05 34.98
C GLN F 193 -37.11 -4.69 34.90
N ARG F 194 -36.38 -3.60 35.18
CA ARG F 194 -36.88 -2.22 35.17
C ARG F 194 -37.37 -1.76 33.80
N LEU F 195 -36.72 -2.22 32.71
CA LEU F 195 -37.12 -1.85 31.35
C LEU F 195 -38.38 -2.62 30.95
N SER F 196 -38.47 -3.91 31.36
CA SER F 196 -39.64 -4.76 31.13
C SER F 196 -40.84 -4.25 31.93
N ALA F 197 -40.58 -3.63 33.08
CA ALA F 197 -41.58 -3.04 33.96
C ALA F 197 -42.18 -1.80 33.31
N ILE F 198 -41.31 -0.87 32.82
CA ILE F 198 -41.69 0.39 32.16
C ILE F 198 -42.51 0.12 30.89
N LEU F 199 -42.07 -0.87 30.08
CA LEU F 199 -42.71 -1.22 28.80
C LEU F 199 -43.90 -2.19 28.92
N ARG F 200 -44.16 -2.70 30.16
CA ARG F 200 -45.24 -3.61 30.56
C ARG F 200 -45.29 -4.95 29.76
N THR F 201 -44.12 -5.39 29.28
CA THR F 201 -43.94 -6.65 28.55
C THR F 201 -42.62 -7.31 29.00
N SER F 202 -42.11 -8.31 28.28
CA SER F 202 -40.89 -9.00 28.69
C SER F 202 -39.74 -8.82 27.71
N LEU F 203 -38.67 -8.20 28.21
CA LEU F 203 -37.48 -7.86 27.44
C LEU F 203 -36.23 -8.63 27.82
N ARG F 204 -35.54 -9.12 26.78
CA ARG F 204 -34.31 -9.89 26.87
C ARG F 204 -33.33 -9.44 25.77
N PHE F 205 -32.02 -9.65 25.98
CA PHE F 205 -31.01 -9.29 24.99
C PHE F 205 -31.09 -10.26 23.81
N ARG F 206 -30.88 -9.74 22.59
CA ARG F 206 -30.83 -10.54 21.36
C ARG F 206 -29.52 -11.34 21.43
N LEU F 207 -29.50 -12.58 20.91
CA LEU F 207 -28.30 -13.41 20.99
C LEU F 207 -27.53 -13.59 19.67
N ASP F 208 -26.19 -13.75 19.80
CA ASP F 208 -25.21 -13.99 18.72
C ASP F 208 -25.44 -15.35 18.06
N ALA F 209 -24.62 -15.66 17.04
CA ALA F 209 -24.62 -16.96 16.36
C ALA F 209 -24.10 -18.01 17.36
N HIS F 210 -23.14 -17.60 18.21
CA HIS F 210 -22.53 -18.44 19.24
C HIS F 210 -23.41 -18.55 20.50
N GLY F 211 -24.37 -17.62 20.63
CA GLY F 211 -25.33 -17.60 21.73
C GLY F 211 -25.04 -16.63 22.86
N GLN F 212 -24.29 -15.55 22.59
CA GLN F 212 -23.95 -14.54 23.60
C GLN F 212 -24.75 -13.25 23.39
N ALA F 213 -25.00 -12.49 24.49
CA ALA F 213 -25.78 -11.24 24.49
C ALA F 213 -25.19 -10.19 23.56
N MET F 214 -26.07 -9.54 22.75
CA MET F 214 -25.67 -8.51 21.78
C MET F 214 -25.48 -7.13 22.45
N VAL F 215 -24.43 -7.05 23.28
CA VAL F 215 -24.01 -5.85 24.02
C VAL F 215 -22.58 -5.56 23.54
N PHE F 216 -22.41 -4.48 22.77
CA PHE F 216 -21.12 -4.10 22.18
C PHE F 216 -20.70 -2.68 22.62
N PRO F 217 -19.37 -2.36 22.69
CA PRO F 217 -18.98 -0.98 23.07
C PRO F 217 -19.38 0.08 22.05
N TYR F 218 -19.76 1.29 22.53
CA TYR F 218 -20.21 2.39 21.68
C TYR F 218 -19.06 3.35 21.30
N HIS F 219 -18.81 3.40 19.97
CA HIS F 219 -17.83 4.17 19.19
C HIS F 219 -16.38 3.73 19.57
N ARG F 220 -15.67 3.20 18.54
CA ARG F 220 -14.36 2.54 18.49
C ARG F 220 -13.18 3.18 19.30
N PRO F 221 -12.80 4.49 19.22
CA PRO F 221 -11.61 4.94 19.97
C PRO F 221 -11.81 4.94 21.49
N GLU F 222 -12.62 5.88 22.00
CA GLU F 222 -12.94 5.99 23.42
C GLU F 222 -14.28 5.29 23.62
N VAL F 223 -14.35 4.31 24.54
CA VAL F 223 -15.61 3.63 24.81
C VAL F 223 -16.42 4.52 25.76
N ILE F 224 -17.58 5.04 25.28
CA ILE F 224 -18.44 5.92 26.09
C ILE F 224 -19.71 5.20 26.57
N GLY F 225 -20.02 4.05 25.96
CA GLY F 225 -21.18 3.27 26.34
C GLY F 225 -21.29 1.90 25.70
N SER F 226 -22.55 1.41 25.61
CA SER F 226 -22.90 0.11 25.04
C SER F 226 -24.06 0.19 24.05
N VAL F 227 -23.97 -0.61 22.98
CA VAL F 227 -25.04 -0.76 21.99
C VAL F 227 -25.79 -2.02 22.49
N VAL F 228 -26.93 -1.80 23.14
CA VAL F 228 -27.74 -2.89 23.68
C VAL F 228 -28.87 -3.21 22.69
N MET F 229 -28.88 -4.45 22.17
CA MET F 229 -29.89 -4.93 21.22
C MET F 229 -30.85 -5.88 21.93
N LEU F 230 -32.08 -5.44 22.07
CA LEU F 230 -33.13 -6.14 22.81
C LEU F 230 -34.28 -6.65 21.97
N GLU F 231 -34.92 -7.72 22.47
CA GLU F 231 -36.07 -8.36 21.88
C GLU F 231 -37.26 -8.25 22.83
N ILE F 232 -38.46 -7.97 22.27
CA ILE F 232 -39.71 -7.81 23.02
C ILE F 232 -40.53 -9.09 22.89
N ASP F 233 -40.85 -9.73 24.02
CA ASP F 233 -41.65 -10.96 24.05
C ASP F 233 -43.03 -10.69 24.62
N ASN F 234 -44.08 -10.88 23.78
CA ASN F 234 -45.48 -10.63 24.16
C ASN F 234 -46.26 -11.92 24.41
N ARG F 235 -45.57 -12.99 24.87
CA ARG F 235 -46.21 -14.27 25.17
C ARG F 235 -47.21 -14.18 26.34
N LEU F 236 -46.93 -13.32 27.33
CA LEU F 236 -47.82 -13.10 28.48
C LEU F 236 -48.68 -11.86 28.31
N CYS F 237 -48.56 -11.22 27.15
CA CYS F 237 -49.34 -10.06 26.79
C CYS F 237 -50.59 -10.56 26.05
N LEU F 238 -51.58 -11.05 26.85
CA LEU F 238 -52.85 -11.64 26.42
C LEU F 238 -53.64 -10.80 25.41
N GLN F 239 -53.97 -11.42 24.26
CA GLN F 239 -54.67 -10.81 23.13
C GLN F 239 -56.13 -10.41 23.45
N SER F 240 -56.42 -9.11 23.21
CA SER F 240 -57.71 -8.43 23.40
C SER F 240 -58.17 -7.86 22.05
N PRO F 241 -59.51 -7.74 21.78
CA PRO F 241 -59.95 -7.22 20.46
C PRO F 241 -59.55 -5.78 20.12
N ASP F 244 -54.37 -3.50 22.68
CA ASP F 244 -54.82 -2.50 23.65
C ASP F 244 -53.67 -1.93 24.50
N HIS F 245 -52.61 -2.73 24.74
CA HIS F 245 -51.48 -2.33 25.60
C HIS F 245 -50.12 -2.92 25.20
N CYS F 246 -50.11 -3.89 24.26
CA CYS F 246 -48.92 -4.61 23.82
C CYS F 246 -48.25 -3.95 22.63
N PHE F 247 -46.94 -3.64 22.74
CA PHE F 247 -46.17 -3.05 21.64
C PHE F 247 -45.99 -4.06 20.49
N PRO F 248 -46.49 -3.71 19.27
CA PRO F 248 -46.37 -4.64 18.12
C PRO F 248 -44.98 -4.69 17.50
N ASP F 249 -44.24 -3.57 17.62
CA ASP F 249 -42.89 -3.40 17.09
C ASP F 249 -41.92 -2.71 18.06
N ALA F 250 -40.61 -2.78 17.75
CA ALA F 250 -39.53 -2.18 18.51
C ALA F 250 -39.50 -0.64 18.40
N GLN F 251 -39.99 -0.09 17.27
CA GLN F 251 -40.04 1.36 17.05
C GLN F 251 -41.09 2.06 17.94
N SER F 252 -42.22 1.38 18.24
CA SER F 252 -43.29 1.90 19.10
C SER F 252 -42.80 2.00 20.54
N ALA F 253 -42.06 0.96 21.01
CA ALA F 253 -41.46 0.93 22.34
C ALA F 253 -40.39 2.02 22.47
N ALA F 254 -39.66 2.30 21.36
CA ALA F 254 -38.67 3.37 21.26
C ALA F 254 -39.36 4.75 21.41
N ASP F 255 -40.51 4.94 20.71
CA ASP F 255 -41.33 6.15 20.76
C ASP F 255 -41.90 6.40 22.15
N TYR F 256 -42.25 5.33 22.88
CA TYR F 256 -42.79 5.43 24.25
C TYR F 256 -41.72 5.87 25.25
N LEU F 257 -40.48 5.33 25.14
CA LEU F 257 -39.35 5.73 25.99
C LEU F 257 -38.88 7.15 25.63
N GLY F 258 -39.02 7.51 24.35
CA GLY F 258 -38.74 8.84 23.85
C GLY F 258 -39.78 9.84 24.32
N ALA F 259 -41.04 9.37 24.44
CA ALA F 259 -42.18 10.18 24.93
C ALA F 259 -42.05 10.43 26.43
N LEU F 260 -41.52 9.42 27.17
CA LEU F 260 -41.31 9.46 28.61
C LEU F 260 -40.31 10.54 29.04
N SER F 261 -39.15 10.64 28.36
CA SER F 261 -38.13 11.65 28.67
C SER F 261 -38.56 13.06 28.27
N ALA F 262 -39.35 13.18 27.18
CA ALA F 262 -39.86 14.47 26.68
C ALA F 262 -40.77 15.17 27.70
N VAL F 263 -41.62 14.40 28.41
CA VAL F 263 -42.57 14.91 29.40
C VAL F 263 -42.06 14.75 30.85
N GLU F 264 -40.76 14.40 31.01
CA GLU F 264 -40.07 14.21 32.31
C GLU F 264 -40.77 13.15 33.18
N ARG F 265 -40.94 11.95 32.61
CA ARG F 265 -41.60 10.81 33.26
C ARG F 265 -40.79 9.49 33.18
N LEU F 266 -39.56 9.55 32.64
CA LEU F 266 -38.71 8.35 32.54
C LEU F 266 -38.06 8.02 33.87
N ASP F 267 -38.49 6.90 34.49
CA ASP F 267 -37.95 6.41 35.75
C ASP F 267 -37.09 5.16 35.51
N PHE F 268 -35.98 5.36 34.77
CA PHE F 268 -35.01 4.31 34.47
C PHE F 268 -33.63 4.76 34.96
N PRO F 269 -33.06 4.07 35.99
CA PRO F 269 -31.78 4.52 36.57
C PRO F 269 -30.53 4.42 35.70
N TYR F 270 -30.67 3.96 34.45
CA TYR F 270 -29.57 3.81 33.51
C TYR F 270 -29.55 4.93 32.46
N PRO F 271 -28.45 5.73 32.41
CA PRO F 271 -28.40 6.88 31.47
C PRO F 271 -28.43 6.45 30.00
N LEU F 272 -29.47 6.88 29.29
CA LEU F 272 -29.62 6.55 27.88
C LEU F 272 -29.24 7.75 27.01
N ARG F 273 -28.54 7.50 25.91
CA ARG F 273 -28.14 8.56 24.97
C ARG F 273 -29.24 8.63 23.91
N ASP F 274 -29.61 7.47 23.33
CA ASP F 274 -30.63 7.36 22.30
C ASP F 274 -31.41 6.05 22.36
N VAL F 275 -32.69 6.10 21.95
CA VAL F 275 -33.59 4.95 21.89
C VAL F 275 -34.03 4.79 20.43
N ARG F 276 -33.90 3.57 19.88
CA ARG F 276 -34.19 3.28 18.47
C ARG F 276 -34.75 1.87 18.28
N GLY F 277 -35.50 1.67 17.19
CA GLY F 277 -36.06 0.39 16.77
C GLY F 277 -35.48 0.05 15.41
N GLU F 278 -34.59 -0.94 15.35
CA GLU F 278 -33.88 -1.38 14.14
C GLU F 278 -34.41 -2.76 13.66
N PRO F 279 -35.48 -2.81 12.83
CA PRO F 279 -35.99 -4.13 12.39
C PRO F 279 -35.09 -4.77 11.35
N LEU F 280 -34.52 -5.95 11.69
CA LEU F 280 -33.66 -6.73 10.82
C LEU F 280 -34.37 -8.00 10.34
N GLU G 1 -9.87 53.07 -29.03
CA GLU G 1 -9.18 51.79 -28.95
C GLU G 1 -8.65 51.34 -30.31
N VAL G 2 -7.52 50.58 -30.29
CA VAL G 2 -6.85 50.05 -31.47
C VAL G 2 -7.76 49.05 -32.18
N GLN G 3 -8.00 49.24 -33.49
CA GLN G 3 -8.88 48.38 -34.29
C GLN G 3 -8.37 48.16 -35.70
N LEU G 4 -8.40 46.89 -36.15
CA LEU G 4 -8.00 46.48 -37.50
C LEU G 4 -9.15 45.68 -38.12
N VAL G 5 -9.73 46.20 -39.22
CA VAL G 5 -10.87 45.57 -39.90
C VAL G 5 -10.48 45.19 -41.32
N GLU G 6 -10.68 43.93 -41.65
CA GLU G 6 -10.33 43.41 -42.97
C GLU G 6 -11.48 43.36 -43.94
N SER G 7 -11.19 43.82 -45.16
CA SER G 7 -12.11 43.86 -46.28
C SER G 7 -11.52 43.11 -47.47
N GLY G 8 -12.37 42.66 -48.36
CA GLY G 8 -11.97 41.87 -49.53
C GLY G 8 -12.13 40.40 -49.27
N GLY G 9 -11.63 39.58 -50.17
CA GLY G 9 -11.68 38.13 -50.02
C GLY G 9 -13.03 37.50 -50.26
N GLY G 10 -12.98 36.26 -50.71
CA GLY G 10 -14.13 35.43 -51.05
C GLY G 10 -13.74 34.43 -52.11
N LEU G 11 -14.66 34.14 -53.04
CA LEU G 11 -14.38 33.18 -54.10
C LEU G 11 -13.72 33.86 -55.31
N VAL G 12 -12.48 33.44 -55.60
CA VAL G 12 -11.63 33.94 -56.68
C VAL G 12 -11.29 32.77 -57.63
N GLN G 13 -11.00 33.08 -58.90
CA GLN G 13 -10.64 32.12 -59.93
C GLN G 13 -9.10 31.97 -59.96
N PRO G 14 -8.53 30.78 -60.29
CA PRO G 14 -7.06 30.66 -60.30
C PRO G 14 -6.37 31.42 -61.43
N GLY G 15 -5.29 32.10 -61.06
CA GLY G 15 -4.47 32.93 -61.95
C GLY G 15 -4.84 34.39 -61.86
N GLY G 16 -6.08 34.67 -61.45
CA GLY G 16 -6.60 36.03 -61.32
C GLY G 16 -6.05 36.77 -60.12
N SER G 17 -6.25 38.09 -60.11
CA SER G 17 -5.81 39.00 -59.03
C SER G 17 -6.92 39.21 -58.00
N LEU G 18 -6.51 39.60 -56.78
CA LEU G 18 -7.39 39.93 -55.64
C LEU G 18 -6.58 40.78 -54.67
N ARG G 19 -7.13 41.93 -54.24
CA ARG G 19 -6.45 42.79 -53.28
C ARG G 19 -7.31 42.97 -52.00
N LEU G 20 -6.68 42.72 -50.85
CA LEU G 20 -7.27 42.73 -49.50
C LEU G 20 -6.99 44.06 -48.83
N SER G 21 -7.90 44.49 -47.95
CA SER G 21 -7.78 45.74 -47.21
C SER G 21 -7.79 45.49 -45.71
N CYS G 22 -7.08 46.36 -44.95
CA CYS G 22 -7.00 46.35 -43.48
C CYS G 22 -7.10 47.78 -42.98
N ALA G 23 -8.32 48.18 -42.57
CA ALA G 23 -8.59 49.54 -42.12
C ALA G 23 -8.24 49.71 -40.65
N ALA G 24 -7.16 50.46 -40.39
CA ALA G 24 -6.64 50.75 -39.06
C ALA G 24 -7.25 52.01 -38.46
N SER G 25 -7.51 51.98 -37.13
CA SER G 25 -8.07 53.08 -36.35
C SER G 25 -7.66 52.97 -34.87
N GLY G 26 -7.80 54.08 -34.14
CA GLY G 26 -7.50 54.17 -32.71
C GLY G 26 -6.05 54.36 -32.33
N TYR G 27 -5.18 54.67 -33.32
CA TYR G 27 -3.74 54.89 -33.12
C TYR G 27 -3.08 55.65 -34.29
N ALA G 28 -1.85 56.15 -34.06
CA ALA G 28 -1.04 56.85 -35.06
C ALA G 28 -0.46 55.81 -36.03
N PHE G 29 -1.10 55.69 -37.22
CA PHE G 29 -0.78 54.72 -38.28
C PHE G 29 0.71 54.72 -38.69
N THR G 30 1.31 55.91 -38.81
CA THR G 30 2.70 56.12 -39.21
C THR G 30 3.75 55.66 -38.17
N ASP G 31 3.33 55.41 -36.91
CA ASP G 31 4.23 55.02 -35.82
C ASP G 31 4.59 53.52 -35.73
N TYR G 32 3.78 52.62 -36.34
CA TYR G 32 3.99 51.17 -36.24
C TYR G 32 4.00 50.47 -37.59
N TRP G 33 4.81 49.40 -37.72
CA TRP G 33 4.89 48.55 -38.92
C TRP G 33 3.62 47.70 -39.01
N MET G 34 3.14 47.42 -40.22
CA MET G 34 1.94 46.61 -40.45
C MET G 34 2.29 45.29 -41.14
N THR G 35 1.74 44.18 -40.63
CA THR G 35 2.01 42.81 -41.08
C THR G 35 0.78 42.08 -41.64
N TRP G 36 1.02 41.12 -42.58
CA TRP G 36 0.04 40.21 -43.13
C TRP G 36 0.46 38.79 -42.76
N VAL G 37 -0.46 38.02 -42.16
CA VAL G 37 -0.27 36.62 -41.74
C VAL G 37 -1.40 35.81 -42.38
N ARG G 38 -1.09 34.63 -42.94
CA ARG G 38 -2.09 33.77 -43.53
C ARG G 38 -2.17 32.41 -42.83
N GLN G 39 -3.32 31.75 -42.91
CA GLN G 39 -3.53 30.43 -42.29
C GLN G 39 -4.42 29.53 -43.13
N ALA G 40 -3.81 28.53 -43.79
CA ALA G 40 -4.48 27.56 -44.64
C ALA G 40 -5.44 26.68 -43.80
N PRO G 41 -6.64 26.33 -44.32
CA PRO G 41 -7.59 25.52 -43.51
C PRO G 41 -6.98 24.20 -43.07
N GLY G 42 -6.89 24.06 -41.75
CA GLY G 42 -6.29 22.90 -41.11
C GLY G 42 -4.83 23.06 -40.77
N LYS G 43 -4.12 23.99 -41.44
CA LYS G 43 -2.70 24.23 -41.25
C LYS G 43 -2.41 25.36 -40.24
N GLY G 44 -1.13 25.61 -39.97
CA GLY G 44 -0.67 26.63 -39.03
C GLY G 44 -0.49 28.02 -39.62
N LEU G 45 -0.10 28.99 -38.75
CA LEU G 45 0.12 30.40 -39.13
C LEU G 45 1.36 30.55 -39.99
N GLU G 46 1.31 31.47 -40.98
CA GLU G 46 2.41 31.76 -41.88
C GLU G 46 2.53 33.26 -42.10
N TRP G 47 3.68 33.84 -41.73
CA TRP G 47 3.96 35.27 -41.90
C TRP G 47 4.21 35.56 -43.39
N VAL G 48 3.41 36.48 -43.98
CA VAL G 48 3.50 36.81 -45.40
C VAL G 48 4.52 37.93 -45.64
N ALA G 49 4.24 39.16 -45.16
CA ALA G 49 5.09 40.33 -45.34
C ALA G 49 4.71 41.45 -44.38
N GLU G 50 5.55 42.51 -44.35
CA GLU G 50 5.32 43.71 -43.55
C GLU G 50 5.67 44.98 -44.32
N ILE G 51 5.10 46.11 -43.89
CA ILE G 51 5.27 47.43 -44.51
C ILE G 51 5.34 48.54 -43.47
N SER G 52 6.27 49.49 -43.68
CA SER G 52 6.41 50.66 -42.82
C SER G 52 5.56 51.79 -43.43
N PRO G 53 4.45 52.19 -42.76
CA PRO G 53 3.61 53.28 -43.30
C PRO G 53 4.30 54.64 -43.36
N ASN G 54 5.39 54.81 -42.58
CA ASN G 54 6.18 56.04 -42.51
C ASN G 54 7.29 56.15 -43.55
N SER G 55 7.93 55.02 -43.90
CA SER G 55 9.05 55.01 -44.85
C SER G 55 8.71 54.38 -46.19
N GLY G 56 7.77 53.43 -46.19
CA GLY G 56 7.37 52.69 -47.38
C GLY G 56 8.22 51.46 -47.58
N GLY G 57 9.07 51.16 -46.58
CA GLY G 57 9.98 50.02 -46.55
C GLY G 57 9.25 48.71 -46.32
N THR G 58 9.66 47.65 -47.03
CA THR G 58 9.03 46.34 -46.98
C THR G 58 10.01 45.23 -46.62
N ASN G 59 9.48 44.17 -46.00
CA ASN G 59 10.17 42.93 -45.65
C ASN G 59 9.21 41.82 -46.02
N PHE G 60 9.69 40.78 -46.70
CA PHE G 60 8.88 39.67 -47.20
C PHE G 60 9.40 38.29 -46.79
N ASN G 61 8.49 37.29 -46.85
CA ASN G 61 8.81 35.87 -46.72
C ASN G 61 9.11 35.50 -48.19
N GLU G 62 10.34 35.02 -48.47
CA GLU G 62 10.81 34.73 -49.84
C GLU G 62 9.89 33.82 -50.69
N LYS G 63 8.87 33.20 -50.07
CA LYS G 63 7.88 32.37 -50.75
C LYS G 63 6.99 33.23 -51.68
N PHE G 64 6.58 34.43 -51.19
CA PHE G 64 5.68 35.34 -51.90
C PHE G 64 6.36 36.64 -52.38
N LYS G 65 7.70 36.62 -52.51
CA LYS G 65 8.52 37.78 -52.91
C LYS G 65 8.18 38.38 -54.29
N GLY G 66 7.51 37.63 -55.16
CA GLY G 66 7.22 38.06 -56.52
C GLY G 66 5.77 38.25 -56.86
N ARG G 67 4.91 37.28 -56.47
CA ARG G 67 3.47 37.31 -56.77
C ARG G 67 2.71 38.32 -55.89
N PHE G 68 3.16 38.50 -54.64
CA PHE G 68 2.49 39.37 -53.68
C PHE G 68 3.17 40.72 -53.57
N THR G 69 2.34 41.80 -53.51
CA THR G 69 2.76 43.20 -53.42
C THR G 69 2.04 43.90 -52.25
N ILE G 70 2.82 44.44 -51.30
CA ILE G 70 2.28 45.12 -50.12
C ILE G 70 2.30 46.66 -50.30
N SER G 71 1.11 47.29 -50.12
CA SER G 71 0.91 48.73 -50.30
C SER G 71 0.16 49.41 -49.13
N VAL G 72 0.22 50.76 -49.08
CA VAL G 72 -0.42 51.59 -48.05
C VAL G 72 -1.07 52.86 -48.60
N ASP G 73 -2.06 53.35 -47.86
CA ASP G 73 -2.75 54.61 -48.10
C ASP G 73 -2.89 55.26 -46.73
N ASN G 74 -1.95 56.16 -46.43
CA ASN G 74 -1.87 56.87 -45.14
C ASN G 74 -3.11 57.70 -44.84
N ALA G 75 -3.70 58.33 -45.87
CA ALA G 75 -4.92 59.15 -45.77
C ALA G 75 -6.11 58.32 -45.31
N LYS G 76 -6.22 57.08 -45.81
CA LYS G 76 -7.29 56.13 -45.48
C LYS G 76 -6.90 55.23 -44.28
N ASN G 77 -5.67 55.41 -43.71
CA ASN G 77 -5.10 54.61 -42.61
C ASN G 77 -5.32 53.13 -42.91
N SER G 78 -4.94 52.70 -44.12
CA SER G 78 -5.20 51.36 -44.57
C SER G 78 -3.99 50.62 -45.10
N LEU G 79 -3.90 49.33 -44.72
CA LEU G 79 -2.88 48.36 -45.11
C LEU G 79 -3.50 47.49 -46.21
N TYR G 80 -2.78 47.30 -47.32
CA TYR G 80 -3.27 46.49 -48.44
C TYR G 80 -2.33 45.34 -48.81
N LEU G 81 -2.90 44.27 -49.39
CA LEU G 81 -2.18 43.10 -49.88
C LEU G 81 -2.73 42.76 -51.26
N GLN G 82 -1.83 42.65 -52.25
CA GLN G 82 -2.18 42.32 -53.64
C GLN G 82 -1.62 40.95 -54.02
N MET G 83 -2.53 39.99 -54.25
CA MET G 83 -2.20 38.64 -54.70
C MET G 83 -2.53 38.62 -56.18
N ASN G 84 -1.56 38.25 -57.05
CA ASN G 84 -1.76 38.36 -58.49
C ASN G 84 -1.94 37.03 -59.26
N SER G 85 -1.03 36.05 -59.12
CA SER G 85 -1.10 34.78 -59.83
C SER G 85 -1.57 33.68 -58.85
N LEU G 86 -2.81 33.87 -58.35
CA LEU G 86 -3.47 33.04 -57.36
C LEU G 86 -3.61 31.56 -57.72
N ARG G 87 -3.16 30.66 -56.82
CA ARG G 87 -3.27 29.21 -56.98
C ARG G 87 -4.11 28.63 -55.83
N ALA G 88 -4.56 27.36 -55.95
CA ALA G 88 -5.38 26.66 -54.95
C ALA G 88 -4.77 26.66 -53.54
N GLU G 89 -3.42 26.61 -53.46
CA GLU G 89 -2.64 26.61 -52.22
C GLU G 89 -2.72 27.95 -51.46
N ASP G 90 -3.19 29.02 -52.13
CA ASP G 90 -3.32 30.33 -51.52
C ASP G 90 -4.64 30.50 -50.74
N THR G 91 -5.51 29.45 -50.77
CA THR G 91 -6.76 29.41 -50.03
C THR G 91 -6.40 29.38 -48.56
N ALA G 92 -6.69 30.48 -47.86
CA ALA G 92 -6.37 30.69 -46.44
C ALA G 92 -7.14 31.86 -45.85
N VAL G 93 -7.13 31.95 -44.52
CA VAL G 93 -7.69 33.08 -43.81
C VAL G 93 -6.49 34.03 -43.73
N TYR G 94 -6.69 35.28 -44.16
CA TYR G 94 -5.65 36.31 -44.13
C TYR G 94 -5.92 37.32 -43.02
N TYR G 95 -4.97 37.41 -42.07
CA TYR G 95 -4.99 38.29 -40.91
C TYR G 95 -4.02 39.46 -41.09
N CYS G 96 -4.44 40.65 -40.67
CA CYS G 96 -3.56 41.83 -40.66
C CYS G 96 -3.27 42.13 -39.20
N ALA G 97 -1.99 42.34 -38.86
CA ALA G 97 -1.60 42.61 -37.48
C ALA G 97 -0.69 43.82 -37.35
N ARG G 98 -0.81 44.52 -36.22
CA ARG G 98 0.03 45.67 -35.91
C ARG G 98 1.32 45.13 -35.27
N GLY G 99 2.44 45.45 -35.92
CA GLY G 99 3.75 45.03 -35.47
C GLY G 99 4.23 45.94 -34.37
N GLU G 100 4.23 45.42 -33.13
CA GLU G 100 4.66 46.21 -31.97
C GLU G 100 6.14 46.51 -32.03
N ILE G 101 6.46 47.80 -32.18
CA ILE G 101 7.77 48.42 -32.19
C ILE G 101 8.87 47.66 -33.00
N ARG G 102 10.16 47.87 -32.64
CA ARG G 102 11.37 47.27 -33.22
C ARG G 102 11.42 45.75 -33.13
N TYR G 103 10.67 45.14 -32.21
CA TYR G 103 10.71 43.68 -32.04
C TYR G 103 9.66 42.93 -32.85
N ASN G 104 8.59 43.62 -33.30
CA ASN G 104 7.52 43.11 -34.15
C ASN G 104 6.68 41.96 -33.55
N TRP G 105 6.27 42.07 -32.25
CA TRP G 105 5.35 41.08 -31.66
C TRP G 105 3.94 41.61 -31.96
N PHE G 106 2.94 40.73 -32.07
CA PHE G 106 1.60 41.19 -32.45
C PHE G 106 0.57 41.10 -31.33
N ALA G 107 0.26 42.26 -30.72
CA ALA G 107 -0.74 42.39 -29.66
C ALA G 107 -2.12 42.59 -30.27
N TYR G 108 -2.17 43.33 -31.40
CA TYR G 108 -3.41 43.66 -32.11
C TYR G 108 -3.48 42.96 -33.46
N TRP G 109 -4.59 42.26 -33.71
CA TRP G 109 -4.85 41.51 -34.94
C TRP G 109 -6.22 41.86 -35.49
N GLY G 110 -6.41 41.62 -36.78
CA GLY G 110 -7.69 41.81 -37.45
C GLY G 110 -8.55 40.58 -37.21
N GLN G 111 -9.80 40.60 -37.67
CA GLN G 111 -10.70 39.46 -37.48
C GLN G 111 -10.39 38.28 -38.43
N GLY G 112 -9.72 38.56 -39.54
CA GLY G 112 -9.36 37.57 -40.55
C GLY G 112 -10.39 37.53 -41.66
N THR G 113 -9.91 37.34 -42.92
CA THR G 113 -10.77 37.26 -44.11
C THR G 113 -10.40 36.02 -44.96
N LEU G 114 -11.40 35.19 -45.30
CA LEU G 114 -11.20 33.97 -46.08
C LEU G 114 -11.14 34.26 -47.58
N VAL G 115 -10.12 33.70 -48.23
CA VAL G 115 -9.86 33.78 -49.66
C VAL G 115 -9.93 32.34 -50.19
N THR G 116 -10.84 32.07 -51.12
CA THR G 116 -11.02 30.74 -51.71
C THR G 116 -10.67 30.79 -53.20
N VAL G 117 -9.54 30.16 -53.57
CA VAL G 117 -9.12 30.16 -54.97
C VAL G 117 -9.54 28.83 -55.63
N SER G 118 -10.62 28.87 -56.43
CA SER G 118 -11.12 27.66 -57.09
C SER G 118 -11.76 27.89 -58.47
N SER G 119 -11.50 26.96 -59.40
CA SER G 119 -12.05 26.97 -60.76
C SER G 119 -13.52 26.57 -60.74
N ALA G 120 -13.89 25.73 -59.75
CA ALA G 120 -15.21 25.16 -59.52
C ALA G 120 -16.35 26.17 -59.46
N SER G 121 -17.56 25.71 -59.86
CA SER G 121 -18.82 26.43 -59.88
C SER G 121 -19.82 25.74 -58.92
N THR G 122 -20.89 26.46 -58.49
CA THR G 122 -21.91 25.91 -57.58
C THR G 122 -22.55 24.66 -58.20
N LYS G 123 -22.36 23.49 -57.54
CA LYS G 123 -22.83 22.18 -58.01
C LYS G 123 -23.11 21.23 -56.85
N GLY G 124 -23.68 20.05 -57.17
CA GLY G 124 -24.04 18.99 -56.23
C GLY G 124 -24.91 19.42 -55.06
N PRO G 125 -24.99 18.65 -53.95
CA PRO G 125 -24.34 17.37 -53.62
C PRO G 125 -25.15 16.13 -53.99
N SER G 126 -24.52 14.95 -53.87
CA SER G 126 -25.17 13.67 -54.11
C SER G 126 -25.07 12.84 -52.82
N VAL G 127 -26.23 12.60 -52.19
CA VAL G 127 -26.31 11.83 -50.93
C VAL G 127 -26.45 10.34 -51.23
N PHE G 128 -25.53 9.54 -50.66
CA PHE G 128 -25.50 8.09 -50.82
C PHE G 128 -25.57 7.41 -49.44
N PRO G 129 -26.37 6.35 -49.24
CA PRO G 129 -26.43 5.74 -47.90
C PRO G 129 -25.28 4.79 -47.59
N LEU G 130 -24.80 4.85 -46.34
CA LEU G 130 -23.77 3.98 -45.79
C LEU G 130 -24.54 3.00 -44.90
N ALA G 131 -25.08 1.94 -45.53
CA ALA G 131 -25.93 0.92 -44.91
C ALA G 131 -25.26 0.05 -43.85
N PRO G 132 -25.96 -0.28 -42.74
CA PRO G 132 -25.36 -1.16 -41.73
C PRO G 132 -25.29 -2.61 -42.20
N SER G 133 -24.24 -3.34 -41.79
CA SER G 133 -24.04 -4.76 -42.16
C SER G 133 -24.77 -5.71 -41.19
N SER G 134 -24.29 -6.96 -41.06
CA SER G 134 -24.82 -7.98 -40.15
C SER G 134 -23.94 -8.12 -38.89
N LYS G 135 -22.78 -7.42 -38.88
CA LYS G 135 -21.82 -7.38 -37.79
C LYS G 135 -22.00 -6.08 -37.00
N GLY G 140 -25.58 -6.06 -29.55
CA GLY G 140 -24.55 -5.32 -30.28
C GLY G 140 -24.98 -3.95 -30.78
N THR G 141 -24.00 -3.17 -31.27
CA THR G 141 -24.20 -1.81 -31.81
C THR G 141 -23.89 -1.82 -33.31
N ALA G 142 -24.75 -1.16 -34.10
CA ALA G 142 -24.60 -1.05 -35.54
C ALA G 142 -24.38 0.40 -35.95
N ALA G 143 -23.51 0.62 -36.94
CA ALA G 143 -23.21 1.95 -37.46
C ALA G 143 -23.81 2.12 -38.85
N LEU G 144 -24.38 3.31 -39.09
CA LEU G 144 -25.07 3.75 -40.31
C LEU G 144 -24.34 4.97 -40.85
N GLY G 145 -24.91 5.58 -41.89
CA GLY G 145 -24.44 6.87 -42.36
C GLY G 145 -24.92 7.35 -43.72
N CYS G 146 -24.44 8.53 -44.11
CA CYS G 146 -24.70 9.19 -45.38
C CYS G 146 -23.41 9.78 -45.94
N LEU G 147 -23.18 9.59 -47.24
CA LEU G 147 -22.03 10.13 -47.96
C LEU G 147 -22.50 11.30 -48.82
N VAL G 148 -22.19 12.53 -48.40
CA VAL G 148 -22.56 13.75 -49.11
C VAL G 148 -21.37 14.06 -50.03
N LYS G 149 -21.41 13.53 -51.28
CA LYS G 149 -20.33 13.63 -52.26
C LYS G 149 -20.51 14.71 -53.33
N ASP G 150 -19.36 15.22 -53.83
CA ASP G 150 -19.15 16.20 -54.89
C ASP G 150 -20.09 17.42 -54.84
N TYR G 151 -19.65 18.49 -54.16
CA TYR G 151 -20.37 19.76 -54.03
C TYR G 151 -19.42 20.95 -53.94
N PHE G 152 -19.95 22.13 -54.27
CA PHE G 152 -19.23 23.39 -54.21
C PHE G 152 -20.22 24.55 -54.10
N PRO G 153 -20.01 25.52 -53.18
CA PRO G 153 -18.92 25.64 -52.20
C PRO G 153 -19.31 24.99 -50.87
N GLU G 154 -18.70 25.44 -49.78
CA GLU G 154 -19.03 24.97 -48.44
C GLU G 154 -20.04 25.96 -47.81
N PRO G 155 -20.90 25.55 -46.86
CA PRO G 155 -20.98 24.28 -46.13
C PRO G 155 -22.24 23.45 -46.41
N VAL G 156 -22.30 22.25 -45.79
CA VAL G 156 -23.48 21.39 -45.83
C VAL G 156 -23.89 21.07 -44.40
N THR G 157 -25.19 21.13 -44.10
CA THR G 157 -25.72 20.83 -42.78
C THR G 157 -26.39 19.47 -42.85
N VAL G 158 -25.93 18.52 -42.00
CA VAL G 158 -26.50 17.17 -41.96
C VAL G 158 -27.10 16.89 -40.57
N SER G 159 -28.40 16.60 -40.53
CA SER G 159 -29.11 16.25 -39.30
C SER G 159 -29.71 14.86 -39.47
N TRP G 160 -30.04 14.18 -38.36
CA TRP G 160 -30.62 12.85 -38.39
C TRP G 160 -32.01 12.85 -37.79
N ASN G 161 -33.00 12.34 -38.55
CA ASN G 161 -34.43 12.28 -38.19
C ASN G 161 -34.95 13.65 -37.73
N SER G 162 -34.75 14.68 -38.59
CA SER G 162 -35.13 16.08 -38.36
C SER G 162 -34.62 16.66 -37.03
N GLY G 163 -33.40 16.27 -36.64
CA GLY G 163 -32.74 16.73 -35.43
C GLY G 163 -33.07 15.99 -34.15
N ALA G 164 -34.03 15.04 -34.22
CA ALA G 164 -34.44 14.24 -33.06
C ALA G 164 -33.37 13.21 -32.65
N LEU G 165 -32.51 12.80 -33.61
CA LEU G 165 -31.41 11.87 -33.38
C LEU G 165 -30.11 12.68 -33.35
N THR G 166 -29.52 12.81 -32.16
CA THR G 166 -28.28 13.57 -31.94
C THR G 166 -27.18 12.71 -31.32
N SER G 167 -27.56 11.71 -30.50
CA SER G 167 -26.65 10.81 -29.80
C SER G 167 -25.92 9.87 -30.75
N GLY G 168 -24.59 9.87 -30.65
CA GLY G 168 -23.70 9.04 -31.47
C GLY G 168 -23.48 9.55 -32.88
N VAL G 169 -24.04 10.73 -33.22
CA VAL G 169 -23.89 11.36 -34.53
C VAL G 169 -22.47 11.94 -34.66
N HIS G 170 -21.83 11.71 -35.81
CA HIS G 170 -20.49 12.19 -36.11
C HIS G 170 -20.40 12.70 -37.54
N THR G 171 -20.64 14.01 -37.72
CA THR G 171 -20.54 14.65 -39.04
C THR G 171 -19.10 15.12 -39.24
N PHE G 172 -18.35 14.37 -40.05
CA PHE G 172 -16.94 14.62 -40.34
C PHE G 172 -16.69 15.90 -41.15
N PRO G 173 -15.57 16.63 -40.89
CA PRO G 173 -15.29 17.85 -41.66
C PRO G 173 -15.05 17.53 -43.14
N ALA G 174 -15.60 18.36 -44.04
CA ALA G 174 -15.47 18.19 -45.49
C ALA G 174 -14.01 18.16 -45.93
N VAL G 175 -13.71 17.32 -46.92
CA VAL G 175 -12.36 17.21 -47.47
C VAL G 175 -12.43 17.56 -48.96
N LEU G 176 -11.60 18.52 -49.38
CA LEU G 176 -11.49 18.97 -50.77
C LEU G 176 -10.81 17.89 -51.61
N GLN G 177 -11.50 17.40 -52.66
CA GLN G 177 -11.04 16.34 -53.56
C GLN G 177 -10.18 16.91 -54.71
N SER G 178 -9.57 16.01 -55.50
CA SER G 178 -8.75 16.33 -56.69
C SER G 178 -9.57 17.11 -57.74
N SER G 179 -10.89 16.80 -57.83
CA SER G 179 -11.85 17.42 -58.76
C SER G 179 -12.17 18.89 -58.40
N GLY G 180 -11.74 19.33 -57.22
CA GLY G 180 -11.99 20.66 -56.70
C GLY G 180 -13.34 20.78 -56.01
N LEU G 181 -13.93 19.61 -55.67
CA LEU G 181 -15.23 19.52 -55.03
C LEU G 181 -15.11 18.93 -53.64
N TYR G 182 -15.97 19.40 -52.71
CA TYR G 182 -15.98 18.93 -51.32
C TYR G 182 -16.78 17.64 -51.17
N SER G 183 -16.43 16.85 -50.15
CA SER G 183 -17.07 15.58 -49.83
C SER G 183 -16.92 15.26 -48.34
N LEU G 184 -18.02 14.84 -47.70
CA LEU G 184 -18.01 14.45 -46.28
C LEU G 184 -18.95 13.29 -45.99
N SER G 185 -18.87 12.75 -44.77
CA SER G 185 -19.69 11.66 -44.29
C SER G 185 -20.26 11.99 -42.92
N SER G 186 -21.48 11.53 -42.67
CA SER G 186 -22.18 11.71 -41.40
C SER G 186 -22.61 10.33 -40.94
N VAL G 187 -22.05 9.86 -39.82
CA VAL G 187 -22.36 8.53 -39.28
C VAL G 187 -23.09 8.60 -37.93
N VAL G 188 -23.78 7.50 -37.57
CA VAL G 188 -24.50 7.38 -36.31
C VAL G 188 -24.48 5.91 -35.83
N THR G 189 -24.15 5.68 -34.56
CA THR G 189 -24.15 4.34 -33.96
C THR G 189 -25.46 4.15 -33.23
N VAL G 190 -26.22 3.11 -33.64
CA VAL G 190 -27.54 2.78 -33.11
C VAL G 190 -27.61 1.28 -32.67
N PRO G 191 -28.53 0.88 -31.76
CA PRO G 191 -28.61 -0.55 -31.39
C PRO G 191 -29.06 -1.42 -32.57
N SER G 192 -28.42 -2.59 -32.74
CA SER G 192 -28.70 -3.55 -33.82
C SER G 192 -30.17 -3.99 -33.89
N SER G 193 -30.82 -4.12 -32.72
CA SER G 193 -32.22 -4.52 -32.56
C SER G 193 -33.23 -3.55 -33.19
N SER G 194 -32.88 -2.26 -33.28
CA SER G 194 -33.74 -1.21 -33.82
C SER G 194 -33.76 -1.10 -35.35
N LEU G 195 -32.76 -1.72 -36.03
CA LEU G 195 -32.60 -1.68 -37.50
C LEU G 195 -33.84 -2.07 -38.32
N GLY G 196 -34.64 -3.01 -37.83
CA GLY G 196 -35.85 -3.47 -38.51
C GLY G 196 -37.13 -2.73 -38.13
N THR G 197 -37.06 -1.91 -37.04
CA THR G 197 -38.18 -1.14 -36.50
C THR G 197 -38.00 0.37 -36.75
N GLN G 198 -37.04 1.02 -36.06
CA GLN G 198 -36.74 2.45 -36.16
C GLN G 198 -36.16 2.85 -37.53
N THR G 199 -36.76 3.88 -38.15
CA THR G 199 -36.39 4.47 -39.44
C THR G 199 -35.28 5.52 -39.21
N TYR G 200 -34.28 5.55 -40.11
CA TYR G 200 -33.15 6.48 -40.05
C TYR G 200 -33.04 7.29 -41.32
N ILE G 201 -33.23 8.61 -41.20
CA ILE G 201 -33.19 9.57 -42.32
C ILE G 201 -32.13 10.65 -42.06
N CYS G 202 -31.26 10.90 -43.05
CA CYS G 202 -30.27 11.99 -42.94
C CYS G 202 -30.79 13.19 -43.74
N ASN G 203 -30.93 14.34 -43.07
CA ASN G 203 -31.42 15.56 -43.69
C ASN G 203 -30.24 16.45 -44.06
N VAL G 204 -29.90 16.44 -45.36
CA VAL G 204 -28.80 17.18 -45.99
C VAL G 204 -29.31 18.48 -46.61
N ASN G 205 -28.67 19.61 -46.28
CA ASN G 205 -29.03 20.92 -46.80
C ASN G 205 -27.81 21.70 -47.29
N HIS G 206 -27.78 22.00 -48.59
CA HIS G 206 -26.73 22.79 -49.25
C HIS G 206 -27.35 24.10 -49.73
N LYS G 207 -27.47 25.08 -48.80
CA LYS G 207 -28.06 26.40 -49.06
C LYS G 207 -27.48 27.13 -50.29
N PRO G 208 -26.14 27.18 -50.57
CA PRO G 208 -25.65 27.87 -51.78
C PRO G 208 -26.26 27.41 -53.11
N SER G 209 -26.63 26.11 -53.23
CA SER G 209 -27.25 25.58 -54.44
C SER G 209 -28.76 25.31 -54.26
N ASN G 210 -29.35 25.79 -53.13
CA ASN G 210 -30.76 25.61 -52.74
C ASN G 210 -31.21 24.14 -52.84
N THR G 211 -30.36 23.23 -52.33
CA THR G 211 -30.57 21.79 -52.36
C THR G 211 -30.96 21.23 -51.00
N LYS G 212 -32.02 20.40 -50.97
CA LYS G 212 -32.54 19.74 -49.78
C LYS G 212 -32.80 18.27 -50.13
N VAL G 213 -31.95 17.38 -49.62
CA VAL G 213 -32.03 15.94 -49.89
C VAL G 213 -32.18 15.16 -48.58
N ASP G 214 -33.23 14.33 -48.49
CA ASP G 214 -33.51 13.43 -47.36
C ASP G 214 -33.29 12.00 -47.85
N LYS G 215 -32.49 11.21 -47.11
CA LYS G 215 -32.19 9.83 -47.48
C LYS G 215 -32.46 8.84 -46.35
N LYS G 216 -33.30 7.83 -46.64
CA LYS G 216 -33.65 6.78 -45.69
C LYS G 216 -32.58 5.69 -45.77
N VAL G 217 -31.75 5.57 -44.72
CA VAL G 217 -30.67 4.58 -44.66
C VAL G 217 -31.27 3.25 -44.22
N GLU G 218 -31.30 2.28 -45.17
CA GLU G 218 -31.88 0.96 -44.98
C GLU G 218 -30.84 -0.16 -45.11
N PRO G 219 -30.96 -1.27 -44.34
CA PRO G 219 -29.99 -2.37 -44.52
C PRO G 219 -30.31 -3.19 -45.77
N GLU H 1 20.32 -29.67 17.07
CA GLU H 1 19.17 -30.58 17.16
C GLU H 1 17.87 -29.93 16.65
N VAL H 2 16.96 -30.76 16.09
CA VAL H 2 15.66 -30.36 15.57
C VAL H 2 14.80 -29.82 16.71
N GLN H 3 14.24 -28.62 16.53
CA GLN H 3 13.40 -27.94 17.51
C GLN H 3 12.25 -27.16 16.88
N LEU H 4 11.04 -27.33 17.44
CA LEU H 4 9.83 -26.64 17.00
C LEU H 4 9.20 -25.96 18.21
N VAL H 5 9.10 -24.62 18.18
CA VAL H 5 8.56 -23.84 19.29
C VAL H 5 7.30 -23.07 18.83
N GLU H 6 6.14 -23.35 19.48
CA GLU H 6 4.87 -22.67 19.18
C GLU H 6 4.67 -21.41 20.00
N SER H 7 4.23 -20.34 19.32
CA SER H 7 3.90 -19.06 19.92
C SER H 7 2.46 -18.72 19.54
N GLY H 8 1.82 -17.84 20.33
CA GLY H 8 0.43 -17.47 20.10
C GLY H 8 -0.47 -18.15 21.11
N GLY H 9 -1.73 -17.72 21.14
CA GLY H 9 -2.70 -18.17 22.14
C GLY H 9 -2.69 -17.23 23.33
N GLY H 10 -3.60 -17.38 24.29
CA GLY H 10 -4.64 -18.41 24.34
C GLY H 10 -6.05 -17.89 24.26
N LEU H 11 -6.40 -16.82 25.02
CA LEU H 11 -7.79 -16.33 25.04
C LEU H 11 -8.15 -15.53 23.78
N VAL H 12 -9.31 -15.87 23.22
CA VAL H 12 -9.90 -15.26 22.03
C VAL H 12 -11.44 -15.26 22.14
N GLN H 13 -12.08 -14.14 21.75
CA GLN H 13 -13.53 -13.97 21.79
C GLN H 13 -14.23 -14.83 20.72
N PRO H 14 -15.43 -15.38 20.99
CA PRO H 14 -16.14 -16.18 19.97
C PRO H 14 -16.48 -15.33 18.73
N GLY H 15 -16.13 -15.85 17.56
CA GLY H 15 -16.30 -15.16 16.28
C GLY H 15 -15.04 -14.44 15.84
N GLY H 16 -14.09 -14.33 16.76
CA GLY H 16 -12.81 -13.66 16.56
C GLY H 16 -11.80 -14.42 15.73
N SER H 17 -10.56 -13.87 15.67
CA SER H 17 -9.44 -14.41 14.91
C SER H 17 -8.19 -14.56 15.76
N LEU H 18 -7.32 -15.53 15.42
CA LEU H 18 -6.07 -15.80 16.13
C LEU H 18 -5.04 -16.43 15.21
N ARG H 19 -3.79 -15.91 15.28
CA ARG H 19 -2.66 -16.36 14.49
C ARG H 19 -1.65 -17.10 15.39
N LEU H 20 -1.26 -18.30 14.99
CA LEU H 20 -0.29 -19.10 15.73
C LEU H 20 1.01 -19.17 14.96
N SER H 21 2.13 -19.25 15.70
CA SER H 21 3.48 -19.31 15.13
C SER H 21 4.20 -20.59 15.55
N CYS H 22 5.03 -21.14 14.64
CA CYS H 22 5.86 -22.32 14.92
C CYS H 22 7.24 -22.01 14.36
N ALA H 23 8.23 -21.81 15.26
CA ALA H 23 9.60 -21.48 14.91
C ALA H 23 10.47 -22.72 14.86
N ALA H 24 10.88 -23.11 13.63
CA ALA H 24 11.71 -24.28 13.36
C ALA H 24 13.21 -23.94 13.37
N SER H 25 14.03 -24.88 13.88
CA SER H 25 15.49 -24.77 13.95
C SER H 25 16.13 -26.16 13.99
N GLY H 26 17.44 -26.21 13.70
CA GLY H 26 18.24 -27.43 13.73
C GLY H 26 18.16 -28.34 12.52
N TYR H 27 17.54 -27.86 11.43
CA TYR H 27 17.39 -28.62 10.18
C TYR H 27 17.11 -27.71 8.97
N ALA H 28 17.23 -28.27 7.76
CA ALA H 28 16.94 -27.56 6.51
C ALA H 28 15.42 -27.46 6.33
N PHE H 29 14.84 -26.29 6.66
CA PHE H 29 13.41 -25.98 6.65
C PHE H 29 12.72 -26.31 5.34
N THR H 30 13.37 -26.02 4.22
CA THR H 30 12.88 -26.24 2.86
C THR H 30 12.79 -27.74 2.45
N ASP H 31 13.44 -28.65 3.19
CA ASP H 31 13.48 -30.08 2.87
C ASP H 31 12.28 -30.93 3.33
N TYR H 32 11.51 -30.45 4.33
CA TYR H 32 10.40 -31.21 4.90
C TYR H 32 9.09 -30.42 4.95
N TRP H 33 7.94 -31.10 4.76
CA TRP H 33 6.62 -30.48 4.86
C TRP H 33 6.32 -30.23 6.33
N MET H 34 5.58 -29.14 6.64
CA MET H 34 5.22 -28.77 8.01
C MET H 34 3.71 -28.89 8.24
N THR H 35 3.33 -29.53 9.36
CA THR H 35 1.95 -29.86 9.71
C THR H 35 1.45 -29.18 11.00
N TRP H 36 0.11 -28.95 11.08
CA TRP H 36 -0.61 -28.45 12.26
C TRP H 36 -1.59 -29.53 12.67
N VAL H 37 -1.53 -29.94 13.95
CA VAL H 37 -2.40 -30.95 14.58
C VAL H 37 -3.04 -30.30 15.80
N ARG H 38 -4.34 -30.50 16.01
CA ARG H 38 -5.03 -29.96 17.18
C ARG H 38 -5.59 -31.09 18.06
N GLN H 39 -5.78 -30.79 19.36
CA GLN H 39 -6.34 -31.77 20.30
C GLN H 39 -7.24 -31.10 21.34
N ALA H 40 -8.57 -31.32 21.20
CA ALA H 40 -9.60 -30.78 22.08
C ALA H 40 -9.49 -31.37 23.48
N PRO H 41 -9.70 -30.59 24.56
CA PRO H 41 -9.66 -31.22 25.91
C PRO H 41 -10.90 -32.14 26.09
N GLY H 42 -10.83 -33.41 26.50
CA GLY H 42 -9.79 -34.42 26.62
C GLY H 42 -10.10 -35.48 25.56
N LYS H 43 -10.28 -34.97 24.32
CA LYS H 43 -10.54 -35.70 23.07
C LYS H 43 -9.21 -36.07 22.39
N GLY H 44 -9.29 -36.74 21.25
CA GLY H 44 -8.13 -37.23 20.49
C GLY H 44 -7.51 -36.24 19.52
N LEU H 45 -6.40 -36.66 18.87
CA LEU H 45 -5.65 -35.86 17.92
C LEU H 45 -6.41 -35.68 16.61
N GLU H 46 -6.29 -34.49 16.00
CA GLU H 46 -6.93 -34.14 14.72
C GLU H 46 -5.97 -33.35 13.83
N TRP H 47 -5.69 -33.89 12.63
CA TRP H 47 -4.82 -33.25 11.64
C TRP H 47 -5.55 -32.05 10.99
N VAL H 48 -4.95 -30.85 11.09
CA VAL H 48 -5.54 -29.62 10.57
C VAL H 48 -5.16 -29.39 9.10
N ALA H 49 -3.87 -29.11 8.83
CA ALA H 49 -3.34 -28.82 7.50
C ALA H 49 -1.81 -28.94 7.47
N GLU H 50 -1.25 -28.86 6.25
CA GLU H 50 0.19 -28.89 6.01
C GLU H 50 0.60 -27.86 4.95
N ILE H 51 1.87 -27.45 4.98
CA ILE H 51 2.44 -26.49 4.04
C ILE H 51 3.85 -26.91 3.61
N SER H 52 4.16 -26.70 2.34
CA SER H 52 5.45 -27.00 1.77
C SER H 52 6.29 -25.72 1.81
N PRO H 53 7.30 -25.64 2.68
CA PRO H 53 8.17 -24.45 2.69
C PRO H 53 8.92 -24.21 1.37
N ASN H 54 9.17 -25.26 0.57
CA ASN H 54 9.91 -25.20 -0.69
C ASN H 54 9.10 -24.76 -1.89
N SER H 55 7.81 -25.12 -1.93
CA SER H 55 6.93 -24.80 -3.05
C SER H 55 5.85 -23.78 -2.73
N GLY H 56 5.42 -23.75 -1.47
CA GLY H 56 4.33 -22.90 -1.01
C GLY H 56 3.00 -23.63 -1.09
N GLY H 57 3.05 -24.90 -1.45
CA GLY H 57 1.89 -25.76 -1.59
C GLY H 57 1.23 -26.09 -0.27
N THR H 58 -0.10 -26.27 -0.29
CA THR H 58 -0.87 -26.57 0.91
C THR H 58 -1.84 -27.74 0.68
N ASN H 59 -2.13 -28.46 1.76
CA ASN H 59 -3.09 -29.56 1.84
C ASN H 59 -3.85 -29.34 3.14
N PHE H 60 -5.18 -29.47 3.10
CA PHE H 60 -6.06 -29.22 4.24
C PHE H 60 -7.00 -30.35 4.54
N ASN H 61 -7.45 -30.41 5.80
CA ASN H 61 -8.52 -31.27 6.24
C ASN H 61 -9.72 -30.44 5.78
N GLU H 62 -10.56 -30.99 4.88
CA GLU H 62 -11.73 -30.30 4.31
C GLU H 62 -12.57 -29.52 5.34
N LYS H 63 -12.55 -29.96 6.59
CA LYS H 63 -13.24 -29.37 7.75
C LYS H 63 -12.78 -27.94 8.04
N PHE H 64 -11.49 -27.61 7.74
CA PHE H 64 -10.90 -26.29 7.99
C PHE H 64 -10.61 -25.47 6.71
N LYS H 65 -10.96 -26.03 5.53
CA LYS H 65 -10.83 -25.34 4.24
C LYS H 65 -11.83 -24.17 4.26
N GLY H 66 -11.29 -22.96 4.22
CA GLY H 66 -12.07 -21.73 4.25
C GLY H 66 -11.79 -20.84 5.42
N ARG H 67 -12.12 -21.30 6.65
CA ARG H 67 -11.91 -20.52 7.87
C ARG H 67 -10.45 -20.44 8.29
N PHE H 68 -9.69 -21.54 8.12
CA PHE H 68 -8.29 -21.58 8.54
C PHE H 68 -7.33 -21.33 7.37
N THR H 69 -6.23 -20.62 7.65
CA THR H 69 -5.21 -20.27 6.65
C THR H 69 -3.82 -20.72 7.16
N ILE H 70 -2.99 -21.26 6.25
CA ILE H 70 -1.63 -21.70 6.58
C ILE H 70 -0.62 -20.87 5.77
N SER H 71 0.45 -20.40 6.43
CA SER H 71 1.48 -19.56 5.77
C SER H 71 2.90 -19.84 6.27
N VAL H 72 3.91 -19.37 5.50
CA VAL H 72 5.34 -19.57 5.83
C VAL H 72 6.18 -18.32 5.62
N ASP H 73 7.32 -18.28 6.34
CA ASP H 73 8.36 -17.27 6.21
C ASP H 73 9.67 -18.04 6.29
N ASN H 74 10.22 -18.35 5.11
CA ASN H 74 11.46 -19.11 4.97
C ASN H 74 12.66 -18.47 5.66
N ALA H 75 12.75 -17.13 5.60
CA ALA H 75 13.82 -16.33 6.21
C ALA H 75 13.83 -16.49 7.74
N LYS H 76 12.62 -16.53 8.34
CA LYS H 76 12.41 -16.71 9.78
C LYS H 76 12.26 -18.19 10.18
N ASN H 77 12.37 -19.12 9.19
CA ASN H 77 12.18 -20.57 9.36
C ASN H 77 10.93 -20.84 10.23
N SER H 78 9.81 -20.19 9.85
CA SER H 78 8.56 -20.27 10.57
C SER H 78 7.36 -20.60 9.70
N LEU H 79 6.35 -21.21 10.32
CA LEU H 79 5.07 -21.52 9.70
C LEU H 79 3.99 -20.98 10.62
N TYR H 80 2.87 -20.58 10.02
CA TYR H 80 1.78 -19.95 10.73
C TYR H 80 0.44 -20.56 10.41
N LEU H 81 -0.46 -20.56 11.42
CA LEU H 81 -1.84 -20.99 11.31
C LEU H 81 -2.76 -19.84 11.74
N GLN H 82 -3.52 -19.31 10.77
CA GLN H 82 -4.49 -18.23 10.97
C GLN H 82 -5.87 -18.88 11.14
N MET H 83 -6.54 -18.58 12.25
CA MET H 83 -7.87 -19.14 12.55
C MET H 83 -8.90 -18.04 12.67
N ASN H 84 -9.95 -18.10 11.82
CA ASN H 84 -11.03 -17.11 11.83
C ASN H 84 -12.38 -17.75 12.17
N SER H 85 -13.38 -16.92 12.54
CA SER H 85 -14.74 -17.31 12.92
C SER H 85 -14.71 -18.42 13.98
N LEU H 86 -13.86 -18.21 15.01
CA LEU H 86 -13.59 -19.15 16.10
C LEU H 86 -14.79 -19.42 17.00
N ARG H 87 -15.13 -20.69 17.12
CA ARG H 87 -16.23 -21.17 17.94
C ARG H 87 -15.66 -21.95 19.13
N ALA H 88 -16.50 -22.26 20.14
CA ALA H 88 -16.14 -23.00 21.36
C ALA H 88 -15.46 -24.32 21.07
N GLU H 89 -15.84 -25.00 19.97
CA GLU H 89 -15.31 -26.29 19.53
C GLU H 89 -13.85 -26.20 19.07
N ASP H 90 -13.35 -24.99 18.78
CA ASP H 90 -11.96 -24.79 18.34
C ASP H 90 -10.97 -24.71 19.50
N THR H 91 -11.49 -24.75 20.76
CA THR H 91 -10.69 -24.76 21.98
C THR H 91 -9.94 -26.08 21.98
N ALA H 92 -8.61 -26.01 21.79
CA ALA H 92 -7.73 -27.17 21.70
C ALA H 92 -6.26 -26.78 21.86
N VAL H 93 -5.39 -27.78 22.05
CA VAL H 93 -3.96 -27.55 22.13
C VAL H 93 -3.43 -27.78 20.72
N TYR H 94 -2.87 -26.72 20.10
CA TYR H 94 -2.37 -26.77 18.74
C TYR H 94 -0.88 -27.10 18.69
N TYR H 95 -0.56 -28.22 18.05
CA TYR H 95 0.79 -28.75 17.87
C TYR H 95 1.26 -28.56 16.44
N CYS H 96 2.55 -28.18 16.27
CA CYS H 96 3.16 -28.11 14.95
C CYS H 96 4.15 -29.27 14.86
N ALA H 97 4.11 -30.03 13.77
CA ALA H 97 4.97 -31.20 13.60
C ALA H 97 5.68 -31.21 12.25
N ARG H 98 6.89 -31.77 12.24
CA ARG H 98 7.67 -31.92 11.03
C ARG H 98 7.24 -33.23 10.35
N GLY H 99 6.76 -33.12 9.12
CA GLY H 99 6.36 -34.28 8.36
C GLY H 99 7.56 -34.93 7.71
N GLU H 100 7.73 -36.24 7.87
CA GLU H 100 8.88 -36.93 7.26
C GLU H 100 8.72 -37.08 5.74
N ILE H 101 9.86 -37.30 5.05
CA ILE H 101 9.93 -37.42 3.59
C ILE H 101 8.97 -38.48 3.02
N ARG H 102 8.15 -38.05 2.04
CA ARG H 102 7.17 -38.79 1.25
C ARG H 102 5.95 -39.32 2.02
N TYR H 103 6.14 -39.94 3.19
CA TYR H 103 5.07 -40.61 3.92
C TYR H 103 4.38 -39.77 5.01
N ASN H 104 5.03 -38.70 5.50
CA ASN H 104 4.49 -37.73 6.47
C ASN H 104 4.20 -38.31 7.87
N TRP H 105 5.13 -39.11 8.40
CA TRP H 105 5.00 -39.57 9.80
C TRP H 105 5.67 -38.50 10.63
N PHE H 106 5.26 -38.30 11.89
CA PHE H 106 5.82 -37.21 12.68
C PHE H 106 6.70 -37.65 13.84
N ALA H 107 8.04 -37.52 13.64
CA ALA H 107 9.05 -37.86 14.64
C ALA H 107 9.27 -36.67 15.57
N TYR H 108 9.21 -35.45 15.02
CA TYR H 108 9.42 -34.19 15.74
C TYR H 108 8.13 -33.38 15.85
N TRP H 109 7.80 -32.97 17.08
CA TRP H 109 6.60 -32.20 17.42
C TRP H 109 6.98 -30.99 18.27
N GLY H 110 6.11 -29.98 18.26
CA GLY H 110 6.26 -28.81 19.10
C GLY H 110 5.74 -29.11 20.49
N GLN H 111 5.86 -28.14 21.42
CA GLN H 111 5.39 -28.36 22.80
C GLN H 111 3.86 -28.26 22.94
N GLY H 112 3.23 -27.58 21.98
CA GLY H 112 1.79 -27.37 21.97
C GLY H 112 1.40 -26.07 22.63
N THR H 113 0.33 -25.44 22.15
CA THR H 113 -0.17 -24.18 22.70
C THR H 113 -1.69 -24.23 22.83
N LEU H 114 -2.20 -23.92 24.01
CA LEU H 114 -3.64 -23.95 24.28
C LEU H 114 -4.31 -22.67 23.79
N VAL H 115 -5.40 -22.84 23.04
CA VAL H 115 -6.24 -21.77 22.49
C VAL H 115 -7.61 -21.96 23.15
N THR H 116 -8.09 -20.93 23.88
CA THR H 116 -9.38 -20.96 24.57
C THR H 116 -10.33 -19.94 23.97
N VAL H 117 -11.46 -20.43 23.44
CA VAL H 117 -12.52 -19.62 22.81
C VAL H 117 -13.62 -19.37 23.85
N SER H 118 -13.60 -18.18 24.45
CA SER H 118 -14.56 -17.78 25.48
C SER H 118 -14.80 -16.28 25.50
N SER H 119 -16.05 -15.87 25.81
CA SER H 119 -16.46 -14.46 25.94
C SER H 119 -15.90 -13.84 27.22
N ALA H 120 -15.65 -14.67 28.26
CA ALA H 120 -15.09 -14.32 29.57
C ALA H 120 -13.75 -13.57 29.47
N SER H 121 -13.38 -12.87 30.55
CA SER H 121 -12.17 -12.08 30.56
C SER H 121 -11.02 -12.72 31.33
N THR H 122 -9.80 -12.39 30.90
CA THR H 122 -8.55 -12.84 31.47
C THR H 122 -8.37 -12.30 32.88
N LYS H 123 -7.94 -13.18 33.78
CA LYS H 123 -7.67 -12.87 35.18
C LYS H 123 -6.35 -13.53 35.62
N GLY H 124 -5.62 -12.86 36.50
CA GLY H 124 -4.38 -13.39 37.07
C GLY H 124 -4.66 -14.22 38.31
N PRO H 125 -3.81 -15.21 38.66
CA PRO H 125 -4.09 -16.02 39.85
C PRO H 125 -3.53 -15.44 41.15
N SER H 126 -3.95 -16.04 42.28
CA SER H 126 -3.47 -15.68 43.61
C SER H 126 -2.86 -16.93 44.23
N VAL H 127 -1.53 -16.91 44.43
CA VAL H 127 -0.77 -18.03 44.99
C VAL H 127 -0.76 -17.94 46.52
N PHE H 128 -1.21 -19.01 47.18
CA PHE H 128 -1.27 -19.12 48.64
C PHE H 128 -0.47 -20.34 49.09
N PRO H 129 0.34 -20.25 50.16
CA PRO H 129 1.09 -21.44 50.58
C PRO H 129 0.31 -22.45 51.40
N LEU H 130 0.55 -23.75 51.13
CA LEU H 130 -0.03 -24.88 51.85
C LEU H 130 1.11 -25.37 52.75
N ALA H 131 1.26 -24.73 53.91
CA ALA H 131 2.34 -24.96 54.87
C ALA H 131 2.33 -26.34 55.56
N PRO H 132 3.53 -26.96 55.74
CA PRO H 132 3.58 -28.25 56.45
C PRO H 132 3.29 -28.08 57.94
N SER H 133 2.66 -29.11 58.56
CA SER H 133 2.27 -29.08 59.97
C SER H 133 3.46 -29.25 60.94
N SER H 134 3.14 -29.18 62.24
CA SER H 134 4.08 -29.35 63.34
C SER H 134 4.26 -30.85 63.62
N LYS H 135 3.13 -31.62 63.54
CA LYS H 135 3.06 -33.05 63.81
C LYS H 135 3.91 -33.90 62.88
N GLY H 139 12.59 -41.03 60.25
CA GLY H 139 11.71 -40.27 61.13
C GLY H 139 10.32 -40.08 60.54
N GLY H 140 10.23 -39.21 59.53
CA GLY H 140 8.97 -38.91 58.86
C GLY H 140 9.08 -38.07 57.60
N THR H 141 7.98 -38.05 56.83
CA THR H 141 7.84 -37.29 55.59
C THR H 141 6.78 -36.20 55.79
N ALA H 142 7.09 -34.99 55.33
CA ALA H 142 6.20 -33.84 55.41
C ALA H 142 5.75 -33.39 54.02
N ALA H 143 4.48 -32.98 53.89
CA ALA H 143 3.95 -32.48 52.63
C ALA H 143 3.71 -30.98 52.73
N LEU H 144 4.03 -30.27 51.64
CA LEU H 144 3.83 -28.84 51.50
C LEU H 144 3.34 -28.54 50.09
N GLY H 145 2.88 -27.32 49.84
CA GLY H 145 2.34 -26.95 48.54
C GLY H 145 1.97 -25.50 48.32
N CYS H 146 1.32 -25.25 47.17
CA CYS H 146 0.84 -23.95 46.72
C CYS H 146 -0.56 -24.06 46.16
N LEU H 147 -1.43 -23.10 46.52
CA LEU H 147 -2.79 -23.03 46.02
C LEU H 147 -2.90 -21.88 45.02
N VAL H 148 -3.00 -22.24 43.74
CA VAL H 148 -3.14 -21.28 42.64
C VAL H 148 -4.64 -21.08 42.47
N LYS H 149 -5.19 -20.04 43.13
CA LYS H 149 -6.62 -19.77 43.14
C LYS H 149 -7.10 -18.62 42.24
N ASP H 150 -8.35 -18.75 41.75
CA ASP H 150 -9.14 -17.82 40.91
C ASP H 150 -8.35 -17.22 39.74
N TYR H 151 -8.34 -17.94 38.58
CA TYR H 151 -7.66 -17.51 37.35
C TYR H 151 -8.38 -17.94 36.09
N PHE H 152 -8.25 -17.16 34.99
CA PHE H 152 -8.85 -17.45 33.69
C PHE H 152 -8.00 -16.85 32.57
N PRO H 153 -7.79 -17.56 31.44
CA PRO H 153 -8.21 -18.93 31.14
C PRO H 153 -7.15 -19.91 31.63
N GLU H 154 -7.11 -21.09 31.03
CA GLU H 154 -6.10 -22.08 31.33
C GLU H 154 -4.95 -21.94 30.29
N PRO H 155 -3.69 -22.34 30.58
CA PRO H 155 -3.20 -23.09 31.74
C PRO H 155 -2.24 -22.33 32.66
N VAL H 156 -1.81 -22.98 33.74
CA VAL H 156 -0.78 -22.45 34.65
C VAL H 156 0.33 -23.49 34.75
N THR H 157 1.58 -23.04 34.73
CA THR H 157 2.73 -23.92 34.83
C THR H 157 3.29 -23.80 36.25
N VAL H 158 3.31 -24.90 37.01
CA VAL H 158 3.85 -24.86 38.36
C VAL H 158 5.10 -25.72 38.46
N SER H 159 6.21 -25.10 38.93
CA SER H 159 7.48 -25.77 39.16
C SER H 159 7.92 -25.54 40.62
N TRP H 160 8.89 -26.33 41.10
CA TRP H 160 9.42 -26.20 42.45
C TRP H 160 10.91 -25.97 42.41
N ASN H 161 11.37 -24.90 43.07
CA ASN H 161 12.78 -24.46 43.15
C ASN H 161 13.41 -24.38 41.75
N SER H 162 12.76 -23.61 40.84
CA SER H 162 13.15 -23.41 39.44
C SER H 162 13.38 -24.72 38.64
N GLY H 163 12.54 -25.72 38.93
CA GLY H 163 12.58 -27.01 38.26
C GLY H 163 13.55 -28.02 38.82
N ALA H 164 14.38 -27.62 39.81
CA ALA H 164 15.36 -28.50 40.45
C ALA H 164 14.70 -29.54 41.35
N LEU H 165 13.49 -29.24 41.86
CA LEU H 165 12.70 -30.15 42.70
C LEU H 165 11.58 -30.74 41.85
N THR H 166 11.70 -32.02 41.51
CA THR H 166 10.73 -32.74 40.68
C THR H 166 10.15 -33.97 41.37
N SER H 167 10.95 -34.60 42.27
CA SER H 167 10.57 -35.79 43.01
C SER H 167 9.47 -35.53 44.03
N GLY H 168 8.40 -36.31 43.94
CA GLY H 168 7.23 -36.21 44.82
C GLY H 168 6.28 -35.08 44.52
N VAL H 169 6.54 -34.33 43.43
CA VAL H 169 5.71 -33.20 42.99
C VAL H 169 4.43 -33.74 42.37
N HIS H 170 3.29 -33.14 42.73
CA HIS H 170 1.97 -33.52 42.23
C HIS H 170 1.15 -32.27 41.91
N THR H 171 1.20 -31.81 40.66
CA THR H 171 0.43 -30.64 40.22
C THR H 171 -0.92 -31.15 39.72
N PHE H 172 -1.96 -30.96 40.54
CA PHE H 172 -3.32 -31.42 40.26
C PHE H 172 -3.99 -30.67 39.09
N PRO H 173 -4.83 -31.37 38.29
CA PRO H 173 -5.51 -30.68 37.17
C PRO H 173 -6.49 -29.64 37.70
N ALA H 174 -6.51 -28.47 37.07
CA ALA H 174 -7.39 -27.35 37.44
C ALA H 174 -8.85 -27.76 37.45
N VAL H 175 -9.60 -27.21 38.42
CA VAL H 175 -11.03 -27.46 38.55
C VAL H 175 -11.76 -26.14 38.41
N LEU H 176 -12.72 -26.07 37.47
CA LEU H 176 -13.54 -24.89 37.21
C LEU H 176 -14.53 -24.74 38.37
N GLN H 177 -14.42 -23.65 39.13
CA GLN H 177 -15.31 -23.43 40.25
C GLN H 177 -16.53 -22.59 39.82
N SER H 178 -17.51 -22.44 40.73
CA SER H 178 -18.80 -21.77 40.56
C SER H 178 -18.69 -20.37 39.98
N SER H 179 -17.60 -19.65 40.33
CA SER H 179 -17.31 -18.28 39.89
C SER H 179 -16.91 -18.18 38.41
N GLY H 180 -16.67 -19.33 37.77
CA GLY H 180 -16.24 -19.42 36.38
C GLY H 180 -14.74 -19.25 36.22
N LEU H 181 -14.01 -19.35 37.34
CA LEU H 181 -12.55 -19.21 37.43
C LEU H 181 -11.93 -20.54 37.84
N TYR H 182 -10.75 -20.85 37.27
CA TYR H 182 -10.02 -22.08 37.55
C TYR H 182 -9.22 -21.97 38.84
N SER H 183 -8.96 -23.13 39.46
CA SER H 183 -8.19 -23.25 40.70
C SER H 183 -7.53 -24.61 40.79
N LEU H 184 -6.23 -24.63 41.15
CA LEU H 184 -5.48 -25.88 41.33
C LEU H 184 -4.49 -25.80 42.47
N SER H 185 -3.91 -26.96 42.83
CA SER H 185 -2.92 -27.10 43.88
C SER H 185 -1.74 -27.92 43.39
N SER H 186 -0.54 -27.56 43.86
CA SER H 186 0.70 -28.24 43.55
C SER H 186 1.35 -28.61 44.86
N VAL H 187 1.47 -29.90 45.14
CA VAL H 187 2.05 -30.40 46.39
C VAL H 187 3.37 -31.14 46.17
N VAL H 188 4.19 -31.26 47.22
CA VAL H 188 5.47 -31.96 47.20
C VAL H 188 5.75 -32.59 48.58
N THR H 189 6.15 -33.88 48.60
CA THR H 189 6.51 -34.57 49.83
C THR H 189 8.03 -34.51 49.99
N VAL H 190 8.47 -33.94 51.12
CA VAL H 190 9.88 -33.73 51.45
C VAL H 190 10.21 -34.29 52.87
N PRO H 191 11.47 -34.63 53.20
CA PRO H 191 11.76 -35.14 54.56
C PRO H 191 11.55 -34.05 55.61
N SER H 192 10.94 -34.42 56.76
CA SER H 192 10.63 -33.53 57.87
C SER H 192 11.85 -32.75 58.41
N SER H 193 13.02 -33.41 58.40
CA SER H 193 14.31 -32.88 58.87
C SER H 193 14.82 -31.67 58.06
N SER H 194 14.42 -31.57 56.79
CA SER H 194 14.85 -30.50 55.89
C SER H 194 14.06 -29.20 56.02
N LEU H 195 12.86 -29.24 56.65
CA LEU H 195 11.95 -28.11 56.81
C LEU H 195 12.56 -26.83 57.40
N GLY H 196 13.49 -26.99 58.34
CA GLY H 196 14.13 -25.85 59.02
C GLY H 196 15.42 -25.34 58.40
N THR H 197 16.04 -26.15 57.53
CA THR H 197 17.33 -25.86 56.89
C THR H 197 17.26 -25.74 55.36
N GLN H 198 16.11 -26.04 54.76
CA GLN H 198 15.93 -25.95 53.32
C GLN H 198 14.87 -24.93 52.93
N THR H 199 14.96 -24.43 51.70
CA THR H 199 14.02 -23.47 51.15
C THR H 199 13.19 -24.13 50.03
N TYR H 200 11.87 -23.90 50.06
CA TYR H 200 10.92 -24.42 49.08
C TYR H 200 10.13 -23.28 48.46
N ILE H 201 10.31 -23.09 47.14
CA ILE H 201 9.67 -22.03 46.35
C ILE H 201 8.86 -22.63 45.19
N CYS H 202 7.58 -22.23 45.04
CA CYS H 202 6.77 -22.68 43.90
C CYS H 202 6.76 -21.58 42.85
N ASN H 203 7.20 -21.91 41.63
CA ASN H 203 7.24 -20.95 40.52
C ASN H 203 6.00 -21.14 39.64
N VAL H 204 5.03 -20.23 39.79
CA VAL H 204 3.75 -20.26 39.06
C VAL H 204 3.77 -19.21 37.95
N ASN H 205 3.39 -19.63 36.73
CA ASN H 205 3.30 -18.73 35.58
C ASN H 205 2.02 -18.95 34.78
N HIS H 206 1.26 -17.86 34.60
CA HIS H 206 0.02 -17.81 33.84
C HIS H 206 0.27 -16.84 32.68
N LYS H 207 0.81 -17.37 31.56
CA LYS H 207 1.15 -16.61 30.35
C LYS H 207 -0.02 -15.76 29.79
N PRO H 208 -1.30 -16.25 29.72
CA PRO H 208 -2.37 -15.39 29.18
C PRO H 208 -2.55 -14.03 29.86
N SER H 209 -2.27 -13.94 31.18
CA SER H 209 -2.38 -12.68 31.94
C SER H 209 -1.00 -12.09 32.28
N ASN H 210 0.08 -12.63 31.65
CA ASN H 210 1.48 -12.22 31.85
C ASN H 210 1.87 -12.16 33.33
N THR H 211 1.44 -13.18 34.10
CA THR H 211 1.66 -13.29 35.54
C THR H 211 2.72 -14.32 35.89
N LYS H 212 3.70 -13.93 36.72
CA LYS H 212 4.78 -14.77 37.23
C LYS H 212 4.92 -14.51 38.72
N VAL H 213 4.50 -15.49 39.54
CA VAL H 213 4.52 -15.39 41.00
C VAL H 213 5.35 -16.51 41.61
N ASP H 214 6.33 -16.15 42.47
CA ASP H 214 7.16 -17.08 43.23
C ASP H 214 6.77 -16.98 44.70
N LYS H 215 6.52 -18.13 45.35
CA LYS H 215 6.12 -18.15 46.77
C LYS H 215 6.96 -19.11 47.60
N LYS H 216 7.55 -18.60 48.69
CA LYS H 216 8.38 -19.37 49.61
C LYS H 216 7.46 -20.03 50.65
N VAL H 217 7.30 -21.36 50.57
CA VAL H 217 6.44 -22.11 51.49
C VAL H 217 7.21 -22.37 52.77
N GLU H 218 6.78 -21.72 53.86
CA GLU H 218 7.41 -21.79 55.18
C GLU H 218 6.46 -22.39 56.24
N PRO H 219 6.97 -23.15 57.23
CA PRO H 219 6.07 -23.65 58.29
C PRO H 219 5.73 -22.50 59.25
N LYS H 220 4.43 -22.13 59.35
CA LYS H 220 3.91 -21.02 60.17
C LYS H 220 4.28 -21.15 61.65
N ASP I 1 17.86 29.32 -44.30
CA ASP I 1 16.58 29.80 -43.79
C ASP I 1 16.28 29.28 -42.38
N ILE I 2 15.73 30.16 -41.53
CA ILE I 2 15.37 29.89 -40.13
C ILE I 2 14.31 28.76 -40.02
N GLN I 3 14.35 28.01 -38.91
CA GLN I 3 13.45 26.91 -38.65
C GLN I 3 12.99 26.92 -37.20
N MET I 4 11.68 27.16 -36.98
CA MET I 4 11.07 27.18 -35.66
C MET I 4 10.33 25.85 -35.45
N THR I 5 10.98 24.90 -34.74
CA THR I 5 10.41 23.58 -34.50
C THR I 5 9.79 23.50 -33.11
N GLN I 6 8.46 23.23 -33.07
CA GLN I 6 7.70 23.11 -31.83
C GLN I 6 7.47 21.66 -31.42
N SER I 7 7.79 21.34 -30.16
CA SER I 7 7.69 19.98 -29.64
C SER I 7 6.90 19.91 -28.34
N PRO I 8 5.88 19.02 -28.25
CA PRO I 8 5.40 18.09 -29.29
C PRO I 8 4.44 18.77 -30.28
N SER I 9 3.97 18.03 -31.30
CA SER I 9 3.00 18.57 -32.25
C SER I 9 1.58 18.53 -31.66
N SER I 10 1.34 17.55 -30.77
CA SER I 10 0.08 17.32 -30.07
C SER I 10 0.36 16.89 -28.62
N LEU I 11 -0.46 17.37 -27.68
CA LEU I 11 -0.30 17.12 -26.24
C LEU I 11 -1.65 16.90 -25.57
N SER I 12 -1.69 16.00 -24.59
CA SER I 12 -2.90 15.71 -23.85
C SER I 12 -2.71 15.99 -22.37
N ALA I 13 -3.63 16.78 -21.77
CA ALA I 13 -3.53 17.07 -20.35
C ALA I 13 -4.87 17.37 -19.67
N SER I 14 -4.98 17.02 -18.37
CA SER I 14 -6.18 17.26 -17.56
C SER I 14 -6.09 18.61 -16.85
N VAL I 15 -7.22 19.10 -16.31
CA VAL I 15 -7.31 20.37 -15.58
C VAL I 15 -6.48 20.24 -14.28
N GLY I 16 -5.57 21.20 -14.07
CA GLY I 16 -4.69 21.24 -12.91
C GLY I 16 -3.27 20.80 -13.20
N ASP I 17 -3.05 20.16 -14.37
CA ASP I 17 -1.75 19.68 -14.82
C ASP I 17 -0.79 20.80 -15.20
N ARG I 18 0.51 20.51 -15.17
CA ARG I 18 1.57 21.41 -15.59
C ARG I 18 1.85 21.09 -17.07
N VAL I 19 1.64 22.06 -17.96
CA VAL I 19 1.84 21.89 -19.39
C VAL I 19 3.13 22.55 -19.85
N THR I 20 3.96 21.80 -20.58
CA THR I 20 5.25 22.26 -21.08
C THR I 20 5.34 22.09 -22.59
N ILE I 21 5.49 23.22 -23.31
CA ILE I 21 5.62 23.26 -24.77
C ILE I 21 7.00 23.84 -25.09
N THR I 22 7.76 23.17 -25.99
CA THR I 22 9.12 23.54 -26.42
C THR I 22 9.12 24.16 -27.81
N CYS I 23 9.98 25.18 -28.02
CA CYS I 23 10.18 25.90 -29.29
C CYS I 23 11.67 26.04 -29.56
N LYS I 24 12.19 25.25 -30.52
CA LYS I 24 13.61 25.26 -30.89
C LYS I 24 13.87 26.01 -32.18
N ALA I 25 14.83 26.96 -32.13
CA ALA I 25 15.23 27.76 -33.29
C ALA I 25 16.52 27.18 -33.90
N SER I 26 16.61 27.21 -35.25
CA SER I 26 17.77 26.72 -36.01
C SER I 26 19.05 27.53 -35.72
N GLN I 27 18.89 28.85 -35.51
CA GLN I 27 19.95 29.80 -35.17
C GLN I 27 19.61 30.51 -33.84
N ASN I 28 20.61 31.19 -33.23
CA ASN I 28 20.42 31.94 -31.98
C ASN I 28 19.55 33.18 -32.23
N VAL I 29 18.47 33.32 -31.44
CA VAL I 29 17.54 34.44 -31.56
C VAL I 29 17.50 35.29 -30.27
N GLY I 30 18.31 34.94 -29.27
CA GLY I 30 18.41 35.64 -28.00
C GLY I 30 17.13 35.52 -27.22
N ASN I 31 16.44 36.64 -27.00
CA ASN I 31 15.15 36.68 -26.29
C ASN I 31 13.99 36.98 -27.27
N ASN I 32 14.32 37.19 -28.56
CA ASN I 32 13.38 37.52 -29.63
C ASN I 32 12.40 36.37 -29.95
N ILE I 33 11.40 36.21 -29.08
CA ILE I 33 10.36 35.18 -29.20
C ILE I 33 9.01 35.65 -28.60
N ALA I 34 7.92 35.34 -29.31
CA ALA I 34 6.54 35.63 -28.91
C ALA I 34 5.72 34.33 -28.95
N TRP I 35 4.85 34.13 -27.94
CA TRP I 35 3.96 32.97 -27.82
C TRP I 35 2.51 33.43 -27.99
N TYR I 36 1.74 32.64 -28.75
CA TYR I 36 0.33 32.92 -29.07
C TYR I 36 -0.57 31.75 -28.75
N GLN I 37 -1.86 32.05 -28.47
CA GLN I 37 -2.89 31.07 -28.22
C GLN I 37 -4.00 31.27 -29.25
N GLN I 38 -4.28 30.22 -30.03
CA GLN I 38 -5.33 30.30 -31.03
C GLN I 38 -6.42 29.24 -30.82
N LYS I 39 -7.66 29.71 -30.63
CA LYS I 39 -8.83 28.85 -30.46
C LYS I 39 -9.51 28.64 -31.83
N PRO I 40 -10.18 27.49 -32.08
CA PRO I 40 -10.78 27.25 -33.42
C PRO I 40 -11.66 28.37 -33.99
N GLY I 41 -11.38 28.73 -35.24
CA GLY I 41 -12.06 29.77 -36.00
C GLY I 41 -11.92 31.19 -35.48
N LYS I 42 -10.89 31.44 -34.64
CA LYS I 42 -10.65 32.76 -34.08
C LYS I 42 -9.21 33.22 -34.32
N ALA I 43 -8.98 34.55 -34.24
CA ALA I 43 -7.66 35.18 -34.42
C ALA I 43 -6.73 34.80 -33.25
N PRO I 44 -5.39 34.65 -33.49
CA PRO I 44 -4.49 34.31 -32.37
C PRO I 44 -4.43 35.42 -31.32
N LYS I 45 -4.25 35.02 -30.07
CA LYS I 45 -4.16 35.93 -28.93
C LYS I 45 -2.73 35.89 -28.38
N LEU I 46 -2.11 37.06 -28.19
CA LEU I 46 -0.75 37.19 -27.65
C LEU I 46 -0.72 36.84 -26.16
N LEU I 47 0.23 35.97 -25.76
CA LEU I 47 0.39 35.54 -24.37
C LEU I 47 1.68 36.11 -23.81
N ILE I 48 2.83 35.66 -24.35
CA ILE I 48 4.18 36.05 -23.95
C ILE I 48 4.87 36.75 -25.12
N TYR I 49 5.56 37.85 -24.83
CA TYR I 49 6.35 38.61 -25.81
C TYR I 49 7.75 38.82 -25.24
N TYR I 50 8.78 38.79 -26.10
CA TYR I 50 10.18 38.95 -25.72
C TYR I 50 10.60 37.92 -24.64
N ALA I 51 10.45 36.62 -24.99
CA ALA I 51 10.81 35.41 -24.25
C ALA I 51 10.07 35.18 -22.92
N SER I 52 9.97 36.17 -22.01
CA SER I 52 9.38 35.94 -20.70
C SER I 52 8.30 36.93 -20.24
N ASN I 53 8.07 38.01 -20.98
CA ASN I 53 7.09 39.04 -20.59
C ASN I 53 5.66 38.66 -20.94
N ARG I 54 4.82 38.57 -19.93
CA ARG I 54 3.41 38.22 -20.04
C ARG I 54 2.57 39.45 -20.40
N TYR I 55 1.84 39.39 -21.51
CA TYR I 55 0.97 40.47 -22.02
C TYR I 55 -0.19 40.77 -21.06
N THR I 56 -0.63 42.04 -21.02
CA THR I 56 -1.72 42.52 -20.15
C THR I 56 -3.00 41.70 -20.31
N GLY I 57 -3.51 41.20 -19.20
CA GLY I 57 -4.73 40.40 -19.15
C GLY I 57 -4.51 38.91 -19.11
N VAL I 58 -3.31 38.45 -19.53
CA VAL I 58 -2.97 37.04 -19.55
C VAL I 58 -2.79 36.52 -18.09
N PRO I 59 -3.53 35.47 -17.67
CA PRO I 59 -3.40 34.95 -16.30
C PRO I 59 -1.98 34.49 -15.94
N SER I 60 -1.62 34.63 -14.65
CA SER I 60 -0.32 34.29 -14.05
C SER I 60 0.21 32.89 -14.36
N ARG I 61 -0.68 31.90 -14.62
CA ARG I 61 -0.31 30.51 -14.92
C ARG I 61 0.55 30.36 -16.19
N PHE I 62 0.39 31.29 -17.16
CA PHE I 62 1.17 31.29 -18.40
C PHE I 62 2.53 31.90 -18.13
N SER I 63 3.58 31.16 -18.50
CA SER I 63 4.96 31.55 -18.28
C SER I 63 5.82 31.24 -19.49
N GLY I 64 6.79 32.10 -19.75
CA GLY I 64 7.74 31.96 -20.83
C GLY I 64 9.16 31.98 -20.29
N SER I 65 10.03 31.15 -20.87
CA SER I 65 11.43 31.02 -20.46
C SER I 65 12.34 30.68 -21.65
N GLY I 66 13.63 30.88 -21.48
CA GLY I 66 14.64 30.56 -22.48
C GLY I 66 15.41 31.74 -23.05
N TYR I 67 16.58 31.43 -23.63
CA TYR I 67 17.49 32.37 -24.28
C TYR I 67 18.35 31.59 -25.27
N GLY I 68 18.44 32.12 -26.48
CA GLY I 68 19.23 31.55 -27.55
C GLY I 68 18.44 30.76 -28.57
N THR I 69 18.30 29.44 -28.34
CA THR I 69 17.62 28.53 -29.26
C THR I 69 16.46 27.75 -28.65
N ASP I 70 16.61 27.31 -27.38
CA ASP I 70 15.59 26.50 -26.68
C ASP I 70 14.71 27.35 -25.74
N PHE I 71 13.43 27.49 -26.10
CA PHE I 71 12.42 28.27 -25.39
C PHE I 71 11.29 27.39 -24.92
N THR I 72 10.66 27.73 -23.80
CA THR I 72 9.59 26.92 -23.22
C THR I 72 8.40 27.76 -22.77
N LEU I 73 7.18 27.35 -23.20
CA LEU I 73 5.93 27.93 -22.74
C LEU I 73 5.39 26.97 -21.69
N THR I 74 5.02 27.51 -20.51
CA THR I 74 4.54 26.71 -19.38
C THR I 74 3.20 27.22 -18.84
N ILE I 75 2.27 26.29 -18.62
CA ILE I 75 0.98 26.54 -17.98
C ILE I 75 1.07 25.76 -16.67
N SER I 76 1.19 26.46 -15.52
CA SER I 76 1.35 25.87 -14.19
C SER I 76 0.21 24.89 -13.85
N SER I 77 -1.05 25.37 -13.98
CA SER I 77 -2.25 24.56 -13.74
C SER I 77 -3.21 24.77 -14.90
N LEU I 78 -3.36 23.75 -15.76
CA LEU I 78 -4.23 23.82 -16.93
C LEU I 78 -5.69 24.04 -16.52
N GLN I 79 -6.38 24.93 -17.26
CA GLN I 79 -7.78 25.29 -17.00
C GLN I 79 -8.65 24.89 -18.20
N PRO I 80 -10.00 24.74 -18.05
CA PRO I 80 -10.84 24.36 -19.21
C PRO I 80 -10.75 25.28 -20.43
N GLU I 81 -10.52 26.58 -20.23
CA GLU I 81 -10.43 27.55 -21.33
C GLU I 81 -9.01 27.62 -21.93
N ASP I 82 -8.13 26.66 -21.57
CA ASP I 82 -6.77 26.59 -22.08
C ASP I 82 -6.59 25.57 -23.22
N PHE I 83 -7.62 24.78 -23.56
CA PHE I 83 -7.49 23.81 -24.65
C PHE I 83 -7.53 24.58 -25.97
N ALA I 84 -6.34 24.73 -26.62
CA ALA I 84 -6.12 25.49 -27.85
C ALA I 84 -4.81 25.09 -28.54
N THR I 85 -4.44 25.77 -29.67
CA THR I 85 -3.20 25.55 -30.41
C THR I 85 -2.27 26.69 -30.06
N TYR I 86 -1.03 26.36 -29.68
CA TYR I 86 -0.05 27.34 -29.27
C TYR I 86 1.07 27.48 -30.30
N TYR I 87 1.43 28.73 -30.62
CA TYR I 87 2.45 29.04 -31.64
C TYR I 87 3.53 29.94 -31.08
N CYS I 88 4.80 29.65 -31.42
CA CYS I 88 5.95 30.48 -31.07
C CYS I 88 6.37 31.26 -32.34
N GLN I 89 6.90 32.48 -32.19
CA GLN I 89 7.25 33.33 -33.33
C GLN I 89 8.60 34.00 -33.14
N ARG I 90 9.39 34.07 -34.22
CA ARG I 90 10.69 34.71 -34.23
C ARG I 90 10.49 36.24 -34.29
N LEU I 91 11.16 36.98 -33.39
CA LEU I 91 11.02 38.44 -33.35
C LEU I 91 12.29 39.17 -33.85
N TYR I 92 12.22 40.52 -33.91
CA TYR I 92 13.30 41.48 -34.24
C TYR I 92 13.78 41.47 -35.69
N ASN I 93 14.12 40.28 -36.25
CA ASN I 93 14.65 40.10 -37.59
C ASN I 93 13.70 39.37 -38.55
N SER I 94 13.67 39.82 -39.80
CA SER I 94 12.86 39.21 -40.86
C SER I 94 13.57 37.93 -41.37
N PRO I 95 12.87 36.81 -41.65
CA PRO I 95 11.40 36.60 -41.54
C PRO I 95 10.94 36.31 -40.13
N PHE I 96 9.73 36.77 -39.79
CA PHE I 96 9.15 36.58 -38.47
C PHE I 96 8.37 35.25 -38.39
N THR I 97 9.13 34.16 -38.66
CA THR I 97 8.69 32.76 -38.74
C THR I 97 7.97 32.25 -37.49
N PHE I 98 6.77 31.68 -37.73
CA PHE I 98 5.92 31.06 -36.70
C PHE I 98 6.30 29.59 -36.63
N GLY I 99 6.06 28.98 -35.48
CA GLY I 99 6.31 27.56 -35.26
C GLY I 99 5.21 26.71 -35.91
N GLY I 100 5.42 25.40 -35.90
CA GLY I 100 4.48 24.44 -36.47
C GLY I 100 3.11 24.41 -35.81
N GLY I 101 3.08 24.64 -34.51
CA GLY I 101 1.88 24.63 -33.68
C GLY I 101 1.83 23.44 -32.74
N THR I 102 1.25 23.63 -31.55
CA THR I 102 1.12 22.58 -30.54
C THR I 102 -0.30 22.56 -29.98
N LYS I 103 -1.08 21.51 -30.32
CA LYS I 103 -2.47 21.37 -29.86
C LYS I 103 -2.55 20.71 -28.48
N VAL I 104 -3.30 21.36 -27.54
CA VAL I 104 -3.54 20.90 -26.17
C VAL I 104 -4.93 20.23 -26.15
N GLU I 105 -4.96 18.91 -25.86
CA GLU I 105 -6.13 18.05 -25.82
C GLU I 105 -6.55 17.72 -24.38
N ILE I 106 -7.84 17.35 -24.19
CA ILE I 106 -8.39 16.95 -22.87
C ILE I 106 -7.90 15.52 -22.59
N LYS I 107 -7.35 15.30 -21.37
CA LYS I 107 -6.84 13.99 -20.95
C LYS I 107 -7.97 13.01 -20.72
N ARG I 108 -7.90 11.87 -21.42
CA ARG I 108 -8.90 10.81 -21.28
C ARG I 108 -8.19 9.44 -21.19
N THR I 109 -8.92 8.41 -20.72
CA THR I 109 -8.43 7.03 -20.66
C THR I 109 -8.35 6.50 -22.10
N VAL I 110 -7.46 5.52 -22.34
CA VAL I 110 -7.29 4.93 -23.67
C VAL I 110 -8.54 4.15 -24.08
N ALA I 111 -9.10 4.52 -25.25
CA ALA I 111 -10.30 3.92 -25.82
C ALA I 111 -9.99 3.31 -27.18
N ALA I 112 -10.36 2.04 -27.36
CA ALA I 112 -10.15 1.29 -28.60
C ALA I 112 -11.19 1.68 -29.65
N PRO I 113 -10.80 1.84 -30.94
CA PRO I 113 -11.80 2.23 -31.94
C PRO I 113 -12.69 1.07 -32.39
N SER I 114 -13.96 1.38 -32.65
CA SER I 114 -14.91 0.41 -33.18
C SER I 114 -14.82 0.60 -34.68
N VAL I 115 -14.29 -0.42 -35.39
CA VAL I 115 -14.06 -0.34 -36.83
C VAL I 115 -15.28 -0.88 -37.61
N PHE I 116 -15.66 -0.16 -38.68
CA PHE I 116 -16.77 -0.49 -39.57
C PHE I 116 -16.38 -0.18 -41.02
N ILE I 117 -16.71 -1.09 -41.93
CA ILE I 117 -16.45 -0.91 -43.36
C ILE I 117 -17.77 -0.85 -44.14
N PHE I 118 -17.88 0.10 -45.07
CA PHE I 118 -19.08 0.29 -45.88
C PHE I 118 -18.79 0.11 -47.36
N PRO I 119 -19.56 -0.76 -48.06
CA PRO I 119 -19.33 -0.94 -49.51
C PRO I 119 -19.95 0.21 -50.31
N PRO I 120 -19.47 0.53 -51.54
CA PRO I 120 -20.10 1.62 -52.30
C PRO I 120 -21.56 1.30 -52.61
N SER I 121 -22.45 2.31 -52.46
CA SER I 121 -23.88 2.17 -52.70
C SER I 121 -24.16 1.84 -54.15
N ASP I 122 -25.23 1.04 -54.40
CA ASP I 122 -25.65 0.64 -55.74
C ASP I 122 -25.95 1.84 -56.65
N GLU I 123 -26.56 2.91 -56.07
CA GLU I 123 -26.89 4.15 -56.77
C GLU I 123 -25.62 4.95 -57.17
N GLN I 124 -24.51 4.80 -56.40
CA GLN I 124 -23.23 5.47 -56.68
C GLN I 124 -22.50 4.80 -57.84
N LEU I 125 -22.59 3.45 -57.92
CA LEU I 125 -21.97 2.62 -58.96
C LEU I 125 -22.49 2.96 -60.37
N LYS I 126 -23.72 3.50 -60.45
CA LYS I 126 -24.38 3.95 -61.68
C LYS I 126 -23.74 5.25 -62.20
N SER I 127 -23.27 6.11 -61.27
CA SER I 127 -22.63 7.39 -61.56
C SER I 127 -21.23 7.24 -62.19
N GLY I 128 -20.60 6.08 -61.97
CA GLY I 128 -19.28 5.76 -62.52
C GLY I 128 -18.17 5.65 -61.48
N THR I 129 -18.35 6.29 -60.32
CA THR I 129 -17.35 6.28 -59.24
C THR I 129 -17.76 5.31 -58.12
N ALA I 130 -16.75 4.77 -57.39
CA ALA I 130 -16.95 3.86 -56.28
C ALA I 130 -16.14 4.30 -55.05
N SER I 131 -16.85 4.69 -53.98
CA SER I 131 -16.26 5.13 -52.72
C SER I 131 -16.46 4.09 -51.63
N VAL I 132 -15.34 3.57 -51.09
CA VAL I 132 -15.35 2.60 -50.00
C VAL I 132 -14.95 3.37 -48.73
N VAL I 133 -15.81 3.34 -47.72
CA VAL I 133 -15.61 4.08 -46.48
C VAL I 133 -15.30 3.17 -45.29
N CYS I 134 -14.23 3.51 -44.53
CA CYS I 134 -13.85 2.82 -43.31
C CYS I 134 -13.97 3.80 -42.16
N LEU I 135 -14.80 3.46 -41.17
CA LEU I 135 -15.08 4.28 -40.00
C LEU I 135 -14.44 3.70 -38.73
N LEU I 136 -13.81 4.59 -37.94
CA LEU I 136 -13.17 4.32 -36.65
C LEU I 136 -13.98 5.15 -35.65
N ASN I 137 -14.77 4.48 -34.80
CA ASN I 137 -15.68 5.17 -33.89
C ASN I 137 -15.21 5.22 -32.43
N ASN I 138 -15.37 6.41 -31.81
CA ASN I 138 -15.08 6.78 -30.43
C ASN I 138 -13.79 6.14 -29.85
N PHE I 139 -12.62 6.75 -30.16
CA PHE I 139 -11.29 6.30 -29.74
C PHE I 139 -10.41 7.41 -29.14
N TYR I 140 -9.46 7.02 -28.27
CA TYR I 140 -8.50 7.92 -27.64
C TYR I 140 -7.15 7.19 -27.42
N PRO I 141 -5.97 7.76 -27.75
CA PRO I 141 -5.71 9.11 -28.31
C PRO I 141 -6.04 9.26 -29.80
N ARG I 142 -5.78 10.46 -30.37
CA ARG I 142 -6.02 10.76 -31.78
C ARG I 142 -5.23 9.84 -32.70
N GLU I 143 -3.93 9.70 -32.42
CA GLU I 143 -2.96 8.92 -33.20
C GLU I 143 -3.46 7.53 -33.54
N ALA I 144 -3.79 7.31 -34.83
CA ALA I 144 -4.28 6.05 -35.40
C ALA I 144 -3.85 5.90 -36.85
N LYS I 145 -3.51 4.66 -37.25
CA LYS I 145 -3.07 4.33 -38.61
C LYS I 145 -4.13 3.53 -39.36
N VAL I 146 -4.45 3.95 -40.60
CA VAL I 146 -5.45 3.30 -41.45
C VAL I 146 -4.79 2.84 -42.77
N GLN I 147 -4.87 1.53 -43.05
CA GLN I 147 -4.29 0.93 -44.26
C GLN I 147 -5.40 0.31 -45.09
N TRP I 148 -5.44 0.66 -46.39
CA TRP I 148 -6.41 0.10 -47.35
C TRP I 148 -5.76 -1.02 -48.14
N LYS I 149 -6.50 -2.11 -48.38
CA LYS I 149 -5.98 -3.22 -49.17
C LYS I 149 -7.04 -3.82 -50.09
N VAL I 150 -6.90 -3.54 -51.40
CA VAL I 150 -7.76 -4.02 -52.49
C VAL I 150 -7.10 -5.30 -53.00
N ASP I 151 -7.71 -6.45 -52.66
CA ASP I 151 -7.21 -7.81 -52.97
C ASP I 151 -5.78 -7.99 -52.42
N ASN I 152 -5.61 -7.71 -51.10
CA ASN I 152 -4.38 -7.80 -50.30
C ASN I 152 -3.28 -6.79 -50.70
N ALA I 153 -3.45 -6.07 -51.83
CA ALA I 153 -2.48 -5.08 -52.29
C ALA I 153 -2.74 -3.76 -51.55
N LEU I 154 -1.81 -3.37 -50.65
CA LEU I 154 -1.93 -2.17 -49.82
C LEU I 154 -1.88 -0.88 -50.65
N GLN I 155 -3.06 -0.31 -50.87
CA GLN I 155 -3.29 0.90 -51.67
C GLN I 155 -2.69 2.17 -51.08
N SER I 156 -2.30 3.11 -51.97
CA SER I 156 -1.67 4.38 -51.61
C SER I 156 -1.97 5.48 -52.62
N GLY I 157 -2.28 6.67 -52.12
CA GLY I 157 -2.56 7.86 -52.93
C GLY I 157 -3.98 8.00 -53.45
N ASN I 158 -4.89 7.12 -53.02
CA ASN I 158 -6.30 7.13 -53.45
C ASN I 158 -7.29 7.16 -52.26
N SER I 159 -6.82 7.65 -51.09
CA SER I 159 -7.62 7.76 -49.88
C SER I 159 -7.47 9.10 -49.18
N GLN I 160 -8.57 9.58 -48.55
CA GLN I 160 -8.61 10.84 -47.79
C GLN I 160 -9.18 10.58 -46.39
N GLU I 161 -8.51 11.13 -45.36
CA GLU I 161 -8.91 10.97 -43.96
C GLU I 161 -9.63 12.20 -43.42
N SER I 162 -10.52 11.99 -42.44
CA SER I 162 -11.24 13.04 -41.76
C SER I 162 -11.48 12.67 -40.29
N VAL I 163 -11.05 13.56 -39.37
CA VAL I 163 -11.15 13.37 -37.92
C VAL I 163 -12.07 14.42 -37.32
N THR I 164 -12.92 13.99 -36.36
CA THR I 164 -13.81 14.87 -35.62
C THR I 164 -13.02 15.47 -34.46
N GLU I 165 -13.49 16.60 -33.89
CA GLU I 165 -12.86 17.18 -32.71
C GLU I 165 -13.27 16.33 -31.51
N GLN I 166 -12.49 16.39 -30.41
CA GLN I 166 -12.77 15.65 -29.17
C GLN I 166 -14.22 15.88 -28.74
N ASP I 167 -15.02 14.80 -28.71
CA ASP I 167 -16.43 14.81 -28.32
C ASP I 167 -16.72 15.64 -27.08
N SER I 168 -17.85 16.36 -27.11
CA SER I 168 -18.31 17.24 -26.03
C SER I 168 -18.58 16.52 -24.72
N LYS I 169 -18.88 15.21 -24.76
CA LYS I 169 -19.19 14.47 -23.55
C LYS I 169 -18.13 13.44 -23.14
N ASP I 170 -17.70 12.55 -24.07
CA ASP I 170 -16.74 11.51 -23.72
C ASP I 170 -15.28 11.79 -24.13
N SER I 171 -15.01 12.97 -24.73
CA SER I 171 -13.68 13.45 -25.17
C SER I 171 -12.94 12.52 -26.16
N THR I 172 -13.69 11.71 -26.95
CA THR I 172 -13.09 10.77 -27.91
C THR I 172 -13.01 11.36 -29.33
N TYR I 173 -12.26 10.68 -30.20
CA TYR I 173 -12.08 11.03 -31.62
C TYR I 173 -12.81 10.01 -32.45
N SER I 174 -13.14 10.40 -33.68
CA SER I 174 -13.75 9.52 -34.66
C SER I 174 -13.10 9.82 -36.01
N LEU I 175 -12.72 8.76 -36.73
CA LEU I 175 -12.03 8.87 -38.01
C LEU I 175 -12.83 8.23 -39.14
N SER I 176 -12.75 8.84 -40.33
CA SER I 176 -13.38 8.37 -41.57
C SER I 176 -12.34 8.38 -42.68
N SER I 177 -12.13 7.21 -43.31
CA SER I 177 -11.18 7.04 -44.42
C SER I 177 -11.97 6.64 -45.67
N THR I 178 -11.84 7.43 -46.74
CA THR I 178 -12.58 7.17 -47.98
C THR I 178 -11.64 6.85 -49.13
N LEU I 179 -11.69 5.59 -49.60
CA LEU I 179 -10.93 5.06 -50.74
C LEU I 179 -11.77 5.33 -52.00
N THR I 180 -11.23 6.13 -52.93
CA THR I 180 -11.94 6.49 -54.17
C THR I 180 -11.38 5.72 -55.36
N LEU I 181 -12.29 5.02 -56.07
CA LEU I 181 -12.01 4.20 -57.25
C LEU I 181 -13.04 4.48 -58.36
N SER I 182 -12.85 3.84 -59.52
CA SER I 182 -13.75 3.91 -60.68
C SER I 182 -14.54 2.60 -60.76
N LYS I 183 -15.71 2.60 -61.44
CA LYS I 183 -16.57 1.41 -61.62
C LYS I 183 -15.80 0.25 -62.26
N ALA I 184 -14.87 0.58 -63.19
CA ALA I 184 -14.00 -0.37 -63.87
C ALA I 184 -13.05 -1.04 -62.90
N ASP I 185 -12.22 -0.23 -62.19
CA ASP I 185 -11.24 -0.69 -61.20
C ASP I 185 -11.86 -1.41 -59.99
N TYR I 186 -13.07 -0.98 -59.58
CA TYR I 186 -13.79 -1.60 -58.46
C TYR I 186 -14.28 -3.00 -58.82
N GLU I 187 -14.97 -3.15 -59.97
CA GLU I 187 -15.49 -4.44 -60.41
C GLU I 187 -14.38 -5.41 -60.88
N LYS I 188 -13.13 -4.92 -60.95
CA LYS I 188 -11.94 -5.68 -61.32
C LYS I 188 -11.39 -6.51 -60.15
N HIS I 189 -11.81 -6.19 -58.90
CA HIS I 189 -11.33 -6.87 -57.68
C HIS I 189 -12.47 -7.29 -56.72
N LYS I 190 -12.21 -8.32 -55.87
CA LYS I 190 -13.20 -8.89 -54.95
C LYS I 190 -13.08 -8.47 -53.48
N VAL I 191 -11.92 -8.70 -52.82
CA VAL I 191 -11.71 -8.41 -51.39
C VAL I 191 -11.30 -6.96 -51.15
N TYR I 192 -12.02 -6.29 -50.22
CA TYR I 192 -11.80 -4.91 -49.81
C TYR I 192 -11.67 -4.88 -48.29
N ALA I 193 -10.51 -4.45 -47.78
CA ALA I 193 -10.22 -4.42 -46.35
C ALA I 193 -9.55 -3.15 -45.86
N CYS I 194 -9.84 -2.77 -44.60
CA CYS I 194 -9.24 -1.61 -43.94
C CYS I 194 -8.61 -2.03 -42.59
N GLU I 195 -7.27 -2.05 -42.55
CA GLU I 195 -6.45 -2.44 -41.39
C GLU I 195 -6.22 -1.23 -40.50
N VAL I 196 -6.66 -1.31 -39.24
CA VAL I 196 -6.57 -0.21 -38.26
C VAL I 196 -5.56 -0.50 -37.14
N THR I 197 -4.58 0.43 -36.97
CA THR I 197 -3.56 0.34 -35.93
C THR I 197 -3.79 1.47 -34.90
N HIS I 198 -3.99 1.09 -33.63
CA HIS I 198 -4.22 2.01 -32.51
C HIS I 198 -3.70 1.44 -31.18
N GLN I 199 -3.29 2.35 -30.25
CA GLN I 199 -2.77 2.06 -28.91
C GLN I 199 -3.71 1.19 -28.05
N GLY I 200 -5.02 1.37 -28.22
CA GLY I 200 -6.06 0.63 -27.51
C GLY I 200 -6.34 -0.76 -28.05
N LEU I 201 -5.61 -1.17 -29.11
CA LEU I 201 -5.75 -2.49 -29.73
C LEU I 201 -4.45 -3.28 -29.55
N SER I 202 -4.57 -4.55 -29.08
CA SER I 202 -3.45 -5.46 -28.86
C SER I 202 -2.78 -5.84 -30.19
N SER I 203 -3.59 -6.11 -31.23
CA SER I 203 -3.18 -6.45 -32.59
C SER I 203 -4.08 -5.71 -33.60
N PRO I 204 -3.55 -5.24 -34.77
CA PRO I 204 -4.40 -4.50 -35.72
C PRO I 204 -5.70 -5.18 -36.16
N VAL I 205 -6.82 -4.43 -36.05
CA VAL I 205 -8.17 -4.87 -36.40
C VAL I 205 -8.42 -4.62 -37.89
N THR I 206 -8.88 -5.65 -38.61
CA THR I 206 -9.18 -5.57 -40.03
C THR I 206 -10.65 -5.90 -40.28
N LYS I 207 -11.36 -4.96 -40.93
CA LYS I 207 -12.76 -5.13 -41.31
C LYS I 207 -12.82 -5.21 -42.82
N SER I 208 -13.33 -6.34 -43.35
CA SER I 208 -13.37 -6.63 -44.77
C SER I 208 -14.75 -7.04 -45.29
N PHE I 209 -14.92 -6.94 -46.62
CA PHE I 209 -16.11 -7.37 -47.37
C PHE I 209 -15.68 -7.88 -48.74
N ASN I 210 -16.53 -8.72 -49.36
CA ASN I 210 -16.32 -9.28 -50.69
C ASN I 210 -17.37 -8.70 -51.65
N ARG I 211 -16.90 -8.06 -52.74
CA ARG I 211 -17.74 -7.43 -53.78
C ARG I 211 -18.83 -8.35 -54.31
N ALA J 50 23.44 49.75 -51.26
CA ALA J 50 22.60 50.88 -51.66
C ALA J 50 21.21 50.81 -51.04
N ALA J 51 20.66 49.58 -50.89
CA ALA J 51 19.35 49.30 -50.29
C ALA J 51 19.33 49.67 -48.79
N CYS J 52 20.51 49.61 -48.15
CA CYS J 52 20.77 49.92 -46.74
C CYS J 52 20.45 51.38 -46.39
N GLN J 53 20.58 52.31 -47.36
CA GLN J 53 20.33 53.74 -47.22
C GLN J 53 18.87 54.04 -46.88
N ALA J 54 17.92 53.35 -47.54
CA ALA J 54 16.49 53.49 -47.29
C ALA J 54 16.11 52.81 -45.98
N LYS J 55 16.81 51.69 -45.64
CA LYS J 55 16.59 50.89 -44.44
C LYS J 55 17.15 51.54 -43.16
N ARG J 56 17.97 52.59 -43.29
CA ARG J 56 18.58 53.32 -42.19
C ARG J 56 17.51 54.06 -41.35
N GLY J 57 17.47 53.76 -40.04
CA GLY J 57 16.57 54.36 -39.07
C GLY J 57 15.08 54.13 -39.30
N ASP J 58 14.71 53.01 -39.95
CA ASP J 58 13.30 52.67 -40.21
C ASP J 58 12.63 51.98 -39.01
N GLN J 59 13.37 51.91 -37.87
CA GLN J 59 12.99 51.32 -36.58
C GLN J 59 12.77 49.79 -36.66
N ARG J 60 13.46 49.16 -37.63
CA ARG J 60 13.51 47.72 -37.88
C ARG J 60 14.99 47.35 -38.06
N CYS J 61 15.48 46.38 -37.27
CA CYS J 61 16.86 45.95 -37.36
C CYS J 61 17.10 45.04 -38.55
N ASP J 62 17.84 45.57 -39.54
CA ASP J 62 18.23 44.85 -40.75
C ASP J 62 19.68 44.39 -40.56
N ARG J 63 19.89 43.08 -40.45
CA ARG J 63 21.20 42.44 -40.24
C ARG J 63 22.24 42.86 -41.28
N GLU J 64 21.79 43.14 -42.51
CA GLU J 64 22.60 43.59 -43.65
C GLU J 64 23.27 44.93 -43.34
N CYS J 65 22.71 45.71 -42.39
CA CYS J 65 23.14 47.03 -41.97
C CYS J 65 23.72 47.10 -40.56
N ASN J 66 23.72 45.98 -39.80
CA ASN J 66 24.26 45.90 -38.44
C ASN J 66 25.80 45.87 -38.55
N SER J 67 26.37 47.04 -38.90
CA SER J 67 27.80 47.29 -39.13
C SER J 67 28.20 48.67 -38.57
N PRO J 68 29.44 48.83 -38.01
CA PRO J 68 29.84 50.15 -37.48
C PRO J 68 29.92 51.25 -38.55
N GLY J 69 30.23 50.84 -39.79
CA GLY J 69 30.29 51.70 -40.96
C GLY J 69 28.91 52.20 -41.37
N CYS J 70 27.87 51.36 -41.16
CA CYS J 70 26.47 51.68 -41.45
C CYS J 70 25.74 52.26 -40.22
N GLY J 71 26.53 52.61 -39.19
CA GLY J 71 26.08 53.21 -37.93
C GLY J 71 25.14 52.32 -37.14
N TRP J 72 25.32 50.98 -37.29
CA TRP J 72 24.50 49.90 -36.71
C TRP J 72 23.03 50.07 -37.12
N ASP J 73 22.80 50.25 -38.45
CA ASP J 73 21.50 50.48 -39.11
C ASP J 73 20.84 51.83 -38.66
N GLY J 74 21.69 52.80 -38.29
CA GLY J 74 21.25 54.11 -37.83
C GLY J 74 20.60 54.10 -36.47
N GLY J 75 21.04 53.19 -35.60
CA GLY J 75 20.54 53.02 -34.25
C GLY J 75 19.41 52.01 -34.10
N ASP J 76 19.04 51.34 -35.20
CA ASP J 76 17.97 50.33 -35.23
C ASP J 76 18.39 49.01 -34.57
N CYS J 77 19.69 48.70 -34.62
CA CYS J 77 20.25 47.48 -34.05
C CYS J 77 21.04 47.70 -32.74
N SER J 78 21.30 48.97 -32.37
CA SER J 78 22.10 49.35 -31.20
C SER J 78 21.36 50.21 -30.15
N LEU J 79 20.04 50.01 -29.98
CA LEU J 79 19.17 50.70 -29.01
C LEU J 79 19.26 52.24 -29.08
N SER J 80 19.30 52.80 -30.32
CA SER J 80 19.40 54.24 -30.66
C SER J 80 20.75 54.88 -30.30
N VAL J 81 21.75 54.09 -29.84
CA VAL J 81 23.09 54.59 -29.51
C VAL J 81 23.84 54.64 -30.85
N GLY J 82 24.14 55.85 -31.31
CA GLY J 82 24.86 56.09 -32.57
C GLY J 82 26.17 55.34 -32.63
N ASP J 83 27.05 55.59 -31.64
CA ASP J 83 28.35 54.94 -31.52
C ASP J 83 28.65 54.57 -30.06
N PRO J 84 28.51 53.28 -29.65
CA PRO J 84 28.84 52.89 -28.27
C PRO J 84 30.33 53.04 -27.95
N TRP J 85 31.19 52.87 -28.98
CA TRP J 85 32.65 53.02 -28.88
C TRP J 85 33.07 54.44 -29.30
N ARG J 86 32.30 55.45 -28.81
CA ARG J 86 32.44 56.89 -29.03
C ARG J 86 33.59 57.47 -28.22
N GLN J 87 33.63 57.15 -26.92
CA GLN J 87 34.65 57.62 -25.98
C GLN J 87 36.04 57.05 -26.25
N CYS J 88 36.14 55.73 -26.58
CA CYS J 88 37.43 55.08 -26.81
C CYS J 88 38.05 55.38 -28.18
N GLU J 89 39.39 55.32 -28.21
CA GLU J 89 40.27 55.63 -29.33
C GLU J 89 40.58 54.45 -30.28
N ALA J 90 40.77 53.23 -29.73
CA ALA J 90 41.09 52.03 -30.53
C ALA J 90 39.96 51.64 -31.49
N LEU J 91 40.24 51.76 -32.81
CA LEU J 91 39.30 51.52 -33.92
C LEU J 91 38.89 50.04 -34.15
N GLN J 92 39.54 49.08 -33.46
CA GLN J 92 39.26 47.65 -33.65
C GLN J 92 38.32 47.01 -32.59
N CYS J 93 38.10 47.69 -31.44
CA CYS J 93 37.30 47.20 -30.29
C CYS J 93 35.95 46.53 -30.65
N TRP J 94 35.32 46.90 -31.79
CA TRP J 94 34.02 46.35 -32.26
C TRP J 94 33.97 44.81 -32.22
N ARG J 95 34.92 44.16 -32.93
CA ARG J 95 35.03 42.71 -33.04
C ARG J 95 35.53 42.08 -31.74
N LEU J 96 36.35 42.84 -30.99
CA LEU J 96 36.99 42.42 -29.75
C LEU J 96 36.04 42.20 -28.56
N PHE J 97 34.77 42.67 -28.65
CA PHE J 97 33.77 42.52 -27.59
C PHE J 97 33.08 41.14 -27.57
N ASN J 98 33.15 40.39 -28.69
CA ASN J 98 32.49 39.08 -28.83
C ASN J 98 33.27 37.88 -28.25
N ASN J 99 34.56 37.74 -28.65
CA ASN J 99 35.55 36.67 -28.40
C ASN J 99 35.50 35.94 -27.04
N SER J 100 35.02 36.61 -25.95
CA SER J 100 34.96 36.05 -24.58
C SER J 100 36.35 35.67 -24.02
N ARG J 101 37.38 36.42 -24.45
CA ARG J 101 38.79 36.27 -24.05
C ARG J 101 39.43 37.66 -24.03
N CYS J 102 40.09 38.01 -22.91
CA CYS J 102 40.73 39.29 -22.64
C CYS J 102 41.65 39.82 -23.75
N ASP J 103 41.55 41.14 -24.01
CA ASP J 103 42.34 41.94 -24.94
C ASP J 103 42.59 43.27 -24.21
N PRO J 104 43.83 43.50 -23.69
CA PRO J 104 44.10 44.65 -22.81
C PRO J 104 43.90 46.05 -23.38
N ALA J 105 44.06 46.23 -24.70
CA ALA J 105 43.90 47.53 -25.36
C ALA J 105 42.47 48.07 -25.29
N CYS J 106 41.48 47.16 -25.29
CA CYS J 106 40.06 47.49 -25.22
C CYS J 106 39.44 47.23 -23.83
N SER J 107 40.28 47.08 -22.79
CA SER J 107 39.84 46.82 -21.41
C SER J 107 39.74 48.10 -20.58
N SER J 108 39.19 49.18 -21.18
CA SER J 108 39.03 50.49 -20.56
C SER J 108 37.53 50.82 -20.35
N PRO J 109 37.15 51.73 -19.39
CA PRO J 109 35.72 52.07 -19.21
C PRO J 109 35.10 52.71 -20.45
N ALA J 110 35.92 53.45 -21.22
CA ALA J 110 35.54 54.10 -22.48
C ALA J 110 35.40 53.00 -23.55
N CYS J 111 36.25 51.98 -23.46
CA CYS J 111 36.29 50.81 -24.34
C CYS J 111 35.29 49.74 -23.89
N LEU J 112 34.41 50.11 -22.92
CA LEU J 112 33.31 49.33 -22.35
C LEU J 112 33.79 48.03 -21.66
N TYR J 113 34.91 48.13 -20.90
CA TYR J 113 35.56 47.07 -20.10
C TYR J 113 35.78 45.74 -20.86
N ASP J 114 35.76 45.79 -22.23
CA ASP J 114 35.91 44.67 -23.16
C ASP J 114 34.96 43.51 -22.82
N ASN J 115 33.66 43.82 -22.65
CA ASN J 115 32.59 42.88 -22.32
C ASN J 115 32.94 41.97 -21.10
N PHE J 116 33.73 42.54 -20.14
CA PHE J 116 34.22 41.92 -18.90
C PHE J 116 35.02 40.63 -19.15
N ASP J 117 35.76 40.59 -20.29
CA ASP J 117 36.58 39.43 -20.72
C ASP J 117 37.87 39.24 -19.92
N CYS J 118 38.21 40.21 -19.05
CA CYS J 118 39.42 40.18 -18.21
C CYS J 118 39.09 39.94 -16.73
N GLU J 124 33.06 33.21 -10.97
CA GLU J 124 32.35 33.02 -12.24
C GLU J 124 32.14 34.35 -12.97
N ARG J 125 31.88 34.28 -14.30
CA ARG J 125 31.64 35.45 -15.13
C ARG J 125 30.13 35.59 -15.43
N THR J 126 29.31 34.67 -14.86
CA THR J 126 27.85 34.58 -15.01
C THR J 126 27.24 33.88 -13.79
N CYS J 127 26.09 34.41 -13.31
CA CYS J 127 25.30 33.88 -12.20
C CYS J 127 24.77 32.52 -12.62
N ASN J 128 24.96 31.49 -11.75
CA ASN J 128 24.55 30.11 -11.99
C ASN J 128 23.10 30.05 -12.48
N PRO J 129 22.84 29.51 -13.70
CA PRO J 129 21.44 29.47 -14.23
C PRO J 129 20.45 28.75 -13.33
N VAL J 130 20.94 27.78 -12.55
CA VAL J 130 20.18 26.98 -11.60
C VAL J 130 19.64 27.88 -10.47
N TYR J 131 20.46 28.86 -10.03
CA TYR J 131 20.11 29.78 -8.94
C TYR J 131 19.55 31.14 -9.40
N GLU J 132 19.54 31.39 -10.73
CA GLU J 132 19.07 32.63 -11.35
C GLU J 132 17.70 33.08 -10.87
N LYS J 133 16.65 32.23 -11.04
CA LYS J 133 15.27 32.53 -10.64
C LYS J 133 15.14 32.89 -9.15
N TYR J 134 15.88 32.17 -8.27
CA TYR J 134 15.87 32.45 -6.82
C TYR J 134 16.44 33.84 -6.54
N CYS J 135 17.65 34.15 -7.09
CA CYS J 135 18.33 35.43 -6.93
C CYS J 135 17.49 36.61 -7.44
N ALA J 136 16.78 36.39 -8.57
CA ALA J 136 15.86 37.32 -9.21
C ALA J 136 14.65 37.64 -8.33
N ASP J 137 14.13 36.63 -7.62
CA ASP J 137 12.96 36.76 -6.76
C ASP J 137 13.29 37.28 -5.35
N HIS J 138 14.51 37.01 -4.86
CA HIS J 138 14.95 37.43 -3.52
C HIS J 138 15.87 38.67 -3.52
N PHE J 139 15.98 39.37 -4.66
CA PHE J 139 16.77 40.60 -4.84
C PHE J 139 16.05 41.75 -4.14
N ALA J 140 16.77 42.50 -3.29
CA ALA J 140 16.27 43.68 -2.54
C ALA J 140 14.92 43.46 -1.84
N ASP J 141 14.79 42.32 -1.13
CA ASP J 141 13.58 41.93 -0.41
C ASP J 141 13.66 42.24 1.09
N GLY J 142 14.77 42.84 1.51
CA GLY J 142 15.00 43.19 2.91
C GLY J 142 15.77 42.16 3.70
N ARG J 143 15.68 40.88 3.27
CA ARG J 143 16.34 39.74 3.89
C ARG J 143 17.63 39.33 3.15
N CYS J 144 18.72 39.09 3.91
CA CYS J 144 20.04 38.74 3.36
C CYS J 144 20.13 37.29 2.87
N ASP J 145 20.37 37.12 1.57
CA ASP J 145 20.55 35.82 0.92
C ASP J 145 21.99 35.80 0.40
N GLN J 146 22.90 35.21 1.20
CA GLN J 146 24.35 35.15 0.95
C GLN J 146 24.78 34.49 -0.36
N GLY J 147 24.05 33.47 -0.81
CA GLY J 147 24.35 32.74 -2.04
C GLY J 147 24.22 33.56 -3.31
N CYS J 148 23.47 34.67 -3.22
CA CYS J 148 23.23 35.62 -4.30
C CYS J 148 24.07 36.89 -4.11
N ASN J 149 24.77 37.02 -2.95
CA ASN J 149 25.62 38.16 -2.60
C ASN J 149 26.99 38.11 -3.30
N THR J 150 26.96 38.22 -4.64
CA THR J 150 28.13 38.19 -5.51
C THR J 150 27.90 39.16 -6.68
N GLU J 151 29.00 39.65 -7.30
CA GLU J 151 29.04 40.59 -8.43
C GLU J 151 28.14 40.15 -9.59
N GLU J 152 28.19 38.85 -9.96
CA GLU J 152 27.43 38.21 -11.05
C GLU J 152 25.92 38.13 -10.77
N CYS J 153 25.52 37.96 -9.50
CA CYS J 153 24.12 37.83 -9.14
C CYS J 153 23.51 39.12 -8.53
N GLY J 154 24.17 40.25 -8.83
CA GLY J 154 23.75 41.58 -8.41
C GLY J 154 23.76 41.87 -6.91
N TRP J 155 24.67 41.23 -6.14
CA TRP J 155 24.87 41.44 -4.70
C TRP J 155 23.61 41.35 -3.82
N ASP J 156 22.58 40.60 -4.27
CA ASP J 156 21.30 40.38 -3.61
C ASP J 156 20.56 41.70 -3.25
N GLY J 157 20.65 42.70 -4.13
CA GLY J 157 20.02 44.00 -3.94
C GLY J 157 20.49 44.78 -2.73
N LEU J 158 21.76 44.54 -2.33
CA LEU J 158 22.45 45.15 -1.18
C LEU J 158 21.80 44.82 0.18
N ASP J 159 21.03 43.70 0.25
CA ASP J 159 20.33 43.22 1.45
C ASP J 159 21.32 42.85 2.55
N CYS J 160 22.51 42.38 2.16
CA CYS J 160 23.58 41.97 3.07
C CYS J 160 24.53 43.15 3.39
N ALA J 161 24.38 44.29 2.71
CA ALA J 161 25.22 45.50 2.88
C ALA J 161 24.41 46.74 3.27
N SER J 162 23.33 46.52 4.05
CA SER J 162 22.40 47.54 4.52
C SER J 162 23.09 48.68 5.27
N GLU J 163 24.06 48.35 6.14
CA GLU J 163 24.79 49.33 6.96
C GLU J 163 25.94 50.03 6.21
N VAL J 164 26.22 49.62 4.95
CA VAL J 164 27.26 50.24 4.13
C VAL J 164 26.62 51.47 3.41
N PRO J 165 27.21 52.68 3.52
CA PRO J 165 26.59 53.84 2.86
C PRO J 165 26.71 53.81 1.35
N ALA J 166 25.72 54.43 0.66
CA ALA J 166 25.64 54.47 -0.79
C ALA J 166 26.78 55.26 -1.42
N LEU J 167 27.37 54.71 -2.50
CA LEU J 167 28.46 55.32 -3.26
C LEU J 167 28.01 55.39 -4.72
N LEU J 168 27.10 56.33 -4.98
CA LEU J 168 26.49 56.50 -6.30
C LEU J 168 27.42 57.00 -7.39
N ALA J 169 27.27 56.43 -8.60
CA ALA J 169 28.00 56.83 -9.82
C ALA J 169 27.37 58.15 -10.30
N ARG J 170 28.16 59.02 -10.94
CA ARG J 170 27.71 60.33 -11.40
C ARG J 170 26.74 60.23 -12.61
N GLY J 171 25.49 60.64 -12.39
CA GLY J 171 24.44 60.57 -13.41
C GLY J 171 23.26 59.66 -13.04
N VAL J 172 22.28 59.59 -13.95
CA VAL J 172 21.02 58.84 -13.86
C VAL J 172 20.85 58.06 -15.16
N LEU J 173 20.81 56.72 -15.08
CA LEU J 173 20.63 55.83 -16.24
C LEU J 173 19.14 55.80 -16.59
N VAL J 174 18.81 56.20 -17.82
CA VAL J 174 17.42 56.25 -18.28
C VAL J 174 17.15 55.16 -19.34
N LEU J 175 16.21 54.24 -19.00
CA LEU J 175 15.81 53.14 -19.87
C LEU J 175 14.37 53.30 -20.33
N THR J 176 14.14 53.23 -21.65
CA THR J 176 12.80 53.29 -22.23
C THR J 176 12.42 51.81 -22.46
N VAL J 177 11.75 51.19 -21.49
CA VAL J 177 11.36 49.77 -21.55
C VAL J 177 9.98 49.68 -22.16
N LEU J 178 9.81 48.79 -23.16
CA LEU J 178 8.54 48.57 -23.85
C LEU J 178 7.61 47.65 -23.04
N LEU J 179 7.27 48.12 -21.83
CA LEU J 179 6.40 47.47 -20.86
C LEU J 179 5.61 48.55 -20.13
N PRO J 180 4.29 48.36 -19.86
CA PRO J 180 3.53 49.38 -19.13
C PRO J 180 4.04 49.51 -17.69
N PRO J 181 3.98 50.71 -17.06
CA PRO J 181 4.50 50.86 -15.69
C PRO J 181 3.98 49.84 -14.67
N GLU J 182 2.69 49.46 -14.74
CA GLU J 182 2.07 48.46 -13.86
C GLU J 182 2.71 47.07 -14.00
N GLU J 183 2.96 46.65 -15.25
CA GLU J 183 3.60 45.38 -15.57
C GLU J 183 5.06 45.32 -15.07
N LEU J 184 5.82 46.42 -15.29
CA LEU J 184 7.23 46.58 -14.93
C LEU J 184 7.45 46.58 -13.42
N LEU J 185 6.66 47.37 -12.66
CA LEU J 185 6.77 47.48 -11.20
C LEU J 185 6.45 46.16 -10.48
N ARG J 186 5.64 45.29 -11.11
CA ARG J 186 5.30 43.97 -10.58
C ARG J 186 6.52 43.06 -10.68
N SER J 187 7.33 43.24 -11.74
CA SER J 187 8.54 42.47 -12.02
C SER J 187 9.80 43.28 -11.69
N SER J 188 9.68 44.32 -10.83
CA SER J 188 10.78 45.21 -10.42
C SER J 188 12.04 44.48 -9.99
N ALA J 189 11.90 43.45 -9.13
CA ALA J 189 13.00 42.66 -8.61
C ALA J 189 13.86 41.97 -9.69
N ASP J 190 13.33 41.05 -10.53
CA ASP J 190 14.21 40.43 -11.53
C ASP J 190 14.65 41.44 -12.59
N PHE J 191 13.87 42.51 -12.80
CA PHE J 191 14.22 43.57 -13.74
C PHE J 191 15.56 44.18 -13.29
N LEU J 192 15.59 44.67 -12.04
CA LEU J 192 16.77 45.27 -11.41
C LEU J 192 17.88 44.24 -11.23
N GLN J 193 17.56 43.04 -10.69
CA GLN J 193 18.51 41.94 -10.47
C GLN J 193 19.35 41.62 -11.71
N ARG J 194 18.65 41.32 -12.82
CA ARG J 194 19.27 40.97 -14.10
C ARG J 194 20.06 42.11 -14.71
N LEU J 195 19.66 43.36 -14.43
CA LEU J 195 20.37 44.55 -14.90
C LEU J 195 21.62 44.75 -14.03
N SER J 196 21.52 44.51 -12.72
CA SER J 196 22.61 44.59 -11.75
C SER J 196 23.66 43.50 -12.03
N ALA J 197 23.21 42.38 -12.61
CA ALA J 197 24.03 41.24 -12.99
C ALA J 197 24.83 41.56 -14.25
N ILE J 198 24.15 42.04 -15.33
CA ILE J 198 24.75 42.40 -16.62
C ILE J 198 25.76 43.53 -16.47
N LEU J 199 25.42 44.56 -15.67
CA LEU J 199 26.27 45.73 -15.45
C LEU J 199 27.32 45.53 -14.33
N ARG J 200 27.25 44.39 -13.62
CA ARG J 200 28.17 43.94 -12.55
C ARG J 200 28.34 44.96 -11.40
N THR J 201 27.27 45.73 -11.14
CA THR J 201 27.16 46.74 -10.10
C THR J 201 25.71 46.82 -9.63
N SER J 202 25.46 47.38 -8.45
CA SER J 202 24.11 47.49 -7.91
C SER J 202 23.28 48.58 -8.56
N LEU J 203 22.02 48.26 -8.94
CA LEU J 203 21.09 49.18 -9.56
C LEU J 203 19.74 49.23 -8.86
N ARG J 204 19.22 50.45 -8.66
CA ARG J 204 17.93 50.71 -8.03
C ARG J 204 17.26 51.90 -8.73
N PHE J 205 15.92 52.00 -8.63
CA PHE J 205 15.18 53.10 -9.23
C PHE J 205 15.42 54.38 -8.44
N ARG J 206 15.51 55.52 -9.14
CA ARG J 206 15.65 56.84 -8.53
C ARG J 206 14.31 57.16 -7.87
N LEU J 207 14.31 57.84 -6.72
CA LEU J 207 13.07 58.11 -6.01
C LEU J 207 12.57 59.56 -6.08
N ASP J 208 11.23 59.72 -6.02
CA ASP J 208 10.47 60.98 -6.02
C ASP J 208 10.73 61.78 -4.75
N ALA J 209 10.12 62.97 -4.65
CA ALA J 209 10.19 63.81 -3.44
C ALA J 209 9.41 63.10 -2.33
N HIS J 210 8.32 62.40 -2.70
CA HIS J 210 7.46 61.63 -1.80
C HIS J 210 8.05 60.25 -1.46
N GLY J 211 9.02 59.81 -2.26
CA GLY J 211 9.73 58.55 -2.05
C GLY J 211 9.28 57.37 -2.90
N GLN J 212 8.67 57.63 -4.05
CA GLN J 212 8.21 56.57 -4.96
C GLN J 212 9.12 56.43 -6.19
N ALA J 213 9.18 55.22 -6.77
CA ALA J 213 10.02 54.90 -7.93
C ALA J 213 9.73 55.76 -9.16
N MET J 214 10.79 56.28 -9.81
CA MET J 214 10.69 57.13 -11.00
C MET J 214 10.47 56.31 -12.28
N VAL J 215 9.28 55.68 -12.36
CA VAL J 215 8.81 54.87 -13.48
C VAL J 215 7.55 55.58 -14.00
N PHE J 216 7.64 56.18 -15.20
CA PHE J 216 6.54 56.93 -15.81
C PHE J 216 6.14 56.37 -17.18
N PRO J 217 4.87 56.53 -17.65
CA PRO J 217 4.53 56.01 -18.99
C PRO J 217 5.21 56.77 -20.13
N TYR J 218 5.55 56.05 -21.22
CA TYR J 218 6.24 56.61 -22.38
C TYR J 218 5.28 57.02 -23.51
N GLY J 225 5.04 51.51 -23.77
CA GLY J 225 6.08 51.27 -22.76
C GLY J 225 6.20 52.34 -21.68
N SER J 226 7.30 52.28 -20.90
CA SER J 226 7.61 53.19 -19.78
C SER J 226 9.08 53.69 -19.73
N VAL J 227 9.29 54.83 -19.03
CA VAL J 227 10.55 55.52 -18.79
C VAL J 227 11.01 55.17 -17.37
N VAL J 228 12.15 54.47 -17.27
CA VAL J 228 12.74 54.00 -16.03
C VAL J 228 14.01 54.79 -15.74
N MET J 229 14.05 55.49 -14.60
CA MET J 229 15.20 56.28 -14.17
C MET J 229 15.90 55.56 -13.04
N LEU J 230 17.12 55.05 -13.33
CA LEU J 230 17.92 54.24 -12.44
C LEU J 230 19.20 54.88 -11.95
N GLU J 231 19.60 54.51 -10.73
CA GLU J 231 20.83 54.96 -10.06
C GLU J 231 21.77 53.78 -9.89
N ILE J 232 23.09 54.02 -10.10
CA ILE J 232 24.14 53.01 -9.99
C ILE J 232 24.87 53.17 -8.65
N ASP J 233 24.86 52.11 -7.82
CA ASP J 233 25.52 52.10 -6.52
C ASP J 233 26.75 51.20 -6.54
N ASN J 234 27.93 51.81 -6.36
CA ASN J 234 29.22 51.10 -6.39
C ASN J 234 29.81 50.88 -4.98
N ARG J 235 28.93 50.78 -3.95
CA ARG J 235 29.38 50.57 -2.56
C ARG J 235 30.07 49.21 -2.36
N LEU J 236 29.66 48.17 -3.10
CA LEU J 236 30.28 46.84 -2.98
C LEU J 236 31.35 46.59 -4.05
N CYS J 237 31.73 47.63 -4.78
CA CYS J 237 32.80 47.56 -5.78
C CYS J 237 34.08 47.97 -5.04
N LEU J 238 34.72 46.98 -4.38
CA LEU J 238 35.91 47.12 -3.54
C LEU J 238 37.13 47.68 -4.29
N GLN J 239 37.89 48.57 -3.63
CA GLN J 239 39.08 49.22 -4.19
C GLN J 239 40.28 48.29 -4.33
N SER J 240 40.62 48.02 -5.59
CA SER J 240 41.75 47.21 -6.05
C SER J 240 42.18 47.78 -7.41
N PRO J 241 43.49 47.91 -7.70
CA PRO J 241 43.91 48.51 -8.98
C PRO J 241 43.66 47.59 -10.18
N ASP J 244 39.78 51.57 -12.13
CA ASP J 244 39.33 50.91 -13.35
C ASP J 244 38.75 49.50 -13.07
N HIS J 245 37.49 49.47 -12.54
CA HIS J 245 36.78 48.24 -12.16
C HIS J 245 35.30 48.28 -12.57
N CYS J 246 34.56 49.32 -12.11
CA CYS J 246 33.11 49.49 -12.32
C CYS J 246 32.76 50.87 -12.88
N PHE J 247 31.53 51.01 -13.43
CA PHE J 247 31.02 52.19 -14.15
C PHE J 247 31.05 53.49 -13.33
N PRO J 248 31.84 54.50 -13.79
CA PRO J 248 31.90 55.78 -13.05
C PRO J 248 30.70 56.69 -13.27
N ASP J 249 30.05 56.56 -14.44
CA ASP J 249 28.88 57.33 -14.83
C ASP J 249 27.77 56.49 -15.49
N ALA J 250 26.55 57.04 -15.56
CA ALA J 250 25.38 56.43 -16.19
C ALA J 250 25.53 56.30 -17.72
N GLN J 251 26.22 57.25 -18.37
CA GLN J 251 26.43 57.25 -19.83
C GLN J 251 27.24 56.06 -20.34
N SER J 252 28.34 55.68 -19.65
CA SER J 252 29.17 54.55 -20.07
C SER J 252 28.39 53.24 -19.99
N ALA J 253 27.46 53.13 -19.00
CA ALA J 253 26.56 51.98 -18.77
C ALA J 253 25.51 51.86 -19.90
N ALA J 254 24.96 53.02 -20.38
CA ALA J 254 24.00 53.10 -21.49
C ALA J 254 24.66 52.67 -22.80
N ASP J 255 25.93 53.11 -23.02
CA ASP J 255 26.75 52.78 -24.19
C ASP J 255 27.04 51.27 -24.21
N TYR J 256 27.38 50.70 -23.03
CA TYR J 256 27.67 49.28 -22.83
C TYR J 256 26.46 48.40 -23.21
N LEU J 257 25.25 48.80 -22.78
CA LEU J 257 24.00 48.10 -23.12
C LEU J 257 23.71 48.14 -24.62
N GLY J 258 23.93 49.30 -25.24
CA GLY J 258 23.75 49.49 -26.68
C GLY J 258 24.69 48.61 -27.47
N ALA J 259 25.95 48.48 -27.00
CA ALA J 259 27.00 47.64 -27.58
C ALA J 259 26.63 46.16 -27.54
N LEU J 260 26.04 45.70 -26.40
CA LEU J 260 25.60 44.31 -26.20
C LEU J 260 24.59 43.91 -27.28
N SER J 261 23.50 44.70 -27.44
CA SER J 261 22.46 44.46 -28.43
C SER J 261 23.01 44.51 -29.86
N ALA J 262 23.95 45.45 -30.14
CA ALA J 262 24.58 45.66 -31.45
C ALA J 262 25.34 44.42 -31.97
N VAL J 263 26.07 43.72 -31.09
CA VAL J 263 26.88 42.53 -31.38
C VAL J 263 26.14 41.21 -31.08
N GLU J 264 24.82 41.30 -30.81
CA GLU J 264 23.92 40.18 -30.47
C GLU J 264 24.40 39.43 -29.20
N ARG J 265 24.60 40.19 -28.11
CA ARG J 265 25.07 39.67 -26.82
C ARG J 265 24.24 40.14 -25.61
N LEU J 266 23.14 40.90 -25.85
CA LEU J 266 22.29 41.39 -24.76
C LEU J 266 21.36 40.28 -24.25
N ASP J 267 21.61 39.83 -23.02
CA ASP J 267 20.81 38.80 -22.35
C ASP J 267 19.94 39.45 -21.26
N PHE J 268 19.05 40.38 -21.68
CA PHE J 268 18.11 41.08 -20.79
C PHE J 268 16.70 40.78 -21.31
N PRO J 269 15.88 40.01 -20.55
CA PRO J 269 14.54 39.62 -21.04
C PRO J 269 13.49 40.72 -21.18
N TYR J 270 13.86 42.00 -20.91
CA TYR J 270 12.95 43.13 -20.99
C TYR J 270 13.20 43.94 -22.27
N PRO J 271 12.19 44.07 -23.16
CA PRO J 271 12.41 44.81 -24.43
C PRO J 271 12.70 46.28 -24.23
N LEU J 272 13.90 46.70 -24.65
CA LEU J 272 14.32 48.10 -24.51
C LEU J 272 14.20 48.84 -25.83
N ARG J 273 13.82 50.11 -25.75
CA ARG J 273 13.74 50.99 -26.88
C ARG J 273 15.02 51.85 -26.84
N ASP J 274 15.26 52.53 -25.70
CA ASP J 274 16.41 53.44 -25.50
C ASP J 274 17.21 53.18 -24.24
N VAL J 275 18.47 53.67 -24.26
CA VAL J 275 19.47 53.64 -23.19
C VAL J 275 20.04 55.07 -23.12
N ARG J 276 20.16 55.64 -21.90
CA ARG J 276 20.60 57.03 -21.76
C ARG J 276 21.40 57.34 -20.48
N GLY J 277 22.12 58.47 -20.54
CA GLY J 277 22.88 59.06 -19.45
C GLY J 277 22.27 60.42 -19.19
N GLU J 278 21.88 60.70 -17.94
CA GLU J 278 21.22 61.97 -17.57
C GLU J 278 21.84 62.59 -16.30
N PRO J 279 22.07 63.92 -16.23
CA PRO J 279 22.70 64.48 -15.01
C PRO J 279 21.74 64.87 -13.87
N LEU J 280 20.86 65.88 -14.10
CA LEU J 280 19.91 66.41 -13.11
C LEU J 280 18.83 65.40 -12.71
N ASP K 1 -14.10 -39.56 2.63
CA ASP K 1 -12.97 -39.49 3.57
C ASP K 1 -12.77 -40.84 4.31
N ILE K 2 -11.51 -41.15 4.70
CA ILE K 2 -11.15 -42.38 5.41
C ILE K 2 -11.59 -42.34 6.88
N GLN K 3 -11.83 -43.54 7.45
CA GLN K 3 -12.21 -43.75 8.83
C GLN K 3 -11.19 -44.68 9.49
N MET K 4 -10.45 -44.16 10.49
CA MET K 4 -9.45 -44.93 11.25
C MET K 4 -10.09 -45.29 12.59
N THR K 5 -10.57 -46.54 12.72
CA THR K 5 -11.25 -46.99 13.94
C THR K 5 -10.33 -47.82 14.84
N GLN K 6 -10.11 -47.33 16.06
CA GLN K 6 -9.28 -48.01 17.05
C GLN K 6 -10.12 -48.82 18.03
N SER K 7 -9.63 -50.02 18.39
CA SER K 7 -10.31 -50.95 19.30
C SER K 7 -9.35 -51.65 20.26
N PRO K 8 -9.60 -51.62 21.60
CA PRO K 8 -10.72 -50.95 22.29
C PRO K 8 -10.47 -49.46 22.51
N SER K 9 -11.44 -48.74 23.08
CA SER K 9 -11.29 -47.31 23.37
C SER K 9 -10.47 -47.13 24.66
N SER K 10 -10.57 -48.11 25.57
CA SER K 10 -9.88 -48.17 26.86
C SER K 10 -9.53 -49.61 27.22
N LEU K 11 -8.42 -49.82 27.93
CA LEU K 11 -8.03 -51.15 28.42
C LEU K 11 -7.17 -51.06 29.69
N SER K 12 -7.39 -52.01 30.62
CA SER K 12 -6.66 -52.11 31.87
C SER K 12 -5.99 -53.48 31.96
N ALA K 13 -4.68 -53.49 32.24
CA ALA K 13 -3.87 -54.70 32.32
C ALA K 13 -2.76 -54.56 33.36
N SER K 14 -2.19 -55.67 33.84
CA SER K 14 -1.12 -55.66 34.84
C SER K 14 0.25 -55.58 34.17
N VAL K 15 1.30 -55.23 34.93
CA VAL K 15 2.69 -55.15 34.47
C VAL K 15 3.14 -56.57 34.11
N GLY K 16 3.70 -56.72 32.90
CA GLY K 16 4.15 -58.01 32.38
C GLY K 16 3.20 -58.64 31.38
N ASP K 17 1.97 -58.11 31.28
CA ASP K 17 0.94 -58.58 30.36
C ASP K 17 1.24 -58.22 28.91
N ARG K 18 0.67 -59.00 27.98
CA ARG K 18 0.76 -58.78 26.54
C ARG K 18 -0.47 -57.96 26.17
N VAL K 19 -0.23 -56.72 25.72
CA VAL K 19 -1.30 -55.80 25.35
C VAL K 19 -1.39 -55.71 23.83
N THR K 20 -2.63 -55.81 23.31
CA THR K 20 -2.92 -55.79 21.89
C THR K 20 -3.94 -54.69 21.59
N ILE K 21 -3.54 -53.72 20.74
CA ILE K 21 -4.37 -52.60 20.28
C ILE K 21 -4.53 -52.71 18.76
N THR K 22 -5.77 -52.58 18.24
CA THR K 22 -5.99 -52.62 16.79
C THR K 22 -6.48 -51.29 16.26
N CYS K 23 -6.23 -51.03 14.97
CA CYS K 23 -6.64 -49.86 14.21
C CYS K 23 -7.08 -50.33 12.82
N LYS K 24 -8.36 -50.15 12.49
CA LYS K 24 -8.92 -50.57 11.20
C LYS K 24 -9.24 -49.39 10.29
N ALA K 25 -8.80 -49.47 9.02
CA ALA K 25 -9.04 -48.44 8.03
C ALA K 25 -10.25 -48.79 7.15
N SER K 26 -11.07 -47.78 6.77
CA SER K 26 -12.25 -47.94 5.94
C SER K 26 -11.93 -48.48 4.53
N GLN K 27 -10.80 -48.05 3.93
CA GLN K 27 -10.30 -48.56 2.64
C GLN K 27 -8.80 -48.87 2.77
N ASN K 28 -8.23 -49.64 1.83
CA ASN K 28 -6.84 -50.11 1.85
C ASN K 28 -5.81 -48.98 1.88
N VAL K 29 -4.89 -49.04 2.85
CA VAL K 29 -3.82 -48.03 2.99
C VAL K 29 -2.41 -48.66 2.86
N GLY K 30 -2.34 -49.95 2.58
CA GLY K 30 -1.07 -50.66 2.43
C GLY K 30 -0.26 -50.65 3.69
N ASN K 31 0.98 -50.17 3.62
CA ASN K 31 1.89 -50.07 4.78
C ASN K 31 1.89 -48.65 5.34
N ASN K 32 1.03 -47.78 4.81
CA ASN K 32 0.94 -46.36 5.21
C ASN K 32 0.22 -46.15 6.55
N ILE K 33 0.91 -46.47 7.66
CA ILE K 33 0.39 -46.27 9.03
C ILE K 33 1.53 -45.99 10.03
N ALA K 34 1.27 -45.11 11.00
CA ALA K 34 2.19 -44.77 12.06
C ALA K 34 1.48 -44.77 13.40
N TRP K 35 2.09 -45.42 14.42
CA TRP K 35 1.59 -45.52 15.79
C TRP K 35 2.31 -44.51 16.69
N TYR K 36 1.56 -43.84 17.59
CA TYR K 36 2.06 -42.82 18.52
C TYR K 36 1.67 -43.14 19.96
N GLN K 37 2.45 -42.64 20.91
CA GLN K 37 2.19 -42.75 22.35
C GLN K 37 2.12 -41.34 22.92
N GLN K 38 0.98 -41.00 23.55
CA GLN K 38 0.83 -39.68 24.14
C GLN K 38 0.53 -39.76 25.63
N LYS K 39 1.41 -39.14 26.43
CA LYS K 39 1.26 -39.08 27.89
C LYS K 39 0.53 -37.77 28.27
N PRO K 40 -0.24 -37.73 29.39
CA PRO K 40 -1.01 -36.50 29.72
C PRO K 40 -0.23 -35.19 29.68
N GLY K 41 -0.81 -34.22 28.97
CA GLY K 41 -0.28 -32.87 28.80
C GLY K 41 1.04 -32.74 28.06
N LYS K 42 1.43 -33.78 27.30
CA LYS K 42 2.67 -33.80 26.54
C LYS K 42 2.41 -34.11 25.05
N ALA K 43 3.37 -33.74 24.17
CA ALA K 43 3.29 -33.99 22.74
C ALA K 43 3.37 -35.49 22.43
N PRO K 44 2.68 -36.00 21.36
CA PRO K 44 2.78 -37.44 21.07
C PRO K 44 4.19 -37.84 20.66
N LYS K 45 4.56 -39.08 21.01
CA LYS K 45 5.86 -39.67 20.71
C LYS K 45 5.69 -40.78 19.67
N LEU K 46 6.46 -40.73 18.57
CA LEU K 46 6.42 -41.74 17.49
C LEU K 46 6.99 -43.08 17.99
N LEU K 47 6.26 -44.18 17.76
CA LEU K 47 6.68 -45.52 18.16
C LEU K 47 7.02 -46.33 16.91
N ILE K 48 5.99 -46.61 16.08
CA ILE K 48 6.07 -47.40 14.86
C ILE K 48 5.72 -46.51 13.67
N TYR K 49 6.49 -46.61 12.59
CA TYR K 49 6.26 -45.88 11.35
C TYR K 49 6.28 -46.89 10.21
N TYR K 50 5.42 -46.66 9.19
CA TYR K 50 5.29 -47.54 8.01
C TYR K 50 4.99 -48.99 8.42
N ALA K 51 3.87 -49.15 9.16
CA ALA K 51 3.24 -50.37 9.67
C ALA K 51 4.05 -51.22 10.68
N SER K 52 5.33 -51.50 10.43
CA SER K 52 6.10 -52.38 11.31
C SER K 52 7.47 -51.88 11.79
N ASN K 53 7.96 -50.76 11.25
CA ASN K 53 9.28 -50.24 11.61
C ASN K 53 9.26 -49.46 12.93
N ARG K 54 10.04 -49.94 13.92
CA ARG K 54 10.17 -49.33 15.24
C ARG K 54 11.18 -48.18 15.20
N TYR K 55 10.73 -46.95 15.58
CA TYR K 55 11.54 -45.72 15.62
C TYR K 55 12.68 -45.83 16.63
N THR K 56 13.82 -45.15 16.34
CA THR K 56 15.03 -45.15 17.17
C THR K 56 14.73 -44.74 18.60
N GLY K 57 15.16 -45.58 19.54
CA GLY K 57 14.97 -45.34 20.96
C GLY K 57 13.79 -46.05 21.59
N VAL K 58 12.81 -46.45 20.77
CA VAL K 58 11.61 -47.14 21.25
C VAL K 58 12.00 -48.56 21.72
N PRO K 59 11.66 -48.94 22.99
CA PRO K 59 12.01 -50.28 23.47
C PRO K 59 11.43 -51.43 22.62
N SER K 60 12.18 -52.54 22.57
CA SER K 60 11.87 -53.77 21.82
C SER K 60 10.45 -54.33 22.02
N ARG K 61 9.86 -54.10 23.21
CA ARG K 61 8.52 -54.61 23.55
C ARG K 61 7.40 -54.09 22.64
N PHE K 62 7.59 -52.89 22.04
CA PHE K 62 6.63 -52.29 21.13
C PHE K 62 6.81 -52.89 19.75
N SER K 63 5.72 -53.37 19.16
CA SER K 63 5.71 -54.01 17.86
C SER K 63 4.49 -53.59 17.05
N GLY K 64 4.67 -53.47 15.74
CA GLY K 64 3.62 -53.09 14.79
C GLY K 64 3.47 -54.15 13.71
N SER K 65 2.22 -54.40 13.30
CA SER K 65 1.91 -55.44 12.31
C SER K 65 0.71 -55.05 11.45
N GLY K 66 0.55 -55.71 10.31
CA GLY K 66 -0.57 -55.49 9.40
C GLY K 66 -0.25 -54.90 8.05
N TYR K 67 -1.17 -55.09 7.11
CA TYR K 67 -1.10 -54.58 5.74
C TYR K 67 -2.52 -54.51 5.19
N GLY K 68 -2.84 -53.38 4.58
CA GLY K 68 -4.15 -53.16 3.99
C GLY K 68 -5.09 -52.33 4.84
N THR K 69 -5.90 -53.00 5.67
CA THR K 69 -6.90 -52.35 6.51
C THR K 69 -6.78 -52.64 8.02
N ASP K 70 -6.43 -53.88 8.39
CA ASP K 70 -6.32 -54.30 9.80
C ASP K 70 -4.87 -54.28 10.31
N PHE K 71 -4.58 -53.33 11.22
CA PHE K 71 -3.26 -53.11 11.82
C PHE K 71 -3.28 -53.32 13.33
N THR K 72 -2.14 -53.77 13.89
CA THR K 72 -2.02 -54.07 15.32
C THR K 72 -0.75 -53.49 15.96
N LEU K 73 -0.90 -52.91 17.16
CA LEU K 73 0.20 -52.44 18.00
C LEU K 73 0.22 -53.38 19.19
N THR K 74 1.39 -53.97 19.45
CA THR K 74 1.58 -54.95 20.51
C THR K 74 2.67 -54.52 21.47
N ILE K 75 2.40 -54.66 22.78
CA ILE K 75 3.36 -54.45 23.86
C ILE K 75 3.49 -55.83 24.49
N SER K 76 4.66 -56.48 24.28
CA SER K 76 4.93 -57.83 24.76
C SER K 76 4.78 -57.97 26.28
N SER K 77 5.42 -57.08 27.04
CA SER K 77 5.34 -57.05 28.49
C SER K 77 5.10 -55.61 28.94
N LEU K 78 3.87 -55.32 29.45
CA LEU K 78 3.45 -54.01 29.95
C LEU K 78 4.34 -53.51 31.08
N GLN K 79 4.63 -52.22 31.08
CA GLN K 79 5.46 -51.59 32.11
C GLN K 79 4.67 -50.41 32.74
N PRO K 80 4.98 -49.94 33.98
CA PRO K 80 4.22 -48.80 34.53
C PRO K 80 4.20 -47.56 33.62
N GLU K 81 5.36 -47.27 32.97
CA GLU K 81 5.57 -46.14 32.08
C GLU K 81 4.86 -46.27 30.74
N ASP K 82 4.15 -47.37 30.53
CA ASP K 82 3.42 -47.61 29.30
C ASP K 82 1.99 -47.11 29.39
N PHE K 83 1.63 -46.48 30.53
CA PHE K 83 0.33 -45.84 30.74
C PHE K 83 0.35 -44.62 29.84
N ALA K 84 -0.64 -44.52 28.94
CA ALA K 84 -0.79 -43.43 27.99
C ALA K 84 -1.99 -43.71 27.09
N THR K 85 -2.14 -42.89 26.05
CA THR K 85 -3.13 -43.02 25.00
C THR K 85 -2.36 -43.27 23.70
N TYR K 86 -2.78 -44.29 22.96
CA TYR K 86 -2.12 -44.69 21.73
C TYR K 86 -2.97 -44.35 20.51
N TYR K 87 -2.33 -43.76 19.49
CA TYR K 87 -3.01 -43.33 18.27
C TYR K 87 -2.37 -43.90 17.03
N CYS K 88 -3.18 -44.33 16.06
CA CYS K 88 -2.70 -44.81 14.75
C CYS K 88 -2.93 -43.64 13.80
N GLN K 89 -2.19 -43.57 12.68
CA GLN K 89 -2.31 -42.47 11.75
C GLN K 89 -2.11 -42.91 10.30
N ARG K 90 -2.94 -42.39 9.40
CA ARG K 90 -2.88 -42.65 7.96
C ARG K 90 -1.69 -41.88 7.36
N LEU K 91 -0.84 -42.58 6.59
CA LEU K 91 0.33 -41.96 5.96
C LEU K 91 0.18 -41.80 4.45
N TYR K 92 1.18 -41.20 3.79
CA TYR K 92 1.35 -41.02 2.34
C TYR K 92 0.38 -40.04 1.67
N ASN K 93 -0.95 -40.23 1.88
CA ASN K 93 -2.01 -39.43 1.27
C ASN K 93 -2.79 -38.57 2.25
N SER K 94 -3.14 -37.35 1.81
CA SER K 94 -3.94 -36.39 2.58
C SER K 94 -5.43 -36.83 2.52
N PRO K 95 -6.21 -36.77 3.64
CA PRO K 95 -5.84 -36.31 4.99
C PRO K 95 -5.10 -37.38 5.80
N PHE K 96 -4.18 -36.95 6.65
CA PHE K 96 -3.38 -37.82 7.48
C PHE K 96 -4.09 -38.09 8.79
N THR K 97 -5.30 -38.68 8.65
CA THR K 97 -6.26 -39.03 9.69
C THR K 97 -5.65 -39.85 10.80
N PHE K 98 -5.91 -39.42 12.04
CA PHE K 98 -5.51 -40.10 13.26
C PHE K 98 -6.70 -40.95 13.72
N GLY K 99 -6.42 -41.98 14.49
CA GLY K 99 -7.44 -42.85 15.07
C GLY K 99 -8.10 -42.19 16.25
N GLY K 100 -9.12 -42.85 16.79
CA GLY K 100 -9.90 -42.38 17.93
C GLY K 100 -9.11 -42.26 19.23
N GLY K 101 -8.16 -43.18 19.42
CA GLY K 101 -7.31 -43.24 20.59
C GLY K 101 -7.64 -44.44 21.47
N THR K 102 -6.60 -45.01 22.11
CA THR K 102 -6.74 -46.16 22.99
C THR K 102 -6.01 -45.93 24.29
N LYS K 103 -6.77 -45.71 25.37
CA LYS K 103 -6.23 -45.49 26.69
C LYS K 103 -5.75 -46.82 27.24
N VAL K 104 -4.55 -46.81 27.85
CA VAL K 104 -3.98 -47.99 28.50
C VAL K 104 -3.75 -47.65 29.97
N GLU K 105 -4.44 -48.37 30.88
CA GLU K 105 -4.37 -48.22 32.34
C GLU K 105 -3.67 -49.42 32.98
N ILE K 106 -3.00 -49.20 34.11
CA ILE K 106 -2.25 -50.27 34.78
C ILE K 106 -2.96 -50.82 36.03
N LYS K 107 -3.05 -52.17 36.12
CA LYS K 107 -3.59 -52.92 37.25
C LYS K 107 -2.42 -53.14 38.21
N ARG K 108 -2.54 -52.59 39.41
CA ARG K 108 -1.52 -52.53 40.44
C ARG K 108 -2.03 -53.15 41.75
N THR K 109 -1.10 -53.44 42.70
CA THR K 109 -1.46 -53.93 44.03
C THR K 109 -2.09 -52.75 44.82
N VAL K 110 -2.90 -53.08 45.82
CA VAL K 110 -3.58 -52.07 46.64
C VAL K 110 -2.56 -51.27 47.47
N ALA K 111 -2.63 -49.93 47.33
CA ALA K 111 -1.76 -48.97 48.02
C ALA K 111 -2.61 -48.01 48.85
N ALA K 112 -2.27 -47.87 50.15
CA ALA K 112 -2.97 -47.00 51.09
C ALA K 112 -2.57 -45.53 50.89
N PRO K 113 -3.52 -44.57 50.97
CA PRO K 113 -3.15 -43.17 50.79
C PRO K 113 -2.49 -42.54 52.01
N SER K 114 -1.53 -41.64 51.77
CA SER K 114 -0.90 -40.85 52.82
C SER K 114 -1.72 -39.56 52.88
N VAL K 115 -2.44 -39.36 53.99
CA VAL K 115 -3.33 -38.21 54.17
C VAL K 115 -2.61 -37.03 54.84
N PHE K 116 -2.86 -35.81 54.33
CA PHE K 116 -2.30 -34.55 54.81
C PHE K 116 -3.37 -33.46 54.73
N ILE K 117 -3.46 -32.62 55.78
CA ILE K 117 -4.40 -31.48 55.84
C ILE K 117 -3.65 -30.14 55.92
N PHE K 118 -4.10 -29.15 55.14
CA PHE K 118 -3.49 -27.82 55.09
C PHE K 118 -4.46 -26.71 55.50
N PRO K 119 -4.06 -25.83 56.44
CA PRO K 119 -4.97 -24.75 56.86
C PRO K 119 -4.96 -23.57 55.88
N PRO K 120 -6.04 -22.73 55.81
CA PRO K 120 -6.00 -21.59 54.88
C PRO K 120 -4.91 -20.59 55.28
N SER K 121 -4.23 -20.02 54.30
CA SER K 121 -3.17 -19.04 54.54
C SER K 121 -3.72 -17.74 55.12
N ASP K 122 -2.94 -17.08 55.99
CA ASP K 122 -3.32 -15.82 56.61
C ASP K 122 -3.58 -14.72 55.57
N GLU K 123 -2.83 -14.73 54.45
CA GLU K 123 -2.98 -13.78 53.34
C GLU K 123 -4.32 -13.99 52.61
N GLN K 124 -4.80 -15.25 52.55
CA GLN K 124 -6.08 -15.61 51.90
C GLN K 124 -7.26 -15.12 52.69
N LEU K 125 -7.14 -15.18 54.03
CA LEU K 125 -8.19 -14.75 54.96
C LEU K 125 -8.52 -13.26 54.76
N LYS K 126 -7.50 -12.45 54.42
CA LYS K 126 -7.62 -11.02 54.14
C LYS K 126 -8.54 -10.76 52.95
N SER K 127 -8.53 -11.67 51.95
CA SER K 127 -9.35 -11.60 50.74
C SER K 127 -10.85 -11.84 51.02
N GLY K 128 -11.16 -12.50 52.14
CA GLY K 128 -12.53 -12.80 52.56
C GLY K 128 -12.89 -14.27 52.53
N THR K 129 -12.20 -15.07 51.68
CA THR K 129 -12.45 -16.50 51.54
C THR K 129 -11.42 -17.35 52.27
N ALA K 130 -11.83 -18.57 52.67
CA ALA K 130 -10.98 -19.53 53.37
C ALA K 130 -11.06 -20.93 52.74
N SER K 131 -9.93 -21.40 52.16
CA SER K 131 -9.82 -22.71 51.51
C SER K 131 -8.99 -23.68 52.33
N VAL K 132 -9.61 -24.79 52.75
CA VAL K 132 -8.98 -25.86 53.51
C VAL K 132 -8.74 -27.01 52.54
N VAL K 133 -7.48 -27.44 52.40
CA VAL K 133 -7.09 -28.49 51.45
C VAL K 133 -6.69 -29.80 52.15
N CYS K 134 -7.25 -30.93 51.68
CA CYS K 134 -6.90 -32.28 52.15
C CYS K 134 -6.31 -33.04 50.97
N LEU K 135 -5.08 -33.54 51.16
CA LEU K 135 -4.32 -34.28 50.15
C LEU K 135 -4.22 -35.78 50.51
N LEU K 136 -4.45 -36.64 49.50
CA LEU K 136 -4.35 -38.10 49.54
C LEU K 136 -3.23 -38.45 48.57
N ASN K 137 -2.08 -38.90 49.10
CA ASN K 137 -0.90 -39.16 48.26
C ASN K 137 -0.62 -40.64 47.96
N ASN K 138 -0.27 -40.92 46.69
CA ASN K 138 0.12 -42.21 46.09
C ASN K 138 -0.68 -43.43 46.60
N PHE K 139 -1.86 -43.65 46.01
CA PHE K 139 -2.76 -44.75 46.37
C PHE K 139 -3.33 -45.51 45.16
N TYR K 140 -3.86 -46.72 45.41
CA TYR K 140 -4.47 -47.57 44.40
C TYR K 140 -5.51 -48.49 45.07
N PRO K 141 -6.75 -48.66 44.55
CA PRO K 141 -7.33 -48.07 43.32
C PRO K 141 -7.73 -46.59 43.44
N ARG K 142 -8.27 -46.01 42.35
CA ARG K 142 -8.72 -44.62 42.25
C ARG K 142 -9.85 -44.28 43.22
N GLU K 143 -10.79 -45.23 43.41
CA GLU K 143 -11.96 -45.11 44.27
C GLU K 143 -11.61 -44.85 45.74
N ALA K 144 -11.94 -43.64 46.21
CA ALA K 144 -11.71 -43.19 47.59
C ALA K 144 -12.80 -42.21 48.01
N LYS K 145 -13.19 -42.25 49.30
CA LYS K 145 -14.20 -41.35 49.87
C LYS K 145 -13.54 -40.31 50.78
N VAL K 146 -13.88 -39.03 50.58
CA VAL K 146 -13.35 -37.91 51.36
C VAL K 146 -14.51 -37.17 52.05
N GLN K 147 -14.47 -37.13 53.38
CA GLN K 147 -15.49 -36.48 54.20
C GLN K 147 -14.89 -35.32 54.98
N TRP K 148 -15.53 -34.15 54.88
CA TRP K 148 -15.10 -32.95 55.57
C TRP K 148 -15.90 -32.77 56.84
N LYS K 149 -15.22 -32.40 57.93
CA LYS K 149 -15.83 -32.19 59.24
C LYS K 149 -15.39 -30.87 59.82
N VAL K 150 -16.33 -29.92 59.96
CA VAL K 150 -16.10 -28.62 60.58
C VAL K 150 -16.78 -28.73 61.94
N ASP K 151 -15.95 -28.88 63.00
CA ASP K 151 -16.38 -29.10 64.39
C ASP K 151 -17.32 -30.32 64.50
N ASN K 152 -16.83 -31.47 63.97
CA ASN K 152 -17.47 -32.79 63.92
C ASN K 152 -18.79 -32.85 63.08
N ALA K 153 -19.24 -31.71 62.52
CA ALA K 153 -20.42 -31.66 61.66
C ALA K 153 -19.99 -31.95 60.22
N LEU K 154 -20.59 -32.99 59.61
CA LEU K 154 -20.29 -33.44 58.24
C LEU K 154 -20.75 -32.44 57.16
N GLN K 155 -19.79 -31.95 56.39
CA GLN K 155 -20.02 -31.00 55.29
C GLN K 155 -20.57 -31.70 54.06
N SER K 156 -21.14 -30.90 53.14
CA SER K 156 -21.70 -31.34 51.84
C SER K 156 -22.03 -30.13 50.96
N GLY K 157 -21.60 -30.19 49.70
CA GLY K 157 -21.85 -29.17 48.69
C GLY K 157 -20.91 -27.99 48.67
N ASN K 158 -19.85 -28.01 49.51
CA ASN K 158 -18.86 -26.93 49.61
C ASN K 158 -17.42 -27.42 49.38
N SER K 159 -17.27 -28.56 48.69
CA SER K 159 -15.97 -29.16 48.38
C SER K 159 -15.85 -29.62 46.92
N GLN K 160 -14.64 -29.52 46.36
CA GLN K 160 -14.31 -29.93 44.98
C GLN K 160 -13.09 -30.87 44.99
N GLU K 161 -13.18 -31.97 44.24
CA GLU K 161 -12.11 -32.97 44.16
C GLU K 161 -11.30 -32.88 42.88
N SER K 162 -10.05 -33.32 42.93
CA SER K 162 -9.14 -33.35 41.78
C SER K 162 -8.19 -34.54 41.91
N VAL K 163 -8.14 -35.37 40.85
CA VAL K 163 -7.32 -36.58 40.78
C VAL K 163 -6.26 -36.45 39.71
N THR K 164 -5.04 -36.93 39.99
CA THR K 164 -3.94 -36.95 39.03
C THR K 164 -4.06 -38.20 38.16
N GLU K 165 -3.42 -38.20 36.98
CA GLU K 165 -3.38 -39.39 36.13
C GLU K 165 -2.41 -40.38 36.80
N GLN K 166 -2.67 -41.70 36.69
CA GLN K 166 -1.81 -42.67 37.35
C GLN K 166 -0.33 -42.49 36.94
N ASP K 167 0.57 -42.59 37.96
CA ASP K 167 2.00 -42.34 37.90
C ASP K 167 2.76 -43.20 36.91
N SER K 168 3.75 -42.60 36.24
CA SER K 168 4.60 -43.24 35.24
C SER K 168 5.57 -44.28 35.84
N LYS K 169 5.82 -44.22 37.17
CA LYS K 169 6.78 -45.11 37.87
C LYS K 169 6.17 -46.17 38.80
N ASP K 170 5.10 -45.83 39.57
CA ASP K 170 4.45 -46.74 40.51
C ASP K 170 2.95 -47.00 40.22
N SER K 171 2.39 -46.41 39.14
CA SER K 171 0.99 -46.55 38.70
C SER K 171 -0.08 -46.15 39.75
N THR K 172 0.26 -45.23 40.68
CA THR K 172 -0.67 -44.80 41.72
C THR K 172 -1.40 -43.51 41.36
N TYR K 173 -2.48 -43.22 42.11
CA TYR K 173 -3.31 -42.03 41.99
C TYR K 173 -3.08 -41.11 43.18
N SER K 174 -3.38 -39.82 43.02
CA SER K 174 -3.28 -38.80 44.08
C SER K 174 -4.50 -37.91 44.02
N LEU K 175 -5.12 -37.62 45.17
CA LEU K 175 -6.34 -36.84 45.27
C LEU K 175 -6.16 -35.57 46.09
N SER K 176 -6.86 -34.49 45.71
CA SER K 176 -6.87 -33.19 46.38
C SER K 176 -8.33 -32.75 46.56
N SER K 177 -8.75 -32.51 47.81
CA SER K 177 -10.11 -32.05 48.16
C SER K 177 -10.03 -30.65 48.79
N THR K 178 -10.73 -29.68 48.19
CA THR K 178 -10.71 -28.31 48.67
C THR K 178 -12.09 -27.85 49.18
N LEU K 179 -12.16 -27.62 50.51
CA LEU K 179 -13.35 -27.13 51.22
C LEU K 179 -13.31 -25.61 51.18
N THR K 180 -14.33 -24.98 50.57
CA THR K 180 -14.38 -23.52 50.45
C THR K 180 -15.40 -22.94 51.43
N LEU K 181 -14.94 -21.98 52.25
CA LEU K 181 -15.71 -21.27 53.27
C LEU K 181 -15.45 -19.76 53.19
N SER K 182 -16.15 -18.98 54.04
CA SER K 182 -16.00 -17.53 54.17
C SER K 182 -15.22 -17.24 55.47
N LYS K 183 -14.59 -16.06 55.56
CA LYS K 183 -13.82 -15.63 56.75
C LYS K 183 -14.68 -15.67 58.02
N ALA K 184 -15.98 -15.33 57.87
CA ALA K 184 -16.96 -15.34 58.97
C ALA K 184 -17.19 -16.78 59.45
N ASP K 185 -17.62 -17.68 58.54
CA ASP K 185 -17.90 -19.09 58.83
C ASP K 185 -16.67 -19.87 59.32
N TYR K 186 -15.48 -19.54 58.80
CA TYR K 186 -14.23 -20.18 59.19
C TYR K 186 -13.84 -19.83 60.63
N GLU K 187 -13.84 -18.53 60.97
CA GLU K 187 -13.48 -18.07 62.32
C GLU K 187 -14.55 -18.39 63.38
N LYS K 188 -15.71 -18.90 62.92
CA LYS K 188 -16.82 -19.31 63.77
C LYS K 188 -16.59 -20.71 64.39
N HIS K 189 -15.63 -21.49 63.84
CA HIS K 189 -15.34 -22.86 64.29
C HIS K 189 -13.85 -23.15 64.51
N LYS K 190 -13.52 -24.17 65.36
CA LYS K 190 -12.14 -24.51 65.75
C LYS K 190 -11.53 -25.73 65.05
N VAL K 191 -12.17 -26.92 65.19
CA VAL K 191 -11.67 -28.19 64.64
C VAL K 191 -12.06 -28.39 63.18
N TYR K 192 -11.06 -28.69 62.34
CA TYR K 192 -11.19 -28.96 60.91
C TYR K 192 -10.54 -30.29 60.62
N ALA K 193 -11.34 -31.25 60.11
CA ALA K 193 -10.89 -32.61 59.84
C ALA K 193 -11.34 -33.16 58.49
N CYS K 194 -10.50 -34.03 57.90
CA CYS K 194 -10.81 -34.70 56.64
C CYS K 194 -10.66 -36.22 56.82
N GLU K 195 -11.81 -36.93 56.83
CA GLU K 195 -11.93 -38.37 57.03
C GLU K 195 -11.82 -39.06 55.67
N VAL K 196 -10.82 -39.94 55.52
CA VAL K 196 -10.55 -40.64 54.26
C VAL K 196 -10.87 -42.14 54.35
N THR K 197 -11.73 -42.62 53.42
CA THR K 197 -12.13 -44.03 53.31
C THR K 197 -11.55 -44.61 52.02
N HIS K 198 -10.73 -45.66 52.15
CA HIS K 198 -10.07 -46.34 51.03
C HIS K 198 -9.87 -47.83 51.33
N GLN K 199 -9.84 -48.66 50.26
CA GLN K 199 -9.66 -50.12 50.31
C GLN K 199 -8.37 -50.56 51.02
N GLY K 200 -7.31 -49.75 50.90
CA GLY K 200 -6.02 -49.99 51.51
C GLY K 200 -5.91 -49.62 52.98
N LEU K 201 -7.02 -49.13 53.56
CA LEU K 201 -7.08 -48.73 54.97
C LEU K 201 -8.07 -49.63 55.71
N SER K 202 -7.65 -50.18 56.87
CA SER K 202 -8.46 -51.06 57.72
C SER K 202 -9.63 -50.31 58.32
N SER K 203 -9.38 -49.07 58.80
CA SER K 203 -10.35 -48.14 59.38
C SER K 203 -10.07 -46.71 58.86
N PRO K 204 -11.11 -45.88 58.62
CA PRO K 204 -10.88 -44.53 58.05
C PRO K 204 -9.88 -43.64 58.79
N VAL K 205 -8.92 -43.08 58.03
CA VAL K 205 -7.87 -42.19 58.54
C VAL K 205 -8.37 -40.75 58.54
N THR K 206 -8.21 -40.06 59.68
CA THR K 206 -8.63 -38.68 59.86
C THR K 206 -7.45 -37.79 60.23
N LYS K 207 -7.22 -36.73 59.42
CA LYS K 207 -6.17 -35.74 59.66
C LYS K 207 -6.84 -34.43 60.00
N SER K 208 -6.54 -33.88 61.19
CA SER K 208 -7.17 -32.68 61.70
C SER K 208 -6.20 -31.60 62.17
N PHE K 209 -6.71 -30.37 62.30
CA PHE K 209 -6.01 -29.20 62.83
C PHE K 209 -7.00 -28.32 63.60
N ASN K 210 -6.48 -27.49 64.52
CA ASN K 210 -7.28 -26.55 65.31
C ASN K 210 -6.91 -25.11 64.91
N ARG K 211 -7.94 -24.33 64.47
CA ARG K 211 -7.81 -22.94 64.01
C ARG K 211 -6.98 -22.09 64.95
N GLY K 212 -5.99 -21.39 64.40
CA GLY K 212 -5.07 -20.54 65.14
C GLY K 212 -3.79 -21.27 65.51
N GLU K 213 -3.94 -22.42 66.21
CA GLU K 213 -2.86 -23.30 66.69
C GLU K 213 -2.02 -23.85 65.54
N CYS L 47 -3.22 -34.60 -18.78
CA CYS L 47 -3.45 -34.07 -17.44
C CYS L 47 -4.54 -32.98 -17.47
N PRO L 48 -5.84 -33.36 -17.32
CA PRO L 48 -6.92 -32.34 -17.39
C PRO L 48 -6.98 -31.36 -16.22
N ARG L 49 -6.58 -31.79 -15.00
CA ARG L 49 -6.60 -30.93 -13.82
C ARG L 49 -5.53 -29.84 -13.87
N ALA L 50 -5.91 -28.60 -13.55
CA ALA L 50 -5.02 -27.44 -13.54
C ALA L 50 -4.27 -27.32 -12.23
N ALA L 51 -4.91 -27.73 -11.12
CA ALA L 51 -4.35 -27.71 -9.76
C ALA L 51 -3.16 -28.66 -9.63
N CYS L 52 -3.18 -29.78 -10.40
CA CYS L 52 -2.13 -30.80 -10.42
C CYS L 52 -0.78 -30.26 -10.87
N GLN L 53 -0.77 -29.23 -11.75
CA GLN L 53 0.44 -28.60 -12.28
C GLN L 53 1.35 -28.06 -11.16
N ALA L 54 0.74 -27.41 -10.15
CA ALA L 54 1.47 -26.89 -9.00
C ALA L 54 1.86 -28.02 -8.04
N LYS L 55 1.02 -29.09 -7.98
CA LYS L 55 1.20 -30.27 -7.14
C LYS L 55 2.23 -31.26 -7.69
N ARG L 56 2.67 -31.06 -8.94
CA ARG L 56 3.65 -31.91 -9.61
C ARG L 56 5.04 -31.77 -8.97
N GLY L 57 5.59 -32.89 -8.51
CA GLY L 57 6.91 -32.95 -7.90
C GLY L 57 7.05 -32.25 -6.56
N ASP L 58 5.92 -32.02 -5.84
CA ASP L 58 5.93 -31.37 -4.53
C ASP L 58 6.30 -32.36 -3.38
N GLN L 59 6.81 -33.55 -3.73
CA GLN L 59 7.26 -34.64 -2.84
C GLN L 59 6.14 -35.18 -1.93
N ARG L 60 4.87 -34.95 -2.35
CA ARG L 60 3.65 -35.38 -1.69
C ARG L 60 2.76 -36.03 -2.74
N CYS L 61 2.35 -37.29 -2.49
CA CYS L 61 1.52 -38.03 -3.43
C CYS L 61 0.07 -37.58 -3.37
N ASP L 62 -0.38 -36.92 -4.45
CA ASP L 62 -1.75 -36.44 -4.62
C ASP L 62 -2.47 -37.44 -5.54
N ARG L 63 -3.41 -38.22 -4.97
CA ARG L 63 -4.20 -39.24 -5.69
C ARG L 63 -4.93 -38.67 -6.90
N GLU L 64 -5.35 -37.39 -6.80
CA GLU L 64 -6.05 -36.61 -7.84
C GLU L 64 -5.19 -36.50 -9.11
N CYS L 65 -3.86 -36.55 -8.95
CA CYS L 65 -2.84 -36.43 -10.00
C CYS L 65 -2.09 -37.74 -10.28
N ASN L 66 -2.43 -38.81 -9.56
CA ASN L 66 -1.79 -40.12 -9.74
C ASN L 66 -2.32 -40.82 -11.00
N SER L 67 -1.90 -40.31 -12.17
CA SER L 67 -2.31 -40.82 -13.48
C SER L 67 -1.13 -40.74 -14.46
N PRO L 68 -1.11 -41.54 -15.56
CA PRO L 68 0.02 -41.46 -16.51
C PRO L 68 0.15 -40.11 -17.23
N GLY L 69 -0.98 -39.45 -17.48
CA GLY L 69 -1.07 -38.15 -18.14
C GLY L 69 -0.46 -37.05 -17.30
N CYS L 70 -0.59 -37.16 -15.96
CA CYS L 70 -0.04 -36.19 -15.01
C CYS L 70 1.38 -36.55 -14.55
N GLY L 71 1.97 -37.55 -15.20
CA GLY L 71 3.32 -38.03 -14.95
C GLY L 71 3.50 -38.67 -13.58
N TRP L 72 2.42 -39.31 -13.07
CA TRP L 72 2.32 -39.97 -11.77
C TRP L 72 2.61 -38.99 -10.62
N ASP L 73 2.06 -37.77 -10.76
CA ASP L 73 2.21 -36.62 -9.87
C ASP L 73 3.69 -36.15 -9.83
N GLY L 74 4.36 -36.24 -10.97
CA GLY L 74 5.77 -35.88 -11.12
C GLY L 74 6.69 -36.86 -10.43
N GLY L 75 6.26 -38.11 -10.36
CA GLY L 75 6.99 -39.20 -9.72
C GLY L 75 6.76 -39.28 -8.22
N ASP L 76 5.94 -38.36 -7.67
CA ASP L 76 5.61 -38.29 -6.25
C ASP L 76 4.84 -39.51 -5.76
N CYS L 77 4.24 -40.24 -6.70
CA CYS L 77 3.48 -41.44 -6.41
C CYS L 77 4.18 -42.70 -6.94
N SER L 78 5.26 -42.53 -7.74
CA SER L 78 6.00 -43.65 -8.32
C SER L 78 7.50 -43.68 -7.96
N LEU L 79 7.81 -43.50 -6.66
CA LEU L 79 9.18 -43.51 -6.10
C LEU L 79 10.21 -42.73 -6.94
N SER L 80 9.80 -41.55 -7.46
CA SER L 80 10.57 -40.62 -8.29
C SER L 80 10.92 -41.16 -9.71
N VAL L 81 10.29 -42.28 -10.11
CA VAL L 81 10.45 -42.84 -11.46
C VAL L 81 9.46 -42.06 -12.33
N GLY L 82 10.00 -41.26 -13.25
CA GLY L 82 9.22 -40.43 -14.17
C GLY L 82 8.19 -41.23 -14.94
N ASP L 83 8.65 -42.25 -15.69
CA ASP L 83 7.79 -43.15 -16.44
C ASP L 83 8.29 -44.60 -16.33
N PRO L 84 7.62 -45.47 -15.51
CA PRO L 84 8.04 -46.87 -15.41
C PRO L 84 7.86 -47.63 -16.73
N TRP L 85 6.84 -47.24 -17.53
CA TRP L 85 6.54 -47.82 -18.84
C TRP L 85 7.18 -46.97 -19.97
N ARG L 86 8.46 -46.56 -19.80
CA ARG L 86 9.23 -45.74 -20.75
C ARG L 86 9.40 -46.36 -22.14
N GLN L 87 9.47 -47.71 -22.24
CA GLN L 87 9.66 -48.44 -23.49
C GLN L 87 8.55 -49.50 -23.65
N CYS L 88 7.42 -49.15 -24.26
CA CYS L 88 6.30 -50.12 -24.36
C CYS L 88 5.42 -50.03 -25.60
N GLU L 89 4.49 -51.03 -25.69
CA GLU L 89 3.48 -51.18 -26.72
C GLU L 89 2.27 -50.28 -26.37
N ALA L 90 1.02 -50.79 -26.53
CA ALA L 90 -0.23 -50.07 -26.31
C ALA L 90 -0.28 -49.30 -25.01
N LEU L 91 -0.92 -48.09 -25.01
CA LEU L 91 -1.08 -47.25 -23.82
C LEU L 91 -1.68 -48.10 -22.70
N GLN L 92 -2.43 -49.14 -23.11
CA GLN L 92 -3.06 -50.12 -22.25
C GLN L 92 -2.11 -50.73 -21.23
N CYS L 93 -0.79 -50.85 -21.55
CA CYS L 93 0.24 -51.47 -20.67
C CYS L 93 0.09 -51.11 -19.17
N TRP L 94 0.00 -49.81 -18.83
CA TRP L 94 -0.17 -49.35 -17.44
C TRP L 94 -1.52 -49.77 -16.83
N ARG L 95 -2.60 -49.84 -17.65
CA ARG L 95 -3.95 -50.27 -17.21
C ARG L 95 -3.93 -51.78 -17.00
N LEU L 96 -3.30 -52.50 -17.95
CA LEU L 96 -3.15 -53.96 -17.97
C LEU L 96 -2.28 -54.45 -16.81
N PHE L 97 -1.34 -53.62 -16.35
CA PHE L 97 -0.54 -53.88 -15.15
C PHE L 97 -1.56 -53.62 -14.03
N ASN L 98 -1.70 -54.56 -13.08
CA ASN L 98 -2.62 -54.49 -11.94
C ASN L 98 -4.01 -55.16 -12.15
N ASN L 99 -4.40 -55.50 -13.40
CA ASN L 99 -5.69 -56.14 -13.66
C ASN L 99 -5.77 -57.61 -13.19
N SER L 100 -4.64 -58.17 -12.69
CA SER L 100 -4.51 -59.55 -12.20
C SER L 100 -4.93 -60.60 -13.25
N ARG L 101 -4.63 -60.33 -14.54
CA ARG L 101 -4.91 -61.21 -15.67
C ARG L 101 -3.76 -61.16 -16.68
N CYS L 102 -3.44 -62.29 -17.32
CA CYS L 102 -2.34 -62.36 -18.29
C CYS L 102 -2.66 -61.63 -19.58
N ASP L 103 -1.91 -60.54 -19.83
CA ASP L 103 -2.02 -59.73 -21.04
C ASP L 103 -0.73 -59.96 -21.82
N PRO L 104 -0.73 -60.93 -22.77
CA PRO L 104 0.50 -61.26 -23.51
C PRO L 104 1.18 -60.11 -24.26
N ALA L 105 0.41 -59.09 -24.68
CA ALA L 105 0.92 -57.90 -25.38
C ALA L 105 1.91 -57.08 -24.53
N CYS L 106 1.77 -57.12 -23.19
CA CYS L 106 2.61 -56.37 -22.26
C CYS L 106 3.52 -57.27 -21.39
N SER L 107 3.80 -58.51 -21.85
CA SER L 107 4.60 -59.50 -21.13
C SER L 107 6.11 -59.30 -21.25
N SER L 108 6.58 -58.35 -22.08
CA SER L 108 8.00 -58.05 -22.28
C SER L 108 8.68 -57.50 -21.00
N PRO L 109 10.03 -57.65 -20.81
CA PRO L 109 10.67 -57.08 -19.61
C PRO L 109 10.54 -55.55 -19.53
N ALA L 110 10.52 -54.89 -20.72
CA ALA L 110 10.38 -53.45 -20.90
C ALA L 110 8.96 -53.01 -20.52
N CYS L 111 8.01 -53.97 -20.56
CA CYS L 111 6.62 -53.73 -20.18
C CYS L 111 6.30 -54.36 -18.84
N LEU L 112 7.36 -54.49 -18.03
CA LEU L 112 7.41 -54.93 -16.64
C LEU L 112 6.68 -56.25 -16.37
N TYR L 113 6.79 -57.21 -17.33
CA TYR L 113 6.21 -58.56 -17.32
C TYR L 113 4.69 -58.58 -17.04
N ASP L 114 4.01 -57.45 -17.28
CA ASP L 114 2.59 -57.25 -16.97
C ASP L 114 2.35 -57.57 -15.48
N ASN L 115 3.30 -57.15 -14.60
CA ASN L 115 3.25 -57.39 -13.16
C ASN L 115 3.23 -58.91 -12.82
N PHE L 116 3.96 -59.70 -13.64
CA PHE L 116 4.11 -61.16 -13.52
C PHE L 116 2.76 -61.93 -13.59
N ASP L 117 1.76 -61.34 -14.27
CA ASP L 117 0.43 -61.95 -14.46
C ASP L 117 0.46 -63.20 -15.36
N CYS L 118 1.48 -63.33 -16.22
CA CYS L 118 1.62 -64.45 -17.16
C CYS L 118 2.53 -65.60 -16.61
N HIS L 119 3.41 -65.31 -15.65
CA HIS L 119 4.33 -66.25 -15.01
C HIS L 119 3.69 -67.01 -13.80
N ALA L 120 4.06 -68.31 -13.62
CA ALA L 120 3.64 -69.23 -12.55
C ALA L 120 2.14 -69.47 -12.51
N GLY L 121 1.53 -69.54 -13.68
CA GLY L 121 0.09 -69.69 -13.83
C GLY L 121 -0.69 -68.55 -13.21
N GLY L 122 -0.06 -67.39 -12.99
CA GLY L 122 -0.66 -66.20 -12.42
C GLY L 122 -1.05 -66.39 -10.97
N ARG L 123 -0.14 -66.92 -10.12
CA ARG L 123 -0.42 -67.18 -8.72
C ARG L 123 0.66 -66.60 -7.83
N GLU L 124 0.32 -65.52 -7.10
CA GLU L 124 1.23 -64.86 -6.18
C GLU L 124 1.19 -65.53 -4.80
N ARG L 125 2.03 -66.57 -4.63
CA ARG L 125 2.16 -67.27 -3.34
C ARG L 125 3.34 -66.71 -2.55
N THR L 126 3.10 -66.39 -1.28
CA THR L 126 4.09 -65.80 -0.38
C THR L 126 4.84 -66.88 0.38
N CYS L 127 5.99 -66.50 0.97
CA CYS L 127 6.78 -67.36 1.85
C CYS L 127 5.92 -67.55 3.08
N ASN L 128 5.74 -68.81 3.52
CA ASN L 128 4.90 -69.17 4.67
C ASN L 128 5.25 -68.31 5.90
N PRO L 129 4.28 -67.52 6.44
CA PRO L 129 4.59 -66.64 7.59
C PRO L 129 5.16 -67.36 8.81
N VAL L 130 4.79 -68.65 8.96
CA VAL L 130 5.24 -69.52 10.04
C VAL L 130 6.76 -69.75 9.91
N TYR L 131 7.26 -69.91 8.67
CA TYR L 131 8.68 -70.17 8.37
C TYR L 131 9.50 -68.92 8.03
N GLU L 132 8.84 -67.75 7.93
CA GLU L 132 9.45 -66.45 7.58
C GLU L 132 10.68 -66.12 8.43
N LYS L 133 10.53 -66.08 9.77
CA LYS L 133 11.61 -65.77 10.72
C LYS L 133 12.82 -66.69 10.57
N TYR L 134 12.58 -68.01 10.37
CA TYR L 134 13.65 -68.99 10.17
C TYR L 134 14.39 -68.70 8.86
N CYS L 135 13.63 -68.57 7.74
CA CYS L 135 14.17 -68.32 6.42
C CYS L 135 14.98 -67.02 6.33
N ALA L 136 14.52 -65.97 7.03
CA ALA L 136 15.21 -64.68 7.11
C ALA L 136 16.53 -64.87 7.86
N ASP L 137 16.51 -65.50 9.06
CA ASP L 137 17.71 -65.74 9.87
C ASP L 137 18.74 -66.64 9.19
N HIS L 138 18.26 -67.56 8.33
CA HIS L 138 19.10 -68.52 7.60
C HIS L 138 19.33 -68.15 6.13
N PHE L 139 18.87 -66.95 5.68
CA PHE L 139 19.06 -66.46 4.31
C PHE L 139 20.53 -66.10 4.11
N ALA L 140 21.15 -66.57 3.00
CA ALA L 140 22.55 -66.36 2.62
C ALA L 140 23.54 -66.51 3.82
N ASP L 141 23.28 -67.52 4.67
CA ASP L 141 24.07 -67.79 5.87
C ASP L 141 25.18 -68.85 5.66
N GLY L 142 25.45 -69.17 4.40
CA GLY L 142 26.48 -70.13 4.01
C GLY L 142 26.00 -71.55 3.82
N ARG L 143 25.15 -72.04 4.74
CA ARG L 143 24.63 -73.41 4.70
C ARG L 143 23.26 -73.50 4.01
N CYS L 144 22.99 -74.63 3.32
CA CYS L 144 21.76 -74.87 2.54
C CYS L 144 20.53 -75.28 3.37
N ASP L 145 19.48 -74.46 3.31
CA ASP L 145 18.18 -74.69 3.96
C ASP L 145 17.14 -74.81 2.83
N GLN L 146 16.86 -76.07 2.41
CA GLN L 146 15.98 -76.44 1.30
C GLN L 146 14.54 -75.92 1.38
N GLY L 147 13.99 -75.83 2.59
CA GLY L 147 12.63 -75.35 2.81
C GLY L 147 12.43 -73.88 2.50
N CYS L 148 13.56 -73.14 2.42
CA CYS L 148 13.64 -71.72 2.09
C CYS L 148 14.13 -71.50 0.66
N ASN L 149 14.47 -72.59 -0.05
CA ASN L 149 14.98 -72.56 -1.43
C ASN L 149 13.83 -72.51 -2.46
N THR L 150 13.06 -71.41 -2.40
CA THR L 150 11.91 -71.12 -3.28
C THR L 150 11.98 -69.67 -3.74
N GLU L 151 11.27 -69.32 -4.83
CA GLU L 151 11.18 -67.95 -5.37
C GLU L 151 10.59 -66.96 -4.35
N GLU L 152 9.60 -67.40 -3.57
CA GLU L 152 8.88 -66.62 -2.55
C GLU L 152 9.73 -66.35 -1.30
N CYS L 153 10.72 -67.24 -1.01
CA CYS L 153 11.59 -67.09 0.15
C CYS L 153 13.00 -66.67 -0.25
N GLY L 154 13.14 -66.20 -1.49
CA GLY L 154 14.37 -65.67 -2.05
C GLY L 154 15.51 -66.63 -2.30
N TRP L 155 15.18 -67.91 -2.52
CA TRP L 155 16.11 -69.01 -2.84
C TRP L 155 17.19 -69.27 -1.78
N ASP L 156 16.90 -68.95 -0.51
CA ASP L 156 17.80 -69.13 0.65
C ASP L 156 19.17 -68.42 0.49
N GLY L 157 19.18 -67.33 -0.27
CA GLY L 157 20.39 -66.54 -0.53
C GLY L 157 21.44 -67.30 -1.31
N LEU L 158 20.96 -68.12 -2.27
CA LEU L 158 21.73 -68.98 -3.20
C LEU L 158 22.68 -69.98 -2.48
N ASP L 159 22.38 -70.29 -1.20
CA ASP L 159 23.16 -71.23 -0.39
C ASP L 159 23.11 -72.65 -0.94
N CYS L 160 21.99 -73.01 -1.59
CA CYS L 160 21.79 -74.32 -2.21
C CYS L 160 22.24 -74.34 -3.67
N ALA L 161 22.64 -73.16 -4.20
CA ALA L 161 23.10 -73.01 -5.58
C ALA L 161 24.53 -72.47 -5.65
N SER L 162 25.37 -72.86 -4.67
CA SER L 162 26.78 -72.48 -4.56
C SER L 162 27.59 -72.85 -5.81
N GLU L 163 27.36 -74.06 -6.35
CA GLU L 163 28.06 -74.58 -7.53
C GLU L 163 27.49 -74.07 -8.87
N VAL L 164 26.41 -73.26 -8.83
CA VAL L 164 25.82 -72.68 -10.03
C VAL L 164 26.55 -71.33 -10.29
N PRO L 165 27.10 -71.08 -11.50
CA PRO L 165 27.83 -69.83 -11.73
C PRO L 165 26.93 -68.60 -11.73
N ALA L 166 27.48 -67.45 -11.28
CA ALA L 166 26.78 -66.17 -11.19
C ALA L 166 26.29 -65.65 -12.53
N LEU L 167 25.10 -65.05 -12.50
CA LEU L 167 24.48 -64.43 -13.66
C LEU L 167 23.97 -63.05 -13.27
N LEU L 168 24.91 -62.12 -13.07
CA LEU L 168 24.61 -60.76 -12.68
C LEU L 168 24.00 -59.93 -13.80
N ALA L 169 22.79 -59.39 -13.54
CA ALA L 169 22.07 -58.52 -14.48
C ALA L 169 22.88 -57.22 -14.66
N ARG L 170 22.77 -56.58 -15.85
CA ARG L 170 23.56 -55.37 -16.11
C ARG L 170 23.10 -54.19 -15.25
N GLY L 171 24.06 -53.56 -14.60
CA GLY L 171 23.80 -52.40 -13.75
C GLY L 171 23.76 -52.68 -12.27
N VAL L 172 23.53 -51.59 -11.49
CA VAL L 172 23.44 -51.58 -10.03
C VAL L 172 22.09 -50.94 -9.63
N LEU L 173 21.26 -51.68 -8.87
CA LEU L 173 19.97 -51.17 -8.39
C LEU L 173 20.22 -50.31 -7.15
N VAL L 174 19.83 -49.03 -7.22
CA VAL L 174 20.04 -48.09 -6.12
C VAL L 174 18.71 -47.71 -5.45
N LEU L 175 18.60 -48.04 -4.14
CA LEU L 175 17.42 -47.76 -3.32
C LEU L 175 17.71 -46.77 -2.20
N THR L 176 16.83 -45.77 -1.99
CA THR L 176 16.94 -44.79 -0.91
C THR L 176 15.93 -45.22 0.16
N VAL L 177 16.38 -46.01 1.15
CA VAL L 177 15.49 -46.51 2.21
C VAL L 177 15.50 -45.55 3.37
N LEU L 178 14.31 -45.08 3.79
CA LEU L 178 14.11 -44.15 4.92
C LEU L 178 14.29 -44.87 6.27
N LEU L 179 15.51 -45.44 6.44
CA LEU L 179 15.97 -46.18 7.61
C LEU L 179 17.48 -45.88 7.78
N PRO L 180 17.98 -45.68 9.02
CA PRO L 180 19.43 -45.42 9.18
C PRO L 180 20.26 -46.64 8.81
N PRO L 181 21.49 -46.49 8.27
CA PRO L 181 22.29 -47.68 7.87
C PRO L 181 22.42 -48.78 8.93
N GLU L 182 22.58 -48.39 10.22
CA GLU L 182 22.70 -49.30 11.35
C GLU L 182 21.44 -50.17 11.54
N GLU L 183 20.26 -49.52 11.43
CA GLU L 183 18.95 -50.15 11.58
C GLU L 183 18.58 -51.02 10.38
N LEU L 184 19.13 -50.72 9.18
CA LEU L 184 18.92 -51.49 7.94
C LEU L 184 19.80 -52.75 7.89
N LEU L 185 21.11 -52.61 8.18
CA LEU L 185 22.07 -53.72 8.16
C LEU L 185 21.74 -54.80 9.19
N ARG L 186 21.03 -54.44 10.28
CA ARG L 186 20.57 -55.37 11.31
C ARG L 186 19.45 -56.24 10.73
N SER L 187 18.63 -55.65 9.83
CA SER L 187 17.51 -56.28 9.16
C SER L 187 17.85 -56.68 7.70
N SER L 188 19.16 -56.78 7.37
CA SER L 188 19.66 -57.11 6.02
C SER L 188 19.09 -58.42 5.49
N ALA L 189 19.02 -59.42 6.39
CA ALA L 189 18.50 -60.76 6.13
C ALA L 189 17.03 -60.71 5.75
N ASP L 190 16.21 -59.89 6.45
CA ASP L 190 14.79 -59.75 6.15
C ASP L 190 14.55 -58.89 4.91
N PHE L 191 15.36 -57.83 4.74
CA PHE L 191 15.30 -56.87 3.62
C PHE L 191 15.51 -57.58 2.28
N LEU L 192 16.68 -58.24 2.12
CA LEU L 192 17.09 -58.95 0.91
C LEU L 192 16.13 -60.04 0.50
N GLN L 193 15.68 -60.90 1.47
CA GLN L 193 14.72 -61.98 1.25
C GLN L 193 13.37 -61.47 0.65
N ARG L 194 12.83 -60.37 1.22
CA ARG L 194 11.58 -59.76 0.80
C ARG L 194 11.68 -59.01 -0.53
N LEU L 195 12.85 -58.38 -0.80
CA LEU L 195 13.10 -57.67 -2.06
C LEU L 195 13.28 -58.69 -3.18
N SER L 196 13.98 -59.80 -2.89
CA SER L 196 14.20 -60.91 -3.81
C SER L 196 12.84 -61.50 -4.19
N ALA L 197 11.94 -61.66 -3.20
CA ALA L 197 10.60 -62.20 -3.36
C ALA L 197 9.75 -61.33 -4.30
N ILE L 198 9.72 -59.99 -4.04
CA ILE L 198 8.98 -59.01 -4.83
C ILE L 198 9.50 -58.91 -6.26
N LEU L 199 10.83 -58.97 -6.44
CA LEU L 199 11.48 -58.90 -7.74
C LEU L 199 11.63 -60.29 -8.45
N ARG L 200 11.23 -61.40 -7.79
CA ARG L 200 11.25 -62.80 -8.29
C ARG L 200 12.64 -63.25 -8.79
N THR L 201 13.72 -62.74 -8.16
CA THR L 201 15.12 -63.03 -8.51
C THR L 201 16.01 -62.82 -7.30
N SER L 202 17.23 -63.37 -7.29
CA SER L 202 18.14 -63.20 -6.16
C SER L 202 18.78 -61.81 -6.09
N LEU L 203 18.75 -61.21 -4.89
CA LEU L 203 19.28 -59.87 -4.64
C LEU L 203 20.23 -59.81 -3.44
N ARG L 204 21.40 -59.18 -3.65
CA ARG L 204 22.45 -59.03 -2.66
C ARG L 204 23.08 -57.64 -2.77
N PHE L 205 23.66 -57.14 -1.66
CA PHE L 205 24.32 -55.83 -1.67
C PHE L 205 25.62 -55.90 -2.47
N ARG L 206 25.93 -54.81 -3.20
CA ARG L 206 27.18 -54.68 -3.95
C ARG L 206 28.27 -54.49 -2.89
N LEU L 207 29.43 -55.12 -3.08
CA LEU L 207 30.48 -55.03 -2.07
C LEU L 207 31.63 -54.12 -2.50
N ASP L 208 32.22 -53.40 -1.53
CA ASP L 208 33.34 -52.50 -1.79
C ASP L 208 34.70 -53.24 -1.76
N ALA L 209 35.81 -52.49 -1.96
CA ALA L 209 37.20 -52.95 -1.99
C ALA L 209 37.56 -53.75 -0.72
N HIS L 210 36.98 -53.37 0.43
CA HIS L 210 37.17 -54.02 1.73
C HIS L 210 36.12 -55.13 1.99
N GLY L 211 35.44 -55.56 0.93
CA GLY L 211 34.42 -56.60 0.96
C GLY L 211 33.20 -56.33 1.82
N GLN L 212 32.92 -55.04 2.09
CA GLN L 212 31.78 -54.62 2.90
C GLN L 212 30.62 -54.09 2.04
N ALA L 213 29.38 -54.26 2.54
CA ALA L 213 28.15 -53.85 1.88
C ALA L 213 28.08 -52.35 1.56
N MET L 214 27.66 -52.02 0.33
CA MET L 214 27.53 -50.65 -0.15
C MET L 214 26.23 -49.98 0.34
N VAL L 215 26.16 -49.75 1.66
CA VAL L 215 25.05 -49.11 2.36
C VAL L 215 25.65 -47.86 3.02
N PHE L 216 25.29 -46.67 2.51
CA PHE L 216 25.83 -45.39 3.00
C PHE L 216 24.73 -44.46 3.51
N PRO L 217 25.01 -43.53 4.47
CA PRO L 217 23.95 -42.62 4.96
C PRO L 217 23.47 -41.64 3.90
N TYR L 218 22.16 -41.33 3.92
CA TYR L 218 21.50 -40.40 3.01
C TYR L 218 21.32 -39.02 3.67
N HIS L 219 21.78 -37.94 2.98
CA HIS L 219 21.78 -36.52 3.37
C HIS L 219 23.08 -36.15 4.10
N ARG L 220 23.62 -34.94 3.80
CA ARG L 220 24.91 -34.52 4.35
C ARG L 220 24.90 -34.34 5.90
N PRO L 221 24.00 -33.58 6.59
CA PRO L 221 24.13 -33.47 8.04
C PRO L 221 23.09 -34.23 8.89
N GLU L 222 21.83 -34.30 8.43
CA GLU L 222 20.69 -34.90 9.15
C GLU L 222 20.71 -36.43 9.25
N VAL L 223 20.98 -37.14 8.12
CA VAL L 223 20.97 -38.60 7.96
C VAL L 223 19.49 -39.09 7.96
N ILE L 224 18.80 -38.75 6.86
CA ILE L 224 17.38 -39.05 6.60
C ILE L 224 17.14 -40.57 6.58
N GLY L 225 17.92 -41.26 5.75
CA GLY L 225 17.85 -42.71 5.58
C GLY L 225 19.17 -43.29 5.14
N SER L 226 19.12 -44.18 4.14
CA SER L 226 20.31 -44.86 3.62
C SER L 226 20.24 -45.20 2.13
N VAL L 227 21.39 -45.05 1.47
CA VAL L 227 21.56 -45.34 0.05
C VAL L 227 22.06 -46.80 -0.04
N VAL L 228 21.24 -47.66 -0.64
CA VAL L 228 21.49 -49.10 -0.78
C VAL L 228 21.76 -49.45 -2.25
N MET L 229 22.99 -49.89 -2.53
CA MET L 229 23.40 -50.32 -3.85
C MET L 229 23.37 -51.85 -3.87
N LEU L 230 22.54 -52.40 -4.77
CA LEU L 230 22.28 -53.84 -4.89
C LEU L 230 22.61 -54.39 -6.26
N GLU L 231 22.82 -55.70 -6.31
CA GLU L 231 23.11 -56.46 -7.51
C GLU L 231 22.06 -57.56 -7.67
N ILE L 232 21.65 -57.81 -8.92
CA ILE L 232 20.65 -58.81 -9.26
C ILE L 232 21.33 -60.07 -9.83
N ASP L 233 21.13 -61.23 -9.20
CA ASP L 233 21.69 -62.50 -9.67
C ASP L 233 20.57 -63.40 -10.21
N ASN L 234 20.64 -63.72 -11.51
CA ASN L 234 19.65 -64.52 -12.23
C ASN L 234 20.07 -65.97 -12.48
N ARG L 235 21.12 -66.47 -11.78
CA ARG L 235 21.60 -67.83 -11.98
C ARG L 235 20.53 -68.90 -11.74
N LEU L 236 19.71 -68.73 -10.69
CA LEU L 236 18.63 -69.67 -10.39
C LEU L 236 17.36 -69.27 -11.13
N CYS L 237 17.20 -67.97 -11.37
CA CYS L 237 16.06 -67.37 -12.06
C CYS L 237 15.86 -67.90 -13.49
N LEU L 238 16.96 -68.05 -14.24
CA LEU L 238 16.97 -68.50 -15.65
C LEU L 238 16.91 -70.03 -15.85
N GLN L 239 16.81 -70.80 -14.74
CA GLN L 239 16.70 -72.27 -14.74
C GLN L 239 15.23 -72.75 -14.92
N SER L 240 14.40 -71.94 -15.62
CA SER L 240 12.99 -72.24 -15.84
C SER L 240 12.49 -71.68 -17.17
N PRO L 241 11.60 -72.40 -17.89
CA PRO L 241 11.09 -71.86 -19.17
C PRO L 241 9.99 -70.80 -18.98
N ASP L 244 9.74 -65.34 -20.10
CA ASP L 244 10.70 -64.45 -19.44
C ASP L 244 10.11 -63.79 -18.18
N HIS L 245 10.87 -63.86 -17.07
CA HIS L 245 10.48 -63.35 -15.75
C HIS L 245 11.71 -62.89 -14.93
N CYS L 246 12.86 -62.77 -15.60
CA CYS L 246 14.10 -62.35 -14.97
C CYS L 246 14.59 -61.06 -15.56
N PHE L 247 14.63 -59.99 -14.72
CA PHE L 247 15.09 -58.65 -15.05
C PHE L 247 16.49 -58.68 -15.69
N PRO L 248 16.63 -58.17 -16.93
CA PRO L 248 17.95 -58.18 -17.60
C PRO L 248 18.90 -57.10 -17.10
N ASP L 249 18.33 -56.02 -16.52
CA ASP L 249 19.04 -54.86 -16.01
C ASP L 249 18.41 -54.27 -14.74
N ALA L 250 19.19 -53.46 -14.00
CA ALA L 250 18.78 -52.78 -12.76
C ALA L 250 17.71 -51.72 -12.98
N GLN L 251 17.72 -51.05 -14.15
CA GLN L 251 16.73 -50.01 -14.48
C GLN L 251 15.31 -50.60 -14.66
N SER L 252 15.19 -51.83 -15.18
CA SER L 252 13.89 -52.51 -15.35
C SER L 252 13.27 -52.82 -13.97
N ALA L 253 14.11 -53.31 -13.03
CA ALA L 253 13.71 -53.64 -11.66
C ALA L 253 13.30 -52.37 -10.92
N ALA L 254 14.02 -51.25 -11.18
CA ALA L 254 13.75 -49.92 -10.61
C ALA L 254 12.35 -49.48 -11.04
N ASP L 255 12.09 -49.53 -12.36
CA ASP L 255 10.80 -49.17 -12.95
C ASP L 255 9.66 -50.03 -12.40
N TYR L 256 9.88 -51.36 -12.18
CA TYR L 256 8.86 -52.28 -11.64
C TYR L 256 8.42 -51.86 -10.25
N LEU L 257 9.40 -51.52 -9.39
CA LEU L 257 9.13 -51.06 -8.03
C LEU L 257 8.34 -49.76 -8.05
N GLY L 258 8.71 -48.85 -8.96
CA GLY L 258 8.06 -47.57 -9.18
C GLY L 258 6.63 -47.72 -9.66
N ALA L 259 6.40 -48.70 -10.57
CA ALA L 259 5.09 -49.03 -11.13
C ALA L 259 4.14 -49.55 -10.03
N LEU L 260 4.65 -50.39 -9.09
CA LEU L 260 3.89 -50.92 -7.96
C LEU L 260 3.43 -49.79 -7.04
N SER L 261 4.32 -48.84 -6.78
CA SER L 261 4.10 -47.65 -5.97
C SER L 261 2.96 -46.79 -6.56
N ALA L 262 2.97 -46.59 -7.90
CA ALA L 262 1.98 -45.79 -8.60
C ALA L 262 0.60 -46.46 -8.65
N VAL L 263 0.58 -47.80 -8.78
CA VAL L 263 -0.66 -48.57 -8.89
C VAL L 263 -1.13 -49.14 -7.54
N GLU L 264 -0.48 -48.73 -6.43
CA GLU L 264 -0.79 -49.16 -5.05
C GLU L 264 -0.71 -50.69 -4.88
N ARG L 265 0.41 -51.29 -5.28
CA ARG L 265 0.63 -52.74 -5.19
C ARG L 265 2.01 -53.12 -4.57
N LEU L 266 2.71 -52.13 -3.99
CA LEU L 266 4.02 -52.36 -3.38
C LEU L 266 3.90 -52.87 -1.93
N ASP L 267 4.11 -54.19 -1.74
CA ASP L 267 4.03 -54.84 -0.43
C ASP L 267 5.45 -55.10 0.13
N PHE L 268 6.17 -54.02 0.39
CA PHE L 268 7.51 -54.10 0.94
C PHE L 268 7.50 -53.33 2.26
N PRO L 269 7.80 -53.99 3.41
CA PRO L 269 7.68 -53.27 4.71
C PRO L 269 8.70 -52.16 4.98
N TYR L 270 9.64 -51.90 4.06
CA TYR L 270 10.68 -50.88 4.25
C TYR L 270 10.37 -49.60 3.46
N PRO L 271 10.22 -48.44 4.15
CA PRO L 271 9.87 -47.20 3.43
C PRO L 271 10.93 -46.72 2.46
N LEU L 272 10.59 -46.66 1.17
CA LEU L 272 11.53 -46.22 0.14
C LEU L 272 11.23 -44.81 -0.31
N ARG L 273 12.28 -44.04 -0.62
CA ARG L 273 12.16 -42.67 -1.12
C ARG L 273 12.43 -42.69 -2.63
N ASP L 274 13.68 -42.98 -3.03
CA ASP L 274 14.05 -43.02 -4.45
C ASP L 274 14.52 -44.41 -4.90
N VAL L 275 14.20 -44.74 -6.16
CA VAL L 275 14.54 -46.00 -6.81
C VAL L 275 15.09 -45.66 -8.22
N ARG L 276 16.25 -46.26 -8.59
CA ARG L 276 16.92 -46.03 -9.89
C ARG L 276 17.93 -47.13 -10.25
N GLY L 277 18.07 -47.40 -11.56
CA GLY L 277 19.05 -48.32 -12.12
C GLY L 277 20.26 -47.52 -12.53
N GLU L 278 21.45 -47.91 -12.04
CA GLU L 278 22.66 -47.13 -12.27
C GLU L 278 23.87 -47.94 -12.78
N PRO L 279 24.56 -47.45 -13.85
CA PRO L 279 25.76 -48.16 -14.33
C PRO L 279 26.98 -47.89 -13.44
#